data_5MWF
#
_entry.id   5MWF
#
_cell.length_a   62.628
_cell.length_b   92.929
_cell.length_c   97.004
_cell.angle_alpha   71.68
_cell.angle_beta   83.16
_cell.angle_gamma   82.68
#
_symmetry.space_group_name_H-M   'P 1'
#
loop_
_entity.id
_entity.type
_entity.pdbx_description
1 polymer 'Protein jagged-2'
2 branched beta-D-mannopyranose-(1-4)-2-acetamido-2-deoxy-beta-D-glucopyranose-(1-4)-[alpha-L-fucopyranose-(1-6)]2-acetamido-2-deoxy-beta-D-glucopyranose
3 branched 2-acetamido-2-deoxy-beta-D-glucopyranose-(1-4)-[alpha-L-fucopyranose-(1-6)]2-acetamido-2-deoxy-beta-D-glucopyranose
4 non-polymer 'CALCIUM ION'
5 non-polymer 'CHLORIDE ION'
6 water water
#
_entity_poly.entity_id   1
_entity_poly.type   'polypeptide(L)'
_entity_poly.pdbx_seq_one_letter_code
;MGYFELQLSALRNVNGELLSGACCDGDGRTTRAGGCGHDECDTYVRVCLKEYQAKVTPTGPCSYGHGATPVLGGNSFYLP
PAGAAGDRARARARAGGDQDPGLVVIPFQFAWPRSFTLIVEAWDWDNDTTPNEELLIERVSHAGMINPEDRWKSLHFSGH
VAHLELQIRVRCDENYYSATCNKFCRPRNDFFGHYTCDQYGNKACMDGWMGKECKEAVCKQGCNLLHGGCTVPGECRCSY
GWQGRFCDECVPYPGCVHGSCVEPWQCNCETNWGGLLCDKDLNGSHHHHHHHH
;
_entity_poly.pdbx_strand_id   A,B,C,D,E,F
#
loop_
_chem_comp.id
_chem_comp.type
_chem_comp.name
_chem_comp.formula
BMA D-saccharide, beta linking beta-D-mannopyranose 'C6 H12 O6'
CA non-polymer 'CALCIUM ION' 'Ca 2'
CL non-polymer 'CHLORIDE ION' 'Cl -1'
FUC L-saccharide, alpha linking alpha-L-fucopyranose 'C6 H12 O5'
NAG D-saccharide, beta linking 2-acetamido-2-deoxy-beta-D-glucopyranose 'C8 H15 N O6'
#
# COMPACT_ATOMS: atom_id res chain seq x y z
N MET A 1 -19.46 -21.39 23.57
CA MET A 1 -19.25 -22.64 22.85
C MET A 1 -18.97 -23.80 23.80
N GLY A 2 -19.58 -24.94 23.52
CA GLY A 2 -19.40 -26.11 24.35
C GLY A 2 -19.76 -27.38 23.63
N TYR A 3 -19.92 -28.45 24.41
CA TYR A 3 -20.25 -29.78 23.89
C TYR A 3 -21.28 -30.43 24.81
N PHE A 4 -22.13 -31.26 24.20
CA PHE A 4 -23.02 -32.18 24.91
C PHE A 4 -22.53 -33.61 24.64
N GLU A 5 -22.27 -34.36 25.71
CA GLU A 5 -21.74 -35.71 25.58
C GLU A 5 -22.72 -36.71 26.18
N LEU A 6 -22.89 -37.85 25.49
CA LEU A 6 -23.74 -38.93 25.93
C LEU A 6 -22.99 -40.24 25.77
N GLN A 7 -23.01 -41.07 26.81
CA GLN A 7 -22.30 -42.36 26.83
C GLN A 7 -23.29 -43.48 27.08
N LEU A 8 -23.46 -44.38 26.11
CA LEU A 8 -24.31 -45.55 26.28
C LEU A 8 -23.49 -46.74 26.75
N SER A 9 -23.95 -47.38 27.82
CA SER A 9 -23.22 -48.50 28.41
C SER A 9 -24.03 -49.78 28.56
N ALA A 10 -25.35 -49.74 28.39
CA ALA A 10 -26.14 -50.96 28.56
C ALA A 10 -27.44 -50.86 27.77
N LEU A 11 -27.80 -51.96 27.13
CA LEU A 11 -29.08 -52.09 26.46
C LEU A 11 -29.51 -53.55 26.56
N ARG A 12 -30.76 -53.80 26.92
CA ARG A 12 -31.29 -55.14 27.11
C ARG A 12 -32.59 -55.29 26.32
N ASN A 13 -32.62 -56.27 25.42
CA ASN A 13 -33.80 -56.57 24.60
C ASN A 13 -33.90 -58.09 24.50
N VAL A 14 -34.55 -58.70 25.49
CA VAL A 14 -34.55 -60.16 25.61
C VAL A 14 -35.17 -60.81 24.39
N ASN A 15 -36.35 -60.34 23.98
CA ASN A 15 -37.07 -61.00 22.90
C ASN A 15 -36.45 -60.72 21.54
N GLY A 16 -35.74 -59.60 21.39
CA GLY A 16 -35.14 -59.27 20.12
C GLY A 16 -36.15 -58.79 19.09
N GLU A 17 -37.13 -57.99 19.51
CA GLU A 17 -38.18 -57.51 18.63
C GLU A 17 -37.93 -56.07 18.23
N LEU A 18 -38.95 -55.46 17.62
CA LEU A 18 -39.04 -54.05 17.35
C LEU A 18 -40.20 -53.50 18.14
N LEU A 19 -40.36 -52.17 18.11
CA LEU A 19 -41.47 -51.57 18.84
C LEU A 19 -42.82 -52.01 18.27
N SER A 20 -42.85 -52.37 16.98
CA SER A 20 -44.09 -52.84 16.37
C SER A 20 -44.53 -54.19 16.94
N GLY A 21 -43.58 -55.13 17.06
CA GLY A 21 -43.91 -56.43 17.60
C GLY A 21 -43.16 -57.52 16.85
N ALA A 22 -42.77 -57.22 15.62
CA ALA A 22 -42.08 -58.19 14.79
C ALA A 22 -40.64 -58.37 15.25
N CYS A 23 -40.00 -59.42 14.74
CA CYS A 23 -38.59 -59.63 14.99
C CYS A 23 -37.76 -58.71 14.12
N CYS A 24 -36.55 -58.38 14.61
CA CYS A 24 -35.71 -57.39 13.93
C CYS A 24 -35.37 -57.84 12.51
N ASP A 25 -34.80 -59.03 12.38
CA ASP A 25 -34.36 -59.56 11.09
C ASP A 25 -35.03 -60.91 10.88
N GLY A 26 -36.02 -60.94 10.01
CA GLY A 26 -36.70 -62.18 9.72
C GLY A 26 -38.21 -62.06 9.74
N ASP A 27 -38.85 -62.61 8.71
CA ASP A 27 -40.31 -62.71 8.61
C ASP A 27 -40.97 -61.35 8.55
N GLY A 28 -41.63 -60.96 9.63
CA GLY A 28 -42.42 -59.74 9.69
C GLY A 28 -43.61 -59.99 10.59
N ARG A 29 -43.46 -60.95 11.49
CA ARG A 29 -44.57 -61.52 12.23
C ARG A 29 -44.74 -60.84 13.59
N THR A 30 -45.99 -60.48 13.90
CA THR A 30 -46.32 -59.90 15.20
C THR A 30 -47.14 -60.89 16.05
N GLY A 34 -40.99 -70.51 20.55
CA GLY A 34 -39.62 -70.15 20.25
C GLY A 34 -39.36 -68.65 20.26
N GLY A 35 -38.08 -68.27 20.20
CA GLY A 35 -37.73 -66.87 20.21
C GLY A 35 -37.80 -66.25 18.83
N CYS A 36 -36.81 -65.43 18.48
CA CYS A 36 -36.77 -64.77 17.17
C CYS A 36 -35.66 -65.29 16.28
N GLY A 37 -34.85 -66.23 16.75
CA GLY A 37 -33.82 -66.84 15.93
C GLY A 37 -32.43 -66.42 16.32
N HIS A 38 -31.50 -66.61 15.37
CA HIS A 38 -30.09 -66.27 15.59
C HIS A 38 -29.66 -65.02 14.87
N ASP A 39 -30.41 -64.55 13.87
CA ASP A 39 -30.14 -63.23 13.29
C ASP A 39 -30.73 -62.20 14.25
N GLU A 40 -29.86 -61.59 15.06
CA GLU A 40 -30.26 -60.67 16.09
C GLU A 40 -30.42 -59.25 15.54
N CYS A 41 -30.91 -58.36 16.40
CA CYS A 41 -30.98 -56.95 16.06
C CYS A 41 -29.59 -56.37 15.89
N ASP A 42 -29.41 -55.56 14.85
CA ASP A 42 -28.15 -54.85 14.60
C ASP A 42 -28.33 -53.43 15.13
N THR A 43 -28.05 -53.25 16.41
CA THR A 43 -28.54 -52.10 17.17
C THR A 43 -27.57 -50.93 17.12
N TYR A 44 -28.09 -49.75 16.74
CA TYR A 44 -27.38 -48.50 16.88
C TYR A 44 -28.32 -47.46 17.49
N VAL A 45 -27.78 -46.30 17.81
CA VAL A 45 -28.48 -45.32 18.62
C VAL A 45 -28.48 -43.97 17.92
N ARG A 46 -29.61 -43.26 18.00
CA ARG A 46 -29.75 -41.90 17.50
C ARG A 46 -30.13 -40.97 18.64
N VAL A 47 -29.51 -39.80 18.68
CA VAL A 47 -29.65 -38.84 19.78
C VAL A 47 -30.23 -37.54 19.25
N CYS A 48 -31.29 -37.06 19.89
CA CYS A 48 -31.94 -35.80 19.55
C CYS A 48 -31.90 -34.89 20.77
N LEU A 49 -31.53 -33.63 20.54
CA LEU A 49 -31.42 -32.64 21.60
C LEU A 49 -32.19 -31.40 21.18
N LYS A 50 -33.11 -30.95 22.03
CA LYS A 50 -33.97 -29.82 21.66
C LYS A 50 -34.39 -29.06 22.92
N GLU A 51 -35.29 -28.11 22.74
CA GLU A 51 -35.69 -27.22 23.83
C GLU A 51 -36.55 -27.94 24.85
N TYR A 52 -36.62 -27.37 26.05
CA TYR A 52 -37.39 -27.96 27.12
C TYR A 52 -38.88 -27.99 26.76
N GLN A 53 -39.58 -29.00 27.29
CA GLN A 53 -41.01 -29.19 27.06
C GLN A 53 -41.65 -29.69 28.33
N ALA A 54 -42.62 -28.94 28.85
CA ALA A 54 -43.34 -29.38 30.05
C ALA A 54 -44.02 -30.72 29.82
N LYS A 55 -44.56 -30.94 28.62
CA LYS A 55 -45.08 -32.23 28.21
C LYS A 55 -44.29 -32.66 26.97
N VAL A 56 -43.40 -33.63 27.15
CA VAL A 56 -42.46 -33.98 26.10
C VAL A 56 -43.19 -34.67 24.95
N THR A 57 -42.89 -34.23 23.74
CA THR A 57 -43.41 -34.88 22.55
C THR A 57 -42.29 -35.66 21.86
N PRO A 58 -42.57 -36.86 21.37
CA PRO A 58 -41.54 -37.65 20.66
C PRO A 58 -41.36 -37.18 19.22
N THR A 59 -41.05 -35.89 19.07
CA THR A 59 -41.03 -35.22 17.78
C THR A 59 -39.65 -34.63 17.50
N GLY A 60 -39.49 -34.13 16.28
CA GLY A 60 -38.42 -33.22 15.96
C GLY A 60 -39.00 -31.82 15.88
N PRO A 61 -38.20 -30.84 15.43
CA PRO A 61 -36.78 -31.01 15.06
C PRO A 61 -35.86 -31.02 16.28
N CYS A 62 -34.61 -31.44 16.08
CA CYS A 62 -33.61 -31.42 17.15
C CYS A 62 -32.94 -30.05 17.10
N SER A 63 -33.53 -29.11 17.86
CA SER A 63 -33.13 -27.71 17.78
C SER A 63 -31.69 -27.49 18.21
N TYR A 64 -31.22 -28.26 19.21
CA TYR A 64 -29.89 -28.05 19.77
C TYR A 64 -28.82 -28.91 19.13
N GLY A 65 -29.19 -29.96 18.40
CA GLY A 65 -28.21 -30.81 17.75
C GLY A 65 -28.59 -32.28 17.71
N HIS A 66 -27.78 -33.09 17.03
CA HIS A 66 -28.06 -34.51 16.92
C HIS A 66 -26.79 -35.28 16.59
N GLY A 67 -26.82 -36.58 16.88
CA GLY A 67 -25.72 -37.48 16.60
C GLY A 67 -26.19 -38.91 16.61
N ALA A 68 -25.30 -39.82 16.20
CA ALA A 68 -25.65 -41.23 16.12
C ALA A 68 -24.38 -42.07 16.18
N THR A 69 -24.55 -43.33 16.55
CA THR A 69 -23.46 -44.30 16.63
C THR A 69 -23.58 -45.34 15.52
N PRO A 70 -22.51 -46.11 15.26
CA PRO A 70 -22.65 -47.31 14.41
C PRO A 70 -23.27 -48.46 15.19
N VAL A 71 -23.31 -49.65 14.59
CA VAL A 71 -23.89 -50.79 15.27
C VAL A 71 -23.02 -51.15 16.46
N LEU A 72 -23.60 -51.12 17.65
CA LEU A 72 -22.88 -51.39 18.90
C LEU A 72 -22.93 -52.85 19.31
N GLY A 73 -23.95 -53.59 18.91
CA GLY A 73 -24.04 -54.98 19.30
C GLY A 73 -25.31 -55.63 18.79
N GLY A 74 -25.71 -56.70 19.48
CA GLY A 74 -26.87 -57.46 19.09
C GLY A 74 -28.12 -57.09 19.86
N ASN A 75 -28.85 -58.10 20.35
CA ASN A 75 -30.08 -57.83 21.09
C ASN A 75 -29.79 -57.20 22.44
N SER A 76 -28.74 -57.65 23.12
CA SER A 76 -28.35 -57.10 24.41
C SER A 76 -26.83 -57.07 24.50
N PHE A 77 -26.31 -56.04 25.15
CA PHE A 77 -24.87 -55.86 25.26
C PHE A 77 -24.55 -54.88 26.37
N TYR A 78 -23.28 -54.91 26.81
CA TYR A 78 -22.76 -54.03 27.84
C TYR A 78 -21.51 -53.34 27.31
N LEU A 79 -21.36 -52.06 27.64
CA LEU A 79 -20.27 -51.22 27.19
C LEU A 79 -19.64 -50.53 28.39
N PRO A 80 -18.43 -49.98 28.24
CA PRO A 80 -17.77 -49.29 29.36
C PRO A 80 -18.53 -48.04 29.76
N PRO A 81 -18.90 -47.92 31.05
CA PRO A 81 -19.57 -46.71 31.51
C PRO A 81 -18.62 -45.53 31.56
N ALA A 82 -19.19 -44.37 31.85
CA ALA A 82 -18.43 -43.13 31.91
C ALA A 82 -18.20 -42.72 33.36
N GLY A 83 -17.15 -41.92 33.55
CA GLY A 83 -16.78 -41.48 34.87
C GLY A 83 -15.39 -40.89 34.85
N ALA A 84 -14.94 -40.49 36.04
CA ALA A 84 -13.60 -39.90 36.15
C ALA A 84 -12.52 -40.92 35.81
N ALA A 85 -12.72 -42.18 36.23
CA ALA A 85 -11.78 -43.23 35.86
C ALA A 85 -11.75 -43.45 34.36
N GLY A 86 -12.93 -43.43 33.71
CA GLY A 86 -12.98 -43.61 32.27
C GLY A 86 -12.53 -42.40 31.47
N ASP A 87 -12.58 -41.21 32.08
CA ASP A 87 -12.13 -40.01 31.38
C ASP A 87 -10.63 -40.05 31.14
N ARG A 88 -9.87 -40.55 32.13
CA ARG A 88 -8.42 -40.66 31.96
C ARG A 88 -8.06 -41.79 31.01
N ALA A 89 -8.85 -42.88 31.01
CA ALA A 89 -8.59 -43.98 30.08
C ALA A 89 -8.79 -43.57 28.63
N ARG A 90 -9.60 -42.54 28.37
CA ARG A 90 -9.77 -42.06 27.01
C ARG A 90 -8.67 -41.08 26.61
N ALA A 91 -8.14 -40.32 27.57
CA ALA A 91 -7.05 -39.39 27.29
C ALA A 91 -5.78 -40.10 26.84
N ARG A 92 -5.71 -41.42 26.96
CA ARG A 92 -4.57 -42.19 26.48
C ARG A 92 -4.83 -42.81 25.12
N ALA A 93 -5.98 -42.53 24.51
CA ALA A 93 -6.31 -43.12 23.21
C ALA A 93 -7.10 -42.13 22.36
N ASP A 98 -8.40 -45.52 17.76
CA ASP A 98 -9.76 -45.07 17.46
C ASP A 98 -10.45 -44.66 18.77
N GLN A 99 -11.63 -44.06 18.65
CA GLN A 99 -12.39 -43.57 19.78
C GLN A 99 -13.69 -44.36 19.95
N ASP A 100 -14.15 -44.44 21.19
CA ASP A 100 -15.31 -45.18 21.68
C ASP A 100 -16.48 -45.11 20.71
N PRO A 101 -17.08 -46.26 20.37
CA PRO A 101 -18.27 -46.22 19.49
C PRO A 101 -19.51 -45.70 20.19
N GLY A 102 -19.71 -46.06 21.46
CA GLY A 102 -20.88 -45.68 22.22
C GLY A 102 -20.89 -44.28 22.77
N LEU A 103 -19.94 -43.43 22.37
CA LEU A 103 -19.88 -42.03 22.78
C LEU A 103 -20.44 -41.15 21.68
N VAL A 104 -21.30 -40.20 22.05
CA VAL A 104 -21.89 -39.25 21.12
C VAL A 104 -21.55 -37.84 21.60
N VAL A 105 -21.04 -37.01 20.69
CA VAL A 105 -20.65 -35.64 20.99
C VAL A 105 -21.45 -34.70 20.10
N ILE A 106 -22.14 -33.75 20.71
CA ILE A 106 -22.94 -32.74 20.01
C ILE A 106 -22.41 -31.36 20.39
N PRO A 107 -21.57 -30.76 19.56
CA PRO A 107 -21.08 -29.41 19.85
C PRO A 107 -22.15 -28.35 19.60
N PHE A 108 -22.00 -27.21 20.29
CA PHE A 108 -22.92 -26.10 20.13
C PHE A 108 -22.17 -24.79 20.30
N GLN A 109 -22.67 -23.74 19.63
CA GLN A 109 -22.11 -22.41 19.71
C GLN A 109 -22.99 -21.42 20.47
N PHE A 110 -24.28 -21.68 20.59
CA PHE A 110 -25.18 -20.77 21.28
C PHE A 110 -24.96 -20.83 22.79
N ALA A 111 -25.63 -19.91 23.50
CA ALA A 111 -25.57 -19.92 24.95
C ALA A 111 -26.37 -21.10 25.50
N TRP A 112 -25.74 -21.90 26.34
CA TRP A 112 -26.39 -23.10 26.87
C TRP A 112 -27.56 -22.70 27.75
N PRO A 113 -28.79 -23.12 27.44
CA PRO A 113 -29.96 -22.70 28.21
C PRO A 113 -30.22 -23.50 29.48
N ARG A 114 -29.29 -24.38 29.89
CA ARG A 114 -29.40 -25.18 31.11
C ARG A 114 -30.53 -26.21 31.03
N SER A 115 -31.70 -25.81 30.54
CA SER A 115 -32.84 -26.70 30.39
C SER A 115 -32.87 -27.26 28.97
N PHE A 116 -33.31 -28.52 28.85
CA PHE A 116 -33.24 -29.22 27.58
C PHE A 116 -34.22 -30.40 27.60
N THR A 117 -34.38 -31.02 26.44
CA THR A 117 -35.12 -32.28 26.31
C THR A 117 -34.27 -33.23 25.48
N LEU A 118 -33.99 -34.41 26.03
CA LEU A 118 -33.17 -35.42 25.37
C LEU A 118 -34.06 -36.57 24.91
N ILE A 119 -33.91 -36.96 23.65
CA ILE A 119 -34.61 -38.10 23.08
C ILE A 119 -33.59 -39.09 22.55
N VAL A 120 -33.68 -40.35 22.99
CA VAL A 120 -32.77 -41.40 22.56
C VAL A 120 -33.58 -42.48 21.85
N GLU A 121 -33.07 -42.95 20.72
CA GLU A 121 -33.74 -43.96 19.90
C GLU A 121 -32.78 -45.10 19.61
N ALA A 122 -33.31 -46.33 19.62
CA ALA A 122 -32.57 -47.52 19.22
C ALA A 122 -33.14 -48.07 17.94
N TRP A 123 -32.28 -48.34 16.96
CA TRP A 123 -32.70 -48.73 15.63
C TRP A 123 -31.99 -50.01 15.18
N ASP A 124 -32.69 -50.78 14.34
CA ASP A 124 -32.10 -51.93 13.67
C ASP A 124 -31.52 -51.50 12.33
N TRP A 125 -30.35 -52.05 12.01
CA TRP A 125 -29.60 -51.68 10.81
C TRP A 125 -29.68 -52.83 9.81
N ASP A 126 -30.06 -52.49 8.57
CA ASP A 126 -30.10 -53.45 7.48
C ASP A 126 -29.29 -52.97 6.28
N ASN A 127 -28.19 -52.26 6.53
CA ASN A 127 -27.27 -51.83 5.49
C ASN A 127 -27.99 -51.06 4.38
N ASP A 128 -28.90 -50.18 4.79
CA ASP A 128 -29.63 -49.34 3.83
C ASP A 128 -29.98 -48.03 4.53
N THR A 129 -29.53 -46.93 3.93
CA THR A 129 -29.72 -45.57 4.43
C THR A 129 -31.17 -45.10 4.40
N THR A 130 -32.03 -45.69 3.56
CA THR A 130 -33.40 -45.23 3.41
C THR A 130 -34.10 -45.15 4.76
N PRO A 131 -34.65 -44.00 5.12
CA PRO A 131 -35.53 -43.92 6.31
C PRO A 131 -36.65 -44.96 6.28
N ASN A 132 -36.76 -45.73 7.36
CA ASN A 132 -37.79 -46.76 7.49
C ASN A 132 -38.23 -46.80 8.95
N GLU A 133 -39.35 -46.15 9.25
CA GLU A 133 -39.82 -46.00 10.62
C GLU A 133 -40.19 -47.31 11.28
N GLU A 134 -40.29 -48.39 10.52
CA GLU A 134 -40.64 -49.70 11.07
C GLU A 134 -39.45 -50.44 11.65
N LEU A 135 -38.25 -49.87 11.56
CA LEU A 135 -37.06 -50.45 12.16
C LEU A 135 -36.75 -49.89 13.54
N LEU A 136 -37.72 -49.25 14.18
CA LEU A 136 -37.53 -48.64 15.48
C LEU A 136 -37.66 -49.69 16.59
N ILE A 137 -36.60 -49.85 17.38
CA ILE A 137 -36.64 -50.77 18.50
C ILE A 137 -37.28 -50.11 19.72
N GLU A 138 -36.76 -48.94 20.12
CA GLU A 138 -37.24 -48.28 21.32
C GLU A 138 -36.95 -46.79 21.21
N ARG A 139 -37.83 -45.99 21.80
CA ARG A 139 -37.63 -44.55 21.92
C ARG A 139 -37.90 -44.14 23.36
N VAL A 140 -36.95 -43.43 23.97
CA VAL A 140 -37.08 -42.91 25.32
C VAL A 140 -36.77 -41.42 25.32
N SER A 141 -37.31 -40.72 26.32
CA SER A 141 -37.17 -39.27 26.38
C SER A 141 -36.96 -38.83 27.82
N HIS A 142 -36.28 -37.70 27.98
CA HIS A 142 -36.00 -37.15 29.29
C HIS A 142 -35.94 -35.64 29.20
N ALA A 143 -36.74 -34.97 30.03
CA ALA A 143 -36.75 -33.51 30.10
C ALA A 143 -36.16 -33.12 31.44
N GLY A 144 -35.11 -32.32 31.42
CA GLY A 144 -34.44 -31.98 32.65
C GLY A 144 -33.53 -30.78 32.53
N MET A 145 -32.58 -30.71 33.46
CA MET A 145 -31.75 -29.54 33.66
C MET A 145 -30.34 -29.99 34.01
N ILE A 146 -29.33 -29.31 33.46
CA ILE A 146 -27.94 -29.66 33.73
C ILE A 146 -27.06 -28.43 33.52
N ASN A 147 -25.95 -28.38 34.27
CA ASN A 147 -24.95 -27.32 34.25
C ASN A 147 -23.60 -27.86 33.74
N PRO A 148 -22.78 -27.00 33.15
CA PRO A 148 -21.47 -27.45 32.64
C PRO A 148 -20.52 -27.88 33.75
N GLU A 149 -20.15 -29.15 33.74
CA GLU A 149 -19.17 -29.72 34.67
C GLU A 149 -18.61 -31.00 34.06
N ASP A 150 -17.46 -31.44 34.56
CA ASP A 150 -16.84 -32.66 34.07
C ASP A 150 -17.30 -33.91 34.83
N ARG A 151 -18.43 -33.86 35.52
CA ARG A 151 -18.98 -35.03 36.19
C ARG A 151 -20.14 -35.59 35.36
N TRP A 152 -20.12 -36.89 35.12
CA TRP A 152 -21.20 -37.52 34.38
C TRP A 152 -22.41 -37.74 35.29
N LYS A 153 -23.59 -37.75 34.67
CA LYS A 153 -24.84 -37.97 35.39
C LYS A 153 -25.57 -39.15 34.77
N SER A 154 -25.99 -40.09 35.60
CA SER A 154 -26.56 -41.35 35.12
C SER A 154 -28.08 -41.24 34.93
N LEU A 155 -28.56 -41.84 33.85
CA LEU A 155 -29.98 -41.89 33.55
C LEU A 155 -30.40 -43.34 33.29
N HIS A 156 -31.61 -43.68 33.70
CA HIS A 156 -32.12 -45.05 33.59
C HIS A 156 -33.46 -45.04 32.89
N PHE A 157 -33.59 -45.82 31.83
CA PHE A 157 -34.79 -45.85 31.01
C PHE A 157 -35.29 -47.28 30.86
N SER A 158 -36.61 -47.45 30.90
CA SER A 158 -37.23 -48.76 30.74
C SER A 158 -38.51 -48.55 29.93
N GLY A 159 -38.40 -48.66 28.62
CA GLY A 159 -39.53 -48.46 27.74
C GLY A 159 -40.37 -49.71 27.59
N HIS A 160 -41.09 -49.79 26.48
CA HIS A 160 -41.98 -50.92 26.24
C HIS A 160 -41.23 -52.16 25.76
N VAL A 161 -40.04 -51.99 25.16
CA VAL A 161 -39.29 -53.09 24.57
C VAL A 161 -37.94 -53.28 25.27
N ALA A 162 -37.20 -52.19 25.47
CA ALA A 162 -35.81 -52.29 25.89
C ALA A 162 -35.53 -51.44 27.13
N HIS A 163 -34.51 -51.86 27.88
CA HIS A 163 -33.95 -51.09 28.97
C HIS A 163 -32.65 -50.44 28.52
N LEU A 164 -32.43 -49.19 28.93
CA LEU A 164 -31.24 -48.44 28.56
C LEU A 164 -30.56 -47.86 29.80
N GLU A 165 -29.24 -47.78 29.74
CA GLU A 165 -28.43 -47.11 30.75
C GLU A 165 -27.43 -46.21 30.04
N LEU A 166 -27.40 -44.93 30.42
CA LEU A 166 -26.52 -43.99 29.75
C LEU A 166 -26.17 -42.85 30.70
N GLN A 167 -25.05 -42.19 30.41
CA GLN A 167 -24.58 -41.05 31.19
C GLN A 167 -24.35 -39.86 30.26
N ILE A 168 -24.65 -38.65 30.77
CA ILE A 168 -24.54 -37.42 30.00
C ILE A 168 -23.83 -36.36 30.82
N ARG A 169 -23.31 -35.34 30.13
CA ARG A 169 -22.66 -34.20 30.75
C ARG A 169 -22.45 -33.11 29.70
N VAL A 170 -22.18 -31.90 30.18
CA VAL A 170 -21.91 -30.75 29.32
C VAL A 170 -20.59 -30.13 29.75
N ARG A 171 -19.76 -29.78 28.77
CA ARG A 171 -18.47 -29.15 29.02
C ARG A 171 -18.31 -27.93 28.11
N CYS A 172 -17.68 -26.88 28.65
CA CYS A 172 -17.38 -25.72 27.81
C CYS A 172 -16.13 -25.99 26.98
N ASP A 173 -16.01 -25.26 25.87
CA ASP A 173 -14.79 -25.25 25.09
C ASP A 173 -13.66 -24.61 25.91
N GLU A 174 -12.46 -24.63 25.35
CA GLU A 174 -11.33 -23.99 26.01
C GLU A 174 -11.44 -22.47 25.85
N ASN A 175 -11.08 -21.76 26.92
CA ASN A 175 -11.20 -20.30 27.02
C ASN A 175 -12.64 -19.83 27.10
N TYR A 176 -13.56 -20.70 27.52
CA TYR A 176 -14.96 -20.35 27.67
C TYR A 176 -15.43 -20.79 29.06
N TYR A 177 -16.16 -19.89 29.73
CA TYR A 177 -16.53 -20.08 31.13
C TYR A 177 -18.00 -19.73 31.32
N SER A 178 -18.43 -19.64 32.59
CA SER A 178 -19.81 -19.34 32.97
C SER A 178 -20.73 -20.53 32.73
N ALA A 179 -21.91 -20.52 33.37
CA ALA A 179 -22.84 -21.64 33.26
C ALA A 179 -23.48 -21.76 31.87
N THR A 180 -23.32 -20.75 31.03
CA THR A 180 -23.81 -20.79 29.65
C THR A 180 -22.72 -21.18 28.66
N CYS A 181 -21.46 -21.21 29.09
CA CYS A 181 -20.31 -21.43 28.23
C CYS A 181 -20.15 -20.31 27.21
N ASN A 182 -20.73 -19.14 27.47
CA ASN A 182 -20.75 -18.04 26.51
C ASN A 182 -19.87 -16.87 26.94
N LYS A 183 -19.11 -17.01 28.02
CA LYS A 183 -18.20 -15.96 28.47
C LYS A 183 -16.76 -16.34 28.09
N PHE A 184 -16.11 -15.46 27.33
CA PHE A 184 -14.82 -15.75 26.74
C PHE A 184 -13.71 -15.09 27.55
N CYS A 185 -12.65 -15.86 27.84
CA CYS A 185 -11.48 -15.34 28.54
C CYS A 185 -10.29 -16.22 28.15
N ARG A 186 -9.23 -15.61 27.63
CA ARG A 186 -8.04 -16.33 27.23
C ARG A 186 -6.82 -15.68 27.87
N PRO A 187 -5.96 -16.45 28.55
CA PRO A 187 -4.78 -15.85 29.19
C PRO A 187 -3.77 -15.35 28.17
N ARG A 188 -3.12 -14.24 28.50
CA ARG A 188 -2.14 -13.64 27.61
C ARG A 188 -1.08 -12.94 28.45
N ASN A 189 0.02 -12.57 27.77
CA ASN A 189 1.13 -11.82 28.37
C ASN A 189 1.82 -11.05 27.24
N ASP A 190 1.26 -9.89 26.93
CA ASP A 190 1.82 -8.99 25.93
C ASP A 190 1.43 -7.57 26.33
N PHE A 191 1.50 -6.65 25.37
CA PHE A 191 1.20 -5.25 25.68
C PHE A 191 -0.24 -5.05 26.12
N PHE A 192 -1.14 -5.96 25.75
CA PHE A 192 -2.56 -5.85 26.06
C PHE A 192 -2.93 -6.42 27.42
N GLY A 193 -1.99 -6.91 28.20
CA GLY A 193 -2.30 -7.40 29.52
C GLY A 193 -1.41 -8.56 29.93
N HIS A 194 -1.46 -8.86 31.24
CA HIS A 194 -0.72 -9.97 31.85
C HIS A 194 -1.64 -10.62 32.89
N TYR A 195 -2.52 -11.52 32.43
CA TYR A 195 -3.55 -12.07 33.29
C TYR A 195 -3.80 -13.53 32.98
N THR A 196 -4.49 -14.19 33.92
CA THR A 196 -5.03 -15.53 33.75
C THR A 196 -6.53 -15.48 34.06
N CYS A 197 -7.24 -16.54 33.68
CA CYS A 197 -8.69 -16.60 33.85
C CYS A 197 -9.06 -17.49 35.02
N ASP A 198 -10.12 -17.09 35.74
CA ASP A 198 -10.64 -17.92 36.82
C ASP A 198 -11.81 -18.77 36.33
N GLN A 199 -12.77 -19.07 37.21
CA GLN A 199 -13.88 -19.96 36.87
C GLN A 199 -15.01 -19.23 36.17
N TYR A 200 -15.22 -17.97 36.51
CA TYR A 200 -16.26 -17.15 35.90
C TYR A 200 -15.73 -16.31 34.74
N GLY A 201 -14.60 -16.72 34.15
CA GLY A 201 -14.05 -15.99 33.03
C GLY A 201 -13.55 -14.60 33.38
N ASN A 202 -13.15 -14.40 34.63
CA ASN A 202 -12.63 -13.13 35.07
C ASN A 202 -11.10 -13.10 34.98
N LYS A 203 -10.57 -11.90 34.76
CA LYS A 203 -9.13 -11.72 34.59
C LYS A 203 -8.45 -11.74 35.95
N ALA A 204 -7.46 -12.62 36.11
CA ALA A 204 -6.67 -12.71 37.32
C ALA A 204 -5.23 -12.33 36.98
N CYS A 205 -4.79 -11.16 37.44
CA CYS A 205 -3.46 -10.66 37.11
C CYS A 205 -2.39 -11.64 37.56
N MET A 206 -1.33 -11.77 36.75
CA MET A 206 -0.21 -12.59 37.13
C MET A 206 0.58 -11.92 38.25
N ASP A 207 1.46 -12.70 38.90
CA ASP A 207 2.19 -12.21 40.07
C ASP A 207 3.14 -11.08 39.68
N GLY A 208 2.95 -9.92 40.30
CA GLY A 208 3.75 -8.76 40.02
C GLY A 208 3.09 -7.68 39.17
N TRP A 209 1.78 -7.77 38.95
CA TRP A 209 1.07 -6.82 38.11
C TRP A 209 -0.21 -6.36 38.80
N MET A 210 -0.73 -5.22 38.36
CA MET A 210 -2.00 -4.68 38.84
C MET A 210 -2.60 -3.83 37.71
N GLY A 211 -3.72 -3.15 38.00
CA GLY A 211 -4.47 -2.38 37.01
C GLY A 211 -5.73 -3.11 36.57
N LYS A 212 -6.46 -2.48 35.63
CA LYS A 212 -7.64 -3.18 35.11
C LYS A 212 -7.24 -4.38 34.26
N GLU A 213 -6.61 -4.12 33.13
CA GLU A 213 -6.20 -5.17 32.20
C GLU A 213 -4.85 -5.77 32.59
N CYS A 214 -4.45 -5.60 33.85
CA CYS A 214 -3.17 -6.09 34.35
C CYS A 214 -2.01 -5.57 33.49
N LYS A 215 -2.08 -4.27 33.20
CA LYS A 215 -1.08 -3.61 32.37
C LYS A 215 -0.02 -2.87 33.16
N GLU A 216 -0.28 -2.55 34.43
CA GLU A 216 0.69 -1.88 35.27
C GLU A 216 1.46 -2.89 36.11
N ALA A 217 2.74 -2.60 36.34
CA ALA A 217 3.63 -3.51 37.05
C ALA A 217 3.98 -2.93 38.41
N VAL A 218 4.23 -3.82 39.37
CA VAL A 218 4.70 -3.40 40.69
C VAL A 218 6.22 -3.34 40.64
N CYS A 219 6.77 -2.19 41.01
CA CYS A 219 8.21 -2.03 41.06
C CYS A 219 8.76 -2.68 42.32
N LYS A 220 10.07 -2.98 42.28
CA LYS A 220 10.74 -3.59 43.42
C LYS A 220 10.43 -2.80 44.69
N GLN A 221 10.21 -3.54 45.78
CA GLN A 221 9.84 -2.91 47.04
C GLN A 221 10.97 -2.01 47.50
N GLY A 222 10.64 -0.75 47.77
CA GLY A 222 11.63 0.24 48.14
C GLY A 222 12.07 1.15 47.02
N CYS A 223 11.54 1.01 45.81
CA CYS A 223 11.90 1.89 44.71
C CYS A 223 11.35 3.30 44.94
N ASN A 224 12.23 4.30 44.83
CA ASN A 224 11.85 5.71 44.95
C ASN A 224 11.12 6.13 43.67
N LEU A 225 9.79 6.14 43.74
CA LEU A 225 8.95 6.38 42.57
C LEU A 225 8.87 7.86 42.16
N LEU A 226 9.61 8.75 42.81
CA LEU A 226 9.84 10.10 42.29
C LEU A 226 11.07 10.20 41.42
N HIS A 227 11.95 9.20 41.46
CA HIS A 227 13.18 9.23 40.67
C HIS A 227 13.32 8.01 39.77
N GLY A 228 12.35 7.10 39.77
CA GLY A 228 12.43 5.94 38.93
C GLY A 228 11.09 5.27 38.76
N GLY A 229 11.11 4.19 38.00
CA GLY A 229 9.91 3.40 37.76
C GLY A 229 10.29 1.99 37.37
N CYS A 230 9.37 1.32 36.68
CA CYS A 230 9.61 -0.04 36.24
C CYS A 230 8.68 -0.37 35.09
N THR A 231 9.19 -1.15 34.14
CA THR A 231 8.38 -1.77 33.10
C THR A 231 8.22 -3.27 33.29
N VAL A 232 9.17 -3.90 33.96
CA VAL A 232 9.10 -5.31 34.34
C VAL A 232 8.87 -5.33 35.84
N PRO A 233 8.03 -6.23 36.37
CA PRO A 233 7.83 -6.27 37.82
C PRO A 233 9.13 -6.55 38.57
N GLY A 234 9.25 -5.93 39.74
CA GLY A 234 10.37 -6.17 40.63
C GLY A 234 11.66 -5.47 40.29
N GLU A 235 11.65 -4.49 39.40
CA GLU A 235 12.84 -3.74 39.05
C GLU A 235 12.62 -2.27 39.38
N CYS A 236 13.72 -1.52 39.39
CA CYS A 236 13.70 -0.10 39.71
C CYS A 236 14.74 0.60 38.84
N ARG A 237 14.29 1.10 37.69
CA ARG A 237 15.15 1.83 36.77
C ARG A 237 14.98 3.33 36.99
N CYS A 238 16.11 4.03 37.13
CA CYS A 238 16.11 5.43 37.55
C CYS A 238 15.92 6.37 36.37
N SER A 239 15.25 7.49 36.62
CA SER A 239 15.22 8.58 35.67
C SER A 239 16.61 9.18 35.52
N TYR A 240 16.76 10.04 34.53
CA TYR A 240 18.06 10.68 34.30
C TYR A 240 18.40 11.59 35.47
N GLY A 241 19.59 11.39 36.04
CA GLY A 241 20.05 12.16 37.17
C GLY A 241 20.09 11.43 38.49
N TRP A 242 19.72 10.14 38.51
CA TRP A 242 19.68 9.39 39.75
C TRP A 242 20.23 7.98 39.52
N GLN A 243 20.65 7.35 40.61
CA GLN A 243 21.28 6.04 40.56
C GLN A 243 21.03 5.32 41.88
N GLY A 244 21.44 4.06 41.93
CA GLY A 244 21.34 3.24 43.12
C GLY A 244 20.32 2.13 42.97
N ARG A 245 20.34 1.22 43.96
CA ARG A 245 19.39 0.11 43.97
C ARG A 245 17.96 0.61 44.07
N PHE A 246 17.73 1.67 44.84
CA PHE A 246 16.41 2.26 45.01
C PHE A 246 16.28 3.60 44.30
N CYS A 247 17.27 3.97 43.49
CA CYS A 247 17.28 5.25 42.77
C CYS A 247 17.20 6.42 43.76
N ASP A 248 18.01 6.33 44.81
CA ASP A 248 18.01 7.33 45.86
C ASP A 248 19.24 8.24 45.85
N GLU A 249 20.24 7.95 45.02
CA GLU A 249 21.49 8.70 45.02
C GLU A 249 21.58 9.58 43.77
N CYS A 250 21.99 10.83 43.97
CA CYS A 250 22.21 11.74 42.87
C CYS A 250 23.34 11.27 41.98
N VAL A 251 23.34 11.74 40.74
CA VAL A 251 24.44 11.52 39.80
C VAL A 251 25.17 12.85 39.65
N PRO A 252 26.47 12.92 39.94
CA PRO A 252 27.18 14.20 39.87
C PRO A 252 27.33 14.68 38.43
N TYR A 253 27.81 15.91 38.31
CA TYR A 253 28.05 16.52 37.00
C TYR A 253 28.90 15.58 36.13
N PRO A 254 28.57 15.42 34.85
CA PRO A 254 29.29 14.46 34.00
C PRO A 254 30.78 14.80 33.92
N GLY A 255 31.60 13.88 34.45
CA GLY A 255 33.04 14.06 34.49
C GLY A 255 33.59 14.33 35.88
N CYS A 256 32.73 14.52 36.87
CA CYS A 256 33.18 14.83 38.22
C CYS A 256 34.12 13.74 38.73
N VAL A 257 35.21 14.16 39.36
CA VAL A 257 36.23 13.23 39.84
C VAL A 257 36.30 13.26 41.35
N HIS A 258 36.92 14.31 41.89
CA HIS A 258 37.03 14.48 43.34
C HIS A 258 36.01 15.50 43.84
N GLY A 259 34.74 15.18 43.57
CA GLY A 259 33.63 16.00 43.99
C GLY A 259 32.44 15.11 44.34
N SER A 260 31.43 15.74 44.94
CA SER A 260 30.25 15.04 45.40
C SER A 260 29.01 15.82 44.99
N CYS A 261 27.85 15.17 45.09
CA CYS A 261 26.56 15.80 44.87
C CYS A 261 25.65 15.51 46.04
N VAL A 262 24.62 16.35 46.20
CA VAL A 262 23.46 16.00 47.02
C VAL A 262 22.22 16.09 46.14
N GLU A 263 22.21 17.05 45.22
CA GLU A 263 21.25 17.15 44.15
C GLU A 263 21.91 16.83 42.82
N PRO A 264 21.15 16.40 41.81
CA PRO A 264 21.75 15.95 40.56
C PRO A 264 22.58 17.04 39.89
N TRP A 265 23.62 16.59 39.17
CA TRP A 265 24.49 17.43 38.35
C TRP A 265 25.28 18.45 39.17
N GLN A 266 25.46 18.21 40.46
CA GLN A 266 26.38 19.00 41.24
C GLN A 266 27.77 18.34 41.23
N CYS A 267 28.78 19.12 41.62
CA CYS A 267 30.14 18.62 41.68
C CYS A 267 30.96 19.49 42.62
N ASN A 268 30.68 19.38 43.92
CA ASN A 268 31.37 20.16 44.96
C ASN A 268 32.75 19.57 45.22
N CYS A 269 33.79 20.35 44.95
CA CYS A 269 35.15 19.84 45.04
C CYS A 269 35.57 19.60 46.49
N GLU A 270 36.37 18.56 46.70
CA GLU A 270 37.04 18.36 47.96
C GLU A 270 38.14 19.41 48.13
N THR A 271 38.74 19.44 49.32
CA THR A 271 39.78 20.42 49.58
C THR A 271 41.03 20.13 48.76
N ASN A 272 41.65 21.19 48.25
CA ASN A 272 42.87 21.12 47.45
C ASN A 272 42.62 20.41 46.12
N TRP A 273 41.41 20.57 45.58
CA TRP A 273 41.04 20.10 44.26
C TRP A 273 40.22 21.21 43.61
N GLY A 274 40.52 21.54 42.36
CA GLY A 274 39.87 22.63 41.69
C GLY A 274 39.38 22.23 40.30
N GLY A 275 38.82 23.22 39.62
CA GLY A 275 38.29 23.02 38.28
C GLY A 275 36.81 22.68 38.30
N LEU A 276 36.23 22.72 37.11
CA LEU A 276 34.80 22.41 36.98
C LEU A 276 34.52 20.97 37.38
N LEU A 277 35.44 20.06 37.06
CA LEU A 277 35.28 18.63 37.33
C LEU A 277 35.99 18.18 38.58
N CYS A 278 36.56 19.11 39.36
CA CYS A 278 37.34 18.79 40.55
C CYS A 278 38.44 17.78 40.22
N ASP A 279 39.17 18.07 39.15
CA ASP A 279 40.23 17.20 38.68
C ASP A 279 41.63 17.82 38.73
N LYS A 280 41.75 19.05 39.23
CA LYS A 280 43.04 19.73 39.29
C LYS A 280 43.67 19.55 40.67
N ASP A 281 44.91 19.05 40.69
CA ASP A 281 45.67 18.97 41.92
C ASP A 281 46.19 20.36 42.24
N LEU A 282 45.87 20.88 43.42
CA LEU A 282 46.23 22.25 43.77
C LEU A 282 47.33 22.32 44.81
N ASN A 283 48.06 21.23 44.99
CA ASN A 283 49.20 21.19 45.90
C ASN A 283 50.50 21.55 45.18
N MET B 1 -25.79 -21.87 -22.36
CA MET B 1 -26.98 -21.71 -21.52
C MET B 1 -28.19 -21.37 -22.36
N GLY B 2 -29.31 -21.99 -22.02
CA GLY B 2 -30.55 -21.79 -22.75
C GLY B 2 -31.75 -22.22 -21.93
N TYR B 3 -32.87 -22.37 -22.62
CA TYR B 3 -34.13 -22.74 -22.00
C TYR B 3 -34.85 -23.79 -22.84
N PHE B 4 -35.59 -24.65 -22.17
CA PHE B 4 -36.54 -25.56 -22.81
C PHE B 4 -37.95 -25.07 -22.47
N GLU B 5 -38.74 -24.77 -23.49
CA GLU B 5 -40.06 -24.19 -23.30
C GLU B 5 -41.14 -25.14 -23.82
N LEU B 6 -42.23 -25.23 -23.06
CA LEU B 6 -43.36 -26.07 -23.41
C LEU B 6 -44.63 -25.25 -23.26
N GLN B 7 -45.48 -25.28 -24.27
CA GLN B 7 -46.73 -24.54 -24.29
C GLN B 7 -47.87 -25.54 -24.45
N LEU B 8 -48.71 -25.66 -23.43
CA LEU B 8 -49.88 -26.53 -23.49
C LEU B 8 -51.09 -25.72 -23.96
N SER B 9 -51.78 -26.22 -24.99
CA SER B 9 -52.90 -25.49 -25.57
C SER B 9 -54.20 -26.28 -25.62
N ALA B 10 -54.20 -27.58 -25.38
CA ALA B 10 -55.45 -28.35 -25.45
C ALA B 10 -55.32 -29.60 -24.62
N LEU B 11 -56.40 -29.92 -23.90
CA LEU B 11 -56.50 -31.17 -23.16
C LEU B 11 -57.98 -31.56 -23.14
N ARG B 12 -58.26 -32.82 -23.44
CA ARG B 12 -59.63 -33.32 -23.51
C ARG B 12 -59.75 -34.57 -22.66
N ASN B 13 -60.69 -34.55 -21.71
CA ASN B 13 -60.96 -35.69 -20.83
C ASN B 13 -62.48 -35.79 -20.67
N VAL B 14 -63.12 -36.48 -21.61
CA VAL B 14 -64.59 -36.49 -21.67
C VAL B 14 -65.19 -37.07 -20.39
N ASN B 15 -64.72 -38.25 -19.97
CA ASN B 15 -65.36 -38.92 -18.83
C ASN B 15 -65.00 -38.27 -17.51
N GLY B 16 -63.87 -37.58 -17.43
CA GLY B 16 -63.46 -36.94 -16.19
C GLY B 16 -62.95 -37.91 -15.13
N GLU B 17 -62.22 -38.94 -15.54
CA GLU B 17 -61.70 -39.94 -14.62
C GLU B 17 -60.21 -39.72 -14.39
N LEU B 18 -59.57 -40.72 -13.78
CA LEU B 18 -58.13 -40.78 -13.62
C LEU B 18 -57.61 -41.99 -14.40
N LEU B 19 -56.28 -42.13 -14.44
CA LEU B 19 -55.70 -43.25 -15.17
C LEU B 19 -56.09 -44.58 -14.53
N SER B 20 -56.35 -44.59 -13.22
CA SER B 20 -56.79 -45.81 -12.56
C SER B 20 -58.16 -46.24 -13.04
N GLY B 21 -59.10 -45.29 -13.12
CA GLY B 21 -60.44 -45.59 -13.58
C GLY B 21 -61.50 -44.84 -12.80
N ALA B 22 -61.18 -44.46 -11.57
CA ALA B 22 -62.13 -43.74 -10.75
C ALA B 22 -62.28 -42.31 -11.23
N CYS B 23 -63.32 -41.63 -10.74
CA CYS B 23 -63.52 -40.23 -11.06
C CYS B 23 -62.63 -39.36 -10.19
N CYS B 24 -62.29 -38.18 -10.71
CA CYS B 24 -61.33 -37.30 -10.06
C CYS B 24 -61.75 -36.93 -8.65
N ASP B 25 -62.93 -36.32 -8.51
CA ASP B 25 -63.44 -35.87 -7.22
C ASP B 25 -64.83 -36.47 -7.01
N GLY B 26 -64.90 -37.48 -6.14
CA GLY B 26 -66.16 -38.11 -5.84
C GLY B 26 -66.56 -39.09 -6.94
N ASP B 27 -67.86 -39.36 -6.99
CA ASP B 27 -68.46 -40.12 -8.08
C ASP B 27 -69.77 -39.53 -8.55
N GLY B 28 -70.28 -38.50 -7.88
CA GLY B 28 -71.58 -37.95 -8.22
C GLY B 28 -72.67 -38.55 -7.36
N ARG B 29 -73.69 -39.11 -8.01
CA ARG B 29 -74.85 -39.65 -7.32
C ARG B 29 -75.34 -40.95 -7.97
N GLY B 34 -74.52 -43.09 -16.19
CA GLY B 34 -74.08 -41.73 -15.89
C GLY B 34 -72.59 -41.52 -16.02
N GLY B 35 -72.17 -40.25 -15.98
CA GLY B 35 -70.77 -39.89 -16.08
C GLY B 35 -70.02 -39.92 -14.76
N CYS B 36 -69.21 -38.90 -14.50
CA CYS B 36 -68.42 -38.79 -13.28
C CYS B 36 -68.92 -37.73 -12.31
N GLY B 37 -69.97 -37.01 -12.67
CA GLY B 37 -70.54 -36.02 -11.79
C GLY B 37 -70.29 -34.60 -12.25
N HIS B 38 -70.46 -33.67 -11.31
CA HIS B 38 -70.33 -32.24 -11.61
C HIS B 38 -69.08 -31.61 -11.03
N ASP B 39 -68.45 -32.23 -10.05
CA ASP B 39 -67.14 -31.82 -9.56
C ASP B 39 -66.10 -32.35 -10.53
N GLU B 40 -65.59 -31.48 -11.40
CA GLU B 40 -64.68 -31.90 -12.44
C GLU B 40 -63.25 -31.97 -11.90
N CYS B 41 -62.36 -32.52 -12.73
CA CYS B 41 -60.94 -32.57 -12.40
C CYS B 41 -60.36 -31.16 -12.36
N ASP B 42 -59.54 -30.90 -11.36
CA ASP B 42 -58.83 -29.63 -11.24
C ASP B 42 -57.43 -29.85 -11.79
N THR B 43 -57.28 -29.63 -13.11
CA THR B 43 -56.19 -30.19 -13.89
C THR B 43 -54.98 -29.26 -13.94
N TYR B 44 -53.81 -29.81 -13.63
CA TYR B 44 -52.52 -29.17 -13.84
C TYR B 44 -51.57 -30.16 -14.49
N VAL B 45 -50.38 -29.68 -14.86
CA VAL B 45 -49.45 -30.43 -15.68
C VAL B 45 -48.07 -30.42 -15.05
N ARG B 46 -47.37 -31.56 -15.12
CA ARG B 46 -45.99 -31.68 -14.67
CA ARG B 46 -45.99 -31.69 -14.66
C ARG B 46 -45.10 -32.11 -15.83
N VAL B 47 -43.94 -31.48 -15.95
CA VAL B 47 -43.01 -31.70 -17.05
C VAL B 47 -41.72 -32.30 -16.49
N CYS B 48 -41.29 -33.42 -17.09
CA CYS B 48 -40.02 -34.08 -16.75
C CYS B 48 -39.15 -34.15 -17.98
N LEU B 49 -37.89 -33.81 -17.84
CA LEU B 49 -36.94 -33.79 -18.95
C LEU B 49 -35.70 -34.59 -18.56
N LYS B 50 -35.32 -35.55 -19.39
CA LYS B 50 -34.21 -36.44 -19.05
C LYS B 50 -33.54 -36.92 -20.35
N GLU B 51 -32.60 -37.86 -20.20
CA GLU B 51 -31.79 -38.32 -21.31
C GLU B 51 -32.59 -39.23 -22.25
N TYR B 52 -32.07 -39.37 -23.47
CA TYR B 52 -32.75 -40.14 -24.51
C TYR B 52 -32.91 -41.60 -24.10
N GLN B 53 -33.96 -42.22 -24.60
CA GLN B 53 -34.25 -43.63 -24.31
C GLN B 53 -34.84 -44.27 -25.56
N ALA B 54 -34.17 -45.29 -26.09
CA ALA B 54 -34.71 -46.04 -27.22
C ALA B 54 -36.03 -46.69 -26.85
N LYS B 55 -36.14 -47.16 -25.61
CA LYS B 55 -37.39 -47.66 -25.04
C LYS B 55 -37.71 -46.78 -23.83
N VAL B 56 -38.70 -45.91 -23.99
CA VAL B 56 -38.97 -44.90 -22.97
C VAL B 56 -39.51 -45.57 -21.71
N THR B 57 -38.96 -45.19 -20.56
CA THR B 57 -39.45 -45.69 -19.30
C THR B 57 -40.24 -44.61 -18.57
N PRO B 58 -41.38 -44.96 -17.94
CA PRO B 58 -42.19 -43.99 -17.20
C PRO B 58 -41.66 -43.69 -15.81
N THR B 59 -40.37 -43.35 -15.72
CA THR B 59 -39.68 -43.20 -14.44
C THR B 59 -39.06 -41.82 -14.35
N GLY B 60 -38.53 -41.52 -13.16
CA GLY B 60 -37.59 -40.44 -12.99
C GLY B 60 -36.21 -41.04 -12.93
N PRO B 61 -35.20 -40.25 -12.56
CA PRO B 61 -35.29 -38.82 -12.24
C PRO B 61 -35.29 -37.95 -13.49
N CYS B 62 -35.65 -36.67 -13.32
CA CYS B 62 -35.64 -35.70 -14.40
C CYS B 62 -34.24 -35.09 -14.46
N SER B 63 -33.36 -35.73 -15.24
CA SER B 63 -31.95 -35.40 -15.23
C SER B 63 -31.70 -33.98 -15.75
N TYR B 64 -32.47 -33.54 -16.74
CA TYR B 64 -32.23 -32.25 -17.39
C TYR B 64 -33.01 -31.10 -16.78
N GLY B 65 -34.05 -31.39 -16.00
CA GLY B 65 -34.86 -30.35 -15.39
C GLY B 65 -36.32 -30.74 -15.28
N HIS B 66 -37.12 -29.90 -14.61
CA HIS B 66 -38.54 -30.18 -14.43
C HIS B 66 -39.29 -28.88 -14.16
N GLY B 67 -40.59 -28.92 -14.36
CA GLY B 67 -41.45 -27.78 -14.10
C GLY B 67 -42.88 -28.23 -13.98
N ALA B 68 -43.74 -27.29 -13.63
CA ALA B 68 -45.16 -27.59 -13.47
C ALA B 68 -45.98 -26.31 -13.59
N THR B 69 -47.26 -26.47 -13.88
CA THR B 69 -48.20 -25.36 -13.99
C THR B 69 -49.18 -25.36 -12.82
N PRO B 70 -49.89 -24.26 -12.60
CA PRO B 70 -51.03 -24.32 -11.68
C PRO B 70 -52.23 -24.96 -12.35
N VAL B 71 -53.38 -24.96 -11.69
CA VAL B 71 -54.57 -25.55 -12.30
C VAL B 71 -54.95 -24.71 -13.52
N LEU B 72 -55.00 -25.38 -14.68
CA LEU B 72 -55.30 -24.69 -15.94
C LEU B 72 -56.77 -24.69 -16.28
N GLY B 73 -57.52 -25.67 -15.81
CA GLY B 73 -58.94 -25.73 -16.11
C GLY B 73 -59.57 -26.97 -15.52
N GLY B 74 -60.68 -27.39 -16.13
CA GLY B 74 -61.43 -28.54 -15.66
C GLY B 74 -61.08 -29.82 -16.38
N ASN B 75 -62.11 -30.57 -16.79
CA ASN B 75 -61.87 -31.83 -17.50
C ASN B 75 -61.32 -31.58 -18.90
N SER B 76 -61.81 -30.55 -19.57
CA SER B 76 -61.34 -30.19 -20.90
C SER B 76 -61.26 -28.67 -21.02
N PHE B 77 -60.27 -28.20 -21.78
CA PHE B 77 -60.06 -26.76 -21.93
C PHE B 77 -59.16 -26.50 -23.13
N TYR B 78 -59.22 -25.26 -23.61
CA TYR B 78 -58.39 -24.79 -24.72
C TYR B 78 -57.64 -23.53 -24.29
N LEU B 79 -56.39 -23.43 -24.69
CA LEU B 79 -55.51 -22.33 -24.33
C LEU B 79 -54.86 -21.74 -25.57
N PRO B 80 -54.28 -20.55 -25.47
CA PRO B 80 -53.61 -19.94 -26.64
C PRO B 80 -52.41 -20.76 -27.07
N PRO B 81 -52.35 -21.15 -28.34
CA PRO B 81 -51.18 -21.88 -28.84
C PRO B 81 -49.95 -20.99 -28.98
N ALA B 82 -48.82 -21.59 -29.33
CA ALA B 82 -47.57 -20.85 -29.48
C ALA B 82 -47.25 -20.67 -30.95
N GLY B 83 -46.46 -19.65 -31.23
CA GLY B 83 -46.10 -19.33 -32.60
C GLY B 83 -45.50 -17.94 -32.67
N ALA B 84 -45.18 -17.55 -33.91
CA ALA B 84 -44.58 -16.23 -34.12
C ALA B 84 -45.55 -15.13 -33.75
N ALA B 85 -46.84 -15.31 -34.05
CA ALA B 85 -47.83 -14.31 -33.66
C ALA B 85 -47.93 -14.19 -32.15
N GLY B 86 -47.87 -15.31 -31.43
CA GLY B 86 -47.93 -15.28 -29.98
C GLY B 86 -46.64 -14.84 -29.31
N ASP B 87 -45.50 -14.95 -29.99
CA ASP B 87 -44.25 -14.51 -29.39
C ASP B 87 -44.21 -13.01 -29.21
N ARG B 88 -44.73 -12.25 -30.18
CA ARG B 88 -44.77 -10.81 -30.01
C ARG B 88 -45.81 -10.40 -28.98
N ALA B 89 -46.89 -11.18 -28.85
CA ALA B 89 -47.88 -10.92 -27.80
C ALA B 89 -47.29 -11.10 -26.41
N ARG B 90 -46.22 -11.88 -26.26
CA ARG B 90 -45.56 -12.03 -24.98
C ARG B 90 -44.55 -10.92 -24.71
N ALA B 91 -43.93 -10.38 -25.76
CA ALA B 91 -42.96 -9.30 -25.60
C ALA B 91 -43.60 -8.04 -25.03
N ARG B 92 -44.91 -7.88 -25.22
CA ARG B 92 -45.66 -6.75 -24.68
C ARG B 92 -46.58 -7.19 -23.54
N ALA B 93 -46.13 -8.15 -22.74
CA ALA B 93 -46.93 -8.64 -21.62
C ALA B 93 -46.33 -8.21 -20.28
N GLN B 99 -47.82 -13.84 -16.68
CA GLN B 99 -47.24 -15.07 -17.19
C GLN B 99 -48.31 -16.05 -17.68
N ASP B 100 -48.07 -16.66 -18.84
CA ASP B 100 -48.97 -17.67 -19.37
C ASP B 100 -49.11 -18.80 -18.36
N PRO B 101 -50.33 -19.23 -18.04
CA PRO B 101 -50.45 -20.36 -17.10
C PRO B 101 -49.99 -21.67 -17.72
N GLY B 102 -50.29 -21.91 -18.99
CA GLY B 102 -49.92 -23.11 -19.70
C GLY B 102 -48.52 -23.15 -20.26
N LEU B 103 -47.66 -22.19 -19.93
CA LEU B 103 -46.28 -22.17 -20.38
C LEU B 103 -45.37 -22.65 -19.26
N VAL B 104 -44.43 -23.54 -19.61
CA VAL B 104 -43.43 -24.07 -18.68
C VAL B 104 -42.05 -23.75 -19.22
N VAL B 105 -41.19 -23.21 -18.36
CA VAL B 105 -39.83 -22.86 -18.72
C VAL B 105 -38.87 -23.66 -17.85
N ILE B 106 -37.94 -24.36 -18.48
CA ILE B 106 -36.93 -25.15 -17.79
C ILE B 106 -35.55 -24.67 -18.25
N PRO B 107 -34.91 -23.79 -17.49
CA PRO B 107 -33.56 -23.33 -17.86
C PRO B 107 -32.50 -24.39 -17.56
N PHE B 108 -31.40 -24.30 -18.30
CA PHE B 108 -30.30 -25.24 -18.11
C PHE B 108 -28.97 -24.54 -18.36
N GLN B 109 -27.93 -25.03 -17.66
CA GLN B 109 -26.58 -24.49 -17.80
C GLN B 109 -25.62 -25.42 -18.52
N PHE B 110 -25.92 -26.72 -18.60
CA PHE B 110 -25.05 -27.67 -19.28
C PHE B 110 -25.17 -27.51 -20.80
N ALA B 111 -24.30 -28.23 -21.51
CA ALA B 111 -24.37 -28.26 -22.97
C ALA B 111 -25.58 -29.04 -23.43
N TRP B 112 -26.40 -28.43 -24.28
CA TRP B 112 -27.63 -29.06 -24.74
C TRP B 112 -27.32 -30.31 -25.56
N PRO B 113 -27.80 -31.49 -25.15
CA PRO B 113 -27.44 -32.73 -25.86
C PRO B 113 -28.29 -33.02 -27.09
N ARG B 114 -29.20 -32.14 -27.48
CA ARG B 114 -30.04 -32.28 -28.67
C ARG B 114 -31.00 -33.46 -28.57
N SER B 115 -30.52 -34.63 -28.15
CA SER B 115 -31.39 -35.77 -27.92
C SER B 115 -31.91 -35.74 -26.49
N PHE B 116 -33.15 -36.16 -26.31
CA PHE B 116 -33.80 -36.03 -25.01
C PHE B 116 -35.01 -36.95 -24.94
N THR B 117 -35.58 -37.05 -23.74
CA THR B 117 -36.85 -37.74 -23.51
C THR B 117 -37.74 -36.81 -22.69
N LEU B 118 -38.93 -36.53 -23.21
CA LEU B 118 -39.89 -35.65 -22.56
C LEU B 118 -41.04 -36.47 -21.99
N ILE B 119 -41.36 -36.22 -20.71
CA ILE B 119 -42.47 -36.86 -20.03
C ILE B 119 -43.42 -35.76 -19.58
N VAL B 120 -44.68 -35.86 -19.99
CA VAL B 120 -45.72 -34.90 -19.62
C VAL B 120 -46.80 -35.66 -18.86
N GLU B 121 -47.23 -35.10 -17.73
CA GLU B 121 -48.23 -35.73 -16.88
C GLU B 121 -49.37 -34.76 -16.59
N ALA B 122 -50.59 -35.30 -16.52
CA ALA B 122 -51.76 -34.54 -16.11
C ALA B 122 -52.21 -35.07 -14.75
N TRP B 123 -52.42 -34.17 -13.80
CA TRP B 123 -52.72 -34.53 -12.42
C TRP B 123 -53.96 -33.78 -11.93
N ASP B 124 -54.68 -34.43 -11.01
CA ASP B 124 -55.80 -33.79 -10.32
C ASP B 124 -55.30 -33.16 -9.02
N TRP B 125 -55.80 -31.97 -8.72
CA TRP B 125 -55.34 -31.18 -7.57
C TRP B 125 -56.40 -31.19 -6.49
N ASP B 126 -56.00 -31.53 -5.26
CA ASP B 126 -56.90 -31.50 -4.11
C ASP B 126 -56.33 -30.64 -3.00
N ASN B 127 -55.63 -29.57 -3.37
CA ASN B 127 -55.12 -28.59 -2.42
C ASN B 127 -54.33 -29.28 -1.31
N ASP B 128 -53.54 -30.29 -1.70
CA ASP B 128 -52.74 -31.00 -0.72
C ASP B 128 -51.49 -31.55 -1.38
N THR B 129 -50.35 -31.23 -0.76
CA THR B 129 -48.99 -31.59 -1.16
C THR B 129 -48.65 -33.07 -1.19
N THR B 130 -49.30 -33.93 -0.41
CA THR B 130 -48.86 -35.32 -0.31
C THR B 130 -48.77 -36.00 -1.69
N PRO B 131 -47.61 -36.60 -2.02
CA PRO B 131 -47.56 -37.46 -3.21
C PRO B 131 -48.73 -38.45 -3.20
N ASN B 132 -49.49 -38.44 -4.31
CA ASN B 132 -50.61 -39.38 -4.41
C ASN B 132 -50.73 -39.76 -5.88
N GLU B 133 -49.99 -40.78 -6.29
CA GLU B 133 -50.03 -41.21 -7.68
C GLU B 133 -51.38 -41.81 -8.06
N GLU B 134 -52.34 -41.85 -7.13
CA GLU B 134 -53.72 -42.13 -7.50
C GLU B 134 -54.44 -40.92 -8.05
N LEU B 135 -53.82 -39.73 -8.02
CA LEU B 135 -54.38 -38.53 -8.64
C LEU B 135 -53.82 -38.28 -10.03
N LEU B 136 -53.23 -39.31 -10.64
CA LEU B 136 -52.65 -39.19 -11.97
C LEU B 136 -53.73 -39.35 -13.03
N ILE B 137 -53.90 -38.33 -13.87
CA ILE B 137 -54.88 -38.40 -14.94
C ILE B 137 -54.30 -39.09 -16.17
N GLU B 138 -53.13 -38.62 -16.62
CA GLU B 138 -52.54 -39.15 -17.85
C GLU B 138 -51.03 -38.91 -17.81
N ARG B 139 -50.30 -39.84 -18.42
CA ARG B 139 -48.87 -39.70 -18.63
C ARG B 139 -48.55 -40.01 -20.08
N VAL B 140 -47.84 -39.09 -20.74
CA VAL B 140 -47.43 -39.28 -22.13
C VAL B 140 -45.93 -39.01 -22.24
N SER B 141 -45.31 -39.59 -23.26
CA SER B 141 -43.87 -39.50 -23.44
C SER B 141 -43.53 -39.38 -24.92
N HIS B 142 -42.41 -38.72 -25.20
CA HIS B 142 -41.96 -38.52 -26.57
C HIS B 142 -40.44 -38.44 -26.56
N ALA B 143 -39.79 -39.30 -27.34
CA ALA B 143 -38.34 -39.33 -27.46
C ALA B 143 -37.92 -38.86 -28.84
N GLY B 144 -37.07 -37.84 -28.89
CA GLY B 144 -36.68 -37.28 -30.17
C GLY B 144 -35.45 -36.41 -30.07
N MET B 145 -35.35 -35.50 -31.05
CA MET B 145 -34.18 -34.67 -31.26
C MET B 145 -34.64 -33.27 -31.65
N ILE B 146 -33.98 -32.25 -31.12
CA ILE B 146 -34.36 -30.87 -31.41
C ILE B 146 -33.13 -29.98 -31.29
N ASN B 147 -33.11 -28.90 -32.08
CA ASN B 147 -32.04 -27.93 -32.12
C ASN B 147 -32.54 -26.56 -31.66
N PRO B 148 -31.66 -25.71 -31.15
CA PRO B 148 -32.08 -24.35 -30.78
C PRO B 148 -32.55 -23.60 -32.02
N GLU B 149 -33.82 -23.19 -32.00
CA GLU B 149 -34.42 -22.56 -33.16
C GLU B 149 -35.52 -21.63 -32.71
N ASP B 150 -35.89 -20.71 -33.60
CA ASP B 150 -36.93 -19.73 -33.30
C ASP B 150 -38.31 -20.37 -33.26
N ARG B 151 -38.55 -21.36 -34.11
CA ARG B 151 -39.90 -21.84 -34.39
C ARG B 151 -40.30 -22.99 -33.47
N TRP B 152 -41.55 -22.92 -33.00
CA TRP B 152 -42.10 -23.95 -32.14
C TRP B 152 -42.40 -25.20 -32.95
N LYS B 153 -42.42 -26.33 -32.25
CA LYS B 153 -42.70 -27.62 -32.84
C LYS B 153 -43.92 -28.23 -32.16
N SER B 154 -44.91 -28.61 -32.95
CA SER B 154 -46.18 -29.06 -32.41
C SER B 154 -46.17 -30.57 -32.22
N LEU B 155 -46.72 -31.02 -31.10
CA LEU B 155 -46.80 -32.43 -30.75
C LEU B 155 -48.24 -32.78 -30.39
N HIS B 156 -48.64 -34.00 -30.75
CA HIS B 156 -50.01 -34.46 -30.55
C HIS B 156 -49.99 -35.78 -29.79
N PHE B 157 -50.73 -35.83 -28.68
CA PHE B 157 -50.76 -37.01 -27.81
C PHE B 157 -52.21 -37.43 -27.55
N SER B 158 -52.45 -38.73 -27.57
CA SER B 158 -53.79 -39.29 -27.30
C SER B 158 -53.62 -40.59 -26.52
N GLY B 159 -53.60 -40.48 -25.20
CA GLY B 159 -53.38 -41.64 -24.34
C GLY B 159 -54.64 -42.43 -24.07
N HIS B 160 -54.64 -43.12 -22.92
CA HIS B 160 -55.78 -43.94 -22.54
C HIS B 160 -56.94 -43.13 -21.99
N VAL B 161 -56.68 -41.93 -21.46
CA VAL B 161 -57.69 -41.11 -20.81
C VAL B 161 -57.89 -39.78 -21.54
N ALA B 162 -56.80 -39.09 -21.84
CA ALA B 162 -56.88 -37.71 -22.31
C ALA B 162 -56.11 -37.50 -23.60
N HIS B 163 -56.53 -36.48 -24.36
CA HIS B 163 -55.80 -36.01 -25.53
C HIS B 163 -55.07 -34.72 -25.15
N LEU B 164 -53.84 -34.59 -25.62
CA LEU B 164 -53.04 -33.40 -25.32
C LEU B 164 -52.48 -32.79 -26.60
N GLU B 165 -52.37 -31.46 -26.59
CA GLU B 165 -51.76 -30.71 -27.66
C GLU B 165 -50.78 -29.71 -27.06
N LEU B 166 -49.53 -29.74 -27.53
CA LEU B 166 -48.52 -28.87 -26.95
C LEU B 166 -47.44 -28.57 -27.97
N GLN B 167 -46.73 -27.47 -27.75
CA GLN B 167 -45.62 -27.07 -28.60
C GLN B 167 -44.38 -26.86 -27.73
N ILE B 168 -43.22 -27.23 -28.27
CA ILE B 168 -41.95 -27.14 -27.54
C ILE B 168 -40.90 -26.48 -28.44
N ARG B 169 -39.85 -25.98 -27.80
CA ARG B 169 -38.72 -25.39 -28.50
C ARG B 169 -37.60 -25.15 -27.50
N VAL B 170 -36.40 -24.93 -28.04
CA VAL B 170 -35.22 -24.60 -27.26
C VAL B 170 -34.60 -23.33 -27.82
N ARG B 171 -34.23 -22.41 -26.94
CA ARG B 171 -33.57 -21.17 -27.36
C ARG B 171 -32.37 -20.93 -26.47
N CYS B 172 -31.29 -20.42 -27.06
CA CYS B 172 -30.11 -20.07 -26.28
C CYS B 172 -30.32 -18.72 -25.57
N ASP B 173 -29.57 -18.53 -24.49
CA ASP B 173 -29.51 -17.22 -23.87
C ASP B 173 -28.82 -16.23 -24.79
N GLU B 174 -28.84 -14.95 -24.41
CA GLU B 174 -28.11 -13.96 -25.16
C GLU B 174 -26.63 -14.07 -24.82
N ASN B 175 -25.80 -13.85 -25.83
CA ASN B 175 -24.35 -14.06 -25.80
C ASN B 175 -23.99 -15.55 -25.77
N TYR B 176 -24.91 -16.41 -26.17
CA TYR B 176 -24.67 -17.85 -26.26
C TYR B 176 -25.18 -18.35 -27.61
N TYR B 177 -24.36 -19.15 -28.30
CA TYR B 177 -24.65 -19.53 -29.68
C TYR B 177 -24.35 -21.02 -29.85
N SER B 178 -24.37 -21.47 -31.11
CA SER B 178 -24.15 -22.86 -31.52
C SER B 178 -25.32 -23.76 -31.14
N ALA B 179 -25.39 -24.95 -31.75
CA ALA B 179 -26.50 -25.87 -31.48
C ALA B 179 -26.46 -26.43 -30.06
N THR B 180 -25.37 -26.19 -29.34
CA THR B 180 -25.25 -26.61 -27.94
C THR B 180 -25.56 -25.49 -26.96
N CYS B 181 -25.66 -24.24 -27.43
CA CYS B 181 -25.86 -23.06 -26.59
C CYS B 181 -24.69 -22.84 -25.63
N ASN B 182 -23.52 -23.41 -25.92
CA ASN B 182 -22.38 -23.37 -25.02
C ASN B 182 -21.22 -22.52 -25.54
N LYS B 183 -21.41 -21.80 -26.65
CA LYS B 183 -20.36 -20.93 -27.18
C LYS B 183 -20.69 -19.49 -26.80
N PHE B 184 -19.77 -18.86 -26.08
CA PHE B 184 -20.01 -17.55 -25.49
C PHE B 184 -19.36 -16.46 -26.33
N CYS B 185 -20.12 -15.40 -26.58
CA CYS B 185 -19.64 -14.23 -27.33
C CYS B 185 -20.47 -13.03 -26.90
N ARG B 186 -19.79 -11.98 -26.42
CA ARG B 186 -20.47 -10.77 -25.99
C ARG B 186 -19.90 -9.56 -26.72
N PRO B 187 -20.75 -8.72 -27.31
CA PRO B 187 -20.24 -7.53 -27.99
C PRO B 187 -19.67 -6.52 -27.00
N ARG B 188 -18.61 -5.83 -27.42
CA ARG B 188 -17.94 -4.85 -26.57
C ARG B 188 -17.36 -3.76 -27.47
N ASN B 189 -16.91 -2.65 -26.84
CA ASN B 189 -16.22 -1.59 -27.58
C ASN B 189 -15.22 -0.91 -26.63
N ASP B 190 -14.08 -1.55 -26.45
CA ASP B 190 -13.06 -0.96 -25.60
C ASP B 190 -11.68 -1.43 -26.08
N PHE B 191 -10.70 -1.30 -25.20
CA PHE B 191 -9.34 -1.64 -25.58
C PHE B 191 -9.17 -3.11 -25.89
N PHE B 192 -10.05 -3.98 -25.40
CA PHE B 192 -9.88 -5.41 -25.64
C PHE B 192 -10.53 -5.88 -26.94
N GLY B 193 -11.10 -4.99 -27.73
CA GLY B 193 -11.67 -5.32 -29.02
C GLY B 193 -12.85 -4.42 -29.33
N HIS B 194 -13.24 -4.43 -30.62
CA HIS B 194 -14.37 -3.65 -31.13
C HIS B 194 -15.11 -4.54 -32.12
N TYR B 195 -15.98 -5.40 -31.60
CA TYR B 195 -16.60 -6.43 -32.41
C TYR B 195 -18.06 -6.63 -32.00
N THR B 196 -18.78 -7.32 -32.88
CA THR B 196 -20.11 -7.82 -32.61
C THR B 196 -20.12 -9.32 -32.89
N CYS B 197 -21.15 -10.00 -32.43
CA CYS B 197 -21.24 -11.45 -32.58
C CYS B 197 -22.19 -11.79 -33.72
N ASP B 198 -21.87 -12.84 -34.46
CA ASP B 198 -22.73 -13.31 -35.54
C ASP B 198 -23.68 -14.37 -35.05
N GLN B 199 -24.01 -15.35 -35.91
CA GLN B 199 -24.94 -16.39 -35.51
C GLN B 199 -24.27 -17.58 -34.85
N TYR B 200 -23.01 -17.86 -35.18
CA TYR B 200 -22.26 -18.94 -34.55
C TYR B 200 -21.34 -18.42 -33.44
N GLY B 201 -21.62 -17.24 -32.91
CA GLY B 201 -20.79 -16.71 -31.84
C GLY B 201 -19.39 -16.33 -32.26
N ASN B 202 -19.19 -15.98 -33.53
CA ASN B 202 -17.90 -15.51 -33.99
C ASN B 202 -17.85 -13.99 -33.95
N LYS B 203 -16.64 -13.45 -33.73
CA LYS B 203 -16.46 -12.02 -33.62
C LYS B 203 -16.45 -11.39 -35.01
N ALA B 204 -17.35 -10.43 -35.23
CA ALA B 204 -17.45 -9.69 -36.48
C ALA B 204 -17.08 -8.24 -36.20
N CYS B 205 -15.93 -7.81 -36.70
CA CYS B 205 -15.44 -6.46 -36.41
C CYS B 205 -16.45 -5.40 -36.82
N MET B 206 -16.53 -4.36 -36.01
CA MET B 206 -17.40 -3.24 -36.34
C MET B 206 -16.86 -2.48 -37.54
N ASP B 207 -17.71 -1.66 -38.14
CA ASP B 207 -17.32 -0.94 -39.35
C ASP B 207 -16.21 0.04 -39.01
N GLY B 208 -15.06 -0.12 -39.64
CA GLY B 208 -13.90 0.70 -39.38
C GLY B 208 -12.82 0.06 -38.54
N TRP B 209 -12.90 -1.26 -38.31
CA TRP B 209 -11.92 -1.96 -37.50
C TRP B 209 -11.51 -3.25 -38.20
N MET B 210 -10.33 -3.74 -37.85
CA MET B 210 -9.80 -5.00 -38.38
C MET B 210 -8.78 -5.54 -37.38
N GLY B 211 -8.05 -6.55 -37.79
CA GLY B 211 -7.03 -7.15 -36.95
C GLY B 211 -7.42 -8.46 -36.32
N LYS B 212 -6.67 -8.81 -35.26
CA LYS B 212 -6.78 -10.08 -34.57
C LYS B 212 -8.12 -10.21 -33.83
N GLU B 213 -8.35 -9.38 -32.82
CA GLU B 213 -9.61 -9.34 -32.11
C GLU B 213 -10.33 -8.01 -32.38
N CYS B 214 -10.30 -7.56 -33.63
CA CYS B 214 -10.80 -6.23 -34.00
C CYS B 214 -10.10 -5.19 -33.14
N LYS B 215 -8.78 -5.33 -33.06
CA LYS B 215 -7.94 -4.50 -32.20
C LYS B 215 -7.29 -3.34 -32.94
N GLU B 216 -7.10 -3.46 -34.24
CA GLU B 216 -6.51 -2.42 -35.06
C GLU B 216 -7.59 -1.61 -35.76
N ALA B 217 -7.29 -0.34 -35.99
CA ALA B 217 -8.26 0.60 -36.55
C ALA B 217 -7.89 0.91 -37.99
N VAL B 218 -8.91 1.26 -38.78
CA VAL B 218 -8.67 1.64 -40.17
C VAL B 218 -8.34 3.12 -40.22
N CYS B 219 -7.17 3.43 -40.77
CA CYS B 219 -6.83 4.82 -40.98
C CYS B 219 -7.47 5.31 -42.27
N LYS B 220 -7.64 6.63 -42.37
CA LYS B 220 -8.18 7.23 -43.57
C LYS B 220 -7.42 6.73 -44.80
N GLN B 221 -8.19 6.43 -45.85
CA GLN B 221 -7.61 5.93 -47.10
C GLN B 221 -6.75 7.02 -47.73
N GLY B 222 -5.50 6.66 -48.05
CA GLY B 222 -4.55 7.61 -48.54
C GLY B 222 -3.61 8.16 -47.49
N CYS B 223 -3.78 7.77 -46.23
CA CYS B 223 -2.88 8.20 -45.18
C CYS B 223 -1.51 7.60 -45.40
N ASN B 224 -0.48 8.45 -45.41
CA ASN B 224 0.88 7.97 -45.57
C ASN B 224 1.30 7.29 -44.28
N LEU B 225 1.17 5.96 -44.25
CA LEU B 225 1.43 5.19 -43.03
C LEU B 225 2.92 5.03 -42.74
N LEU B 226 3.79 5.70 -43.47
CA LEU B 226 5.17 5.91 -43.05
C LEU B 226 5.36 7.19 -42.25
N HIS B 227 4.39 8.09 -42.25
CA HIS B 227 4.47 9.36 -41.54
C HIS B 227 3.32 9.59 -40.59
N GLY B 228 2.37 8.64 -40.50
CA GLY B 228 1.25 8.80 -39.60
C GLY B 228 0.57 7.47 -39.34
N GLY B 229 -0.46 7.53 -38.52
CA GLY B 229 -1.23 6.36 -38.16
C GLY B 229 -2.58 6.80 -37.69
N CYS B 230 -3.22 5.94 -36.90
CA CYS B 230 -4.54 6.27 -36.39
C CYS B 230 -4.88 5.41 -35.18
N THR B 231 -5.55 6.01 -34.20
CA THR B 231 -6.20 5.29 -33.12
C THR B 231 -7.72 5.29 -33.23
N VAL B 232 -8.29 6.28 -33.93
CA VAL B 232 -9.72 6.34 -34.22
C VAL B 232 -9.90 6.01 -35.70
N PRO B 233 -10.93 5.25 -36.07
CA PRO B 233 -11.15 4.96 -37.50
C PRO B 233 -11.39 6.24 -38.30
N GLY B 234 -10.89 6.23 -39.54
CA GLY B 234 -11.13 7.33 -40.46
C GLY B 234 -10.29 8.56 -40.23
N GLU B 235 -9.23 8.48 -39.44
CA GLU B 235 -8.37 9.62 -39.17
C GLU B 235 -6.95 9.32 -39.63
N CYS B 236 -6.15 10.39 -39.70
CA CYS B 236 -4.76 10.30 -40.14
C CYS B 236 -3.98 11.34 -39.33
N ARG B 237 -3.26 10.88 -38.31
CA ARG B 237 -2.46 11.73 -37.45
C ARG B 237 -0.98 11.47 -37.68
N CYS B 238 -0.22 12.54 -37.90
CA CYS B 238 1.15 12.46 -38.38
C CYS B 238 2.15 12.31 -37.24
N SER B 239 3.24 11.60 -37.52
CA SER B 239 4.39 11.59 -36.62
C SER B 239 5.04 12.97 -36.60
N TYR B 240 5.96 13.16 -35.65
CA TYR B 240 6.63 14.45 -35.55
C TYR B 240 7.50 14.67 -36.78
N GLY B 241 7.30 15.82 -37.44
CA GLY B 241 8.04 16.18 -38.64
C GLY B 241 7.23 16.15 -39.92
N TRP B 242 5.95 15.81 -39.86
CA TRP B 242 5.12 15.74 -41.07
C TRP B 242 3.76 16.34 -40.76
N GLN B 243 3.08 16.76 -41.84
CA GLN B 243 1.79 17.43 -41.72
C GLN B 243 0.99 17.18 -42.99
N GLY B 244 -0.24 17.66 -43.00
CA GLY B 244 -1.10 17.56 -44.16
C GLY B 244 -2.28 16.62 -43.94
N ARG B 245 -3.19 16.64 -44.91
CA ARG B 245 -4.37 15.78 -44.85
C ARG B 245 -3.98 14.31 -44.84
N PHE B 246 -2.95 13.95 -45.61
CA PHE B 246 -2.46 12.57 -45.67
C PHE B 246 -1.10 12.40 -45.02
N CYS B 247 -0.61 13.41 -44.30
CA CYS B 247 0.71 13.39 -43.68
C CYS B 247 1.81 13.20 -44.71
N ASP B 248 1.71 13.96 -45.81
CA ASP B 248 2.67 13.87 -46.91
C ASP B 248 3.62 15.06 -47.00
N GLU B 249 3.42 16.11 -46.21
CA GLU B 249 4.20 17.34 -46.32
C GLU B 249 5.18 17.44 -45.16
N CYS B 250 6.42 17.82 -45.47
CA CYS B 250 7.40 18.04 -44.42
C CYS B 250 6.99 19.21 -43.54
N VAL B 251 7.52 19.22 -42.33
CA VAL B 251 7.37 20.33 -41.40
C VAL B 251 8.72 21.07 -41.36
N PRO B 252 8.76 22.35 -41.68
CA PRO B 252 10.04 23.06 -41.72
C PRO B 252 10.61 23.24 -40.31
N TYR B 253 11.85 23.72 -40.28
CA TYR B 253 12.52 24.00 -39.02
C TYR B 253 11.66 24.91 -38.15
N PRO B 254 11.53 24.62 -36.85
CA PRO B 254 10.63 25.43 -36.00
C PRO B 254 11.06 26.89 -35.96
N GLY B 255 10.19 27.76 -36.49
CA GLY B 255 10.45 29.18 -36.60
C GLY B 255 10.69 29.66 -38.01
N CYS B 256 10.77 28.75 -38.99
CA CYS B 256 10.99 29.14 -40.38
C CYS B 256 9.88 30.06 -40.85
N VAL B 257 10.25 31.13 -41.56
CA VAL B 257 9.28 32.13 -41.99
C VAL B 257 9.21 32.15 -43.51
N HIS B 258 10.22 32.73 -44.16
CA HIS B 258 10.27 32.82 -45.61
C HIS B 258 11.21 31.75 -46.17
N GLY B 259 10.90 30.50 -45.84
CA GLY B 259 11.68 29.37 -46.29
C GLY B 259 10.81 28.16 -46.54
N SER B 260 11.42 27.14 -47.14
CA SER B 260 10.69 25.94 -47.52
C SER B 260 11.48 24.70 -47.12
N CYS B 261 10.78 23.56 -47.11
CA CYS B 261 11.40 22.26 -46.88
C CYS B 261 10.97 21.30 -47.97
N VAL B 262 11.77 20.24 -48.14
CA VAL B 262 11.35 19.03 -48.83
C VAL B 262 11.49 17.81 -47.93
N GLU B 263 12.53 17.80 -47.10
CA GLU B 263 12.69 16.85 -46.01
C GLU B 263 12.48 17.57 -44.69
N PRO B 264 12.09 16.85 -43.62
CA PRO B 264 11.73 17.52 -42.36
C PRO B 264 12.85 18.39 -41.80
N TRP B 265 12.43 19.45 -41.12
CA TRP B 265 13.28 20.37 -40.37
C TRP B 265 14.28 21.13 -41.25
N GLN B 266 14.00 21.23 -42.55
CA GLN B 266 14.77 22.12 -43.42
C GLN B 266 14.13 23.50 -43.45
N CYS B 267 14.90 24.47 -43.95
CA CYS B 267 14.43 25.85 -44.03
C CYS B 267 15.25 26.61 -45.07
N ASN B 268 15.03 26.31 -46.35
CA ASN B 268 15.77 26.94 -47.43
C ASN B 268 15.23 28.35 -47.66
N CYS B 269 16.08 29.36 -47.43
CA CYS B 269 15.62 30.73 -47.53
C CYS B 269 15.35 31.10 -48.99
N GLU B 270 14.33 31.92 -49.20
CA GLU B 270 14.15 32.53 -50.50
C GLU B 270 15.27 33.54 -50.75
N THR B 271 15.34 34.03 -51.99
CA THR B 271 16.34 35.05 -52.29
C THR B 271 15.96 36.35 -51.60
N ASN B 272 16.98 37.06 -51.10
CA ASN B 272 16.83 38.29 -50.32
C ASN B 272 16.23 38.02 -48.95
N TRP B 273 16.51 36.84 -48.40
CA TRP B 273 16.14 36.49 -47.03
C TRP B 273 17.26 35.67 -46.42
N GLY B 274 17.64 36.01 -45.20
CA GLY B 274 18.76 35.36 -44.53
C GLY B 274 18.41 34.93 -43.12
N GLY B 275 19.40 34.37 -42.45
CA GLY B 275 19.25 33.89 -41.09
C GLY B 275 18.83 32.44 -41.01
N LEU B 276 18.92 31.89 -39.81
CA LEU B 276 18.57 30.49 -39.60
C LEU B 276 17.11 30.23 -39.91
N LEU B 277 16.24 31.18 -39.57
CA LEU B 277 14.80 31.01 -39.76
C LEU B 277 14.29 31.73 -41.00
N CYS B 278 15.18 32.29 -41.82
CA CYS B 278 14.81 33.07 -43.01
C CYS B 278 13.85 34.19 -42.64
N ASP B 279 14.20 34.94 -41.60
CA ASP B 279 13.39 36.06 -41.13
C ASP B 279 14.10 37.41 -41.26
N LYS B 280 15.31 37.44 -41.81
CA LYS B 280 16.08 38.67 -41.94
C LYS B 280 15.90 39.23 -43.34
N ASP B 281 15.45 40.48 -43.43
CA ASP B 281 15.30 41.17 -44.71
C ASP B 281 16.68 41.59 -45.22
N LEU B 282 17.02 41.17 -46.44
CA LEU B 282 18.34 41.43 -47.00
C LEU B 282 18.30 42.46 -48.14
N ASN B 283 17.26 43.28 -48.19
CA ASN B 283 17.20 44.40 -49.12
C ASN B 283 17.86 45.60 -48.48
N GLY B 284 18.74 46.26 -49.23
CA GLY B 284 19.44 47.43 -48.73
C GLY B 284 20.62 47.08 -47.85
N MET C 1 7.33 -9.01 -15.44
CA MET C 1 8.49 -8.77 -16.29
C MET C 1 8.11 -8.05 -17.58
N GLY C 2 8.88 -7.03 -17.94
CA GLY C 2 8.64 -6.28 -19.14
C GLY C 2 9.85 -5.48 -19.54
N TYR C 3 9.60 -4.41 -20.31
CA TYR C 3 10.68 -3.52 -20.71
C TYR C 3 10.12 -2.13 -20.98
N PHE C 4 10.90 -1.11 -20.62
CA PHE C 4 10.56 0.29 -20.81
C PHE C 4 11.28 0.79 -22.05
N GLU C 5 10.52 1.35 -22.99
CA GLU C 5 11.08 1.82 -24.26
C GLU C 5 11.00 3.34 -24.35
N LEU C 6 11.97 3.93 -25.04
CA LEU C 6 12.03 5.36 -25.28
C LEU C 6 12.63 5.60 -26.65
N GLN C 7 11.92 6.34 -27.50
CA GLN C 7 12.35 6.64 -28.86
C GLN C 7 12.54 8.14 -29.01
N LEU C 8 13.78 8.55 -29.29
CA LEU C 8 14.07 9.94 -29.61
C LEU C 8 13.82 10.18 -31.10
N SER C 9 13.16 11.30 -31.41
CA SER C 9 12.86 11.65 -32.79
C SER C 9 13.44 12.99 -33.25
N ALA C 10 13.73 13.92 -32.35
CA ALA C 10 14.29 15.20 -32.75
C ALA C 10 15.00 15.87 -31.59
N LEU C 11 15.99 16.70 -31.93
CA LEU C 11 16.68 17.53 -30.95
C LEU C 11 17.21 18.76 -31.68
N ARG C 12 17.14 19.91 -31.00
CA ARG C 12 17.46 21.19 -31.60
C ARG C 12 18.30 22.01 -30.63
N ASN C 13 19.48 22.45 -31.08
CA ASN C 13 20.37 23.28 -30.26
C ASN C 13 20.90 24.40 -31.16
N VAL C 14 20.32 25.59 -31.01
CA VAL C 14 20.49 26.70 -31.96
C VAL C 14 21.96 27.12 -32.09
N ASN C 15 22.55 27.70 -31.03
CA ASN C 15 23.91 28.23 -31.09
C ASN C 15 24.96 27.14 -30.92
N GLY C 16 24.55 25.88 -30.71
CA GLY C 16 25.50 24.85 -30.35
C GLY C 16 26.21 25.17 -29.05
N GLU C 17 25.45 25.26 -27.96
CA GLU C 17 25.98 25.58 -26.64
C GLU C 17 26.14 24.34 -25.77
N LEU C 18 26.70 24.58 -24.59
CA LEU C 18 26.52 23.76 -23.40
C LEU C 18 25.68 24.54 -22.40
N LEU C 19 25.17 23.85 -21.38
CA LEU C 19 24.35 24.52 -20.39
C LEU C 19 25.17 25.54 -19.59
N SER C 20 26.48 25.33 -19.49
CA SER C 20 27.34 26.28 -18.78
C SER C 20 27.33 27.65 -19.46
N GLY C 21 27.29 27.66 -20.79
CA GLY C 21 27.27 28.91 -21.52
C GLY C 21 28.25 28.92 -22.67
N ALA C 22 29.31 28.14 -22.56
CA ALA C 22 30.33 28.07 -23.60
C ALA C 22 29.81 27.29 -24.80
N CYS C 23 30.68 27.11 -25.79
CA CYS C 23 30.35 26.34 -26.98
C CYS C 23 31.00 24.97 -26.93
N CYS C 24 30.35 24.00 -27.58
CA CYS C 24 30.76 22.61 -27.54
C CYS C 24 32.22 22.44 -27.95
N ASP C 25 32.53 22.66 -29.22
CA ASP C 25 33.89 22.60 -29.74
C ASP C 25 34.25 23.95 -30.32
N GLY C 26 35.41 24.47 -29.92
CA GLY C 26 35.82 25.80 -30.34
C GLY C 26 36.01 26.72 -29.15
N ASP C 27 35.12 27.71 -29.00
CA ASP C 27 35.16 28.70 -27.93
C ASP C 27 36.40 29.59 -28.07
N GLY C 28 36.43 30.41 -29.13
CA GLY C 28 37.58 31.25 -29.42
C GLY C 28 38.19 30.96 -30.77
N ARG C 29 38.51 29.68 -31.02
CA ARG C 29 39.09 29.22 -32.28
C ARG C 29 38.40 29.80 -33.52
N CYS C 36 27.57 28.57 -33.37
CA CYS C 36 28.85 28.98 -32.79
C CYS C 36 30.02 28.43 -33.57
N GLY C 37 30.00 28.65 -34.89
CA GLY C 37 31.13 28.28 -35.71
C GLY C 37 30.93 27.02 -36.53
N HIS C 38 31.98 26.23 -36.65
CA HIS C 38 32.01 25.13 -37.59
C HIS C 38 31.88 23.78 -36.90
N ASP C 39 32.74 23.50 -35.92
CA ASP C 39 32.71 22.24 -35.20
C ASP C 39 31.45 22.17 -34.35
N GLU C 40 30.52 21.31 -34.76
CA GLU C 40 29.24 21.17 -34.07
C GLU C 40 29.37 20.21 -32.90
N CYS C 41 28.33 20.18 -32.06
CA CYS C 41 28.30 19.29 -30.91
C CYS C 41 28.18 17.84 -31.38
N ASP C 42 28.89 16.94 -30.69
CA ASP C 42 28.82 15.51 -30.98
C ASP C 42 27.83 14.88 -30.00
N THR C 43 26.55 15.06 -30.31
CA THR C 43 25.47 14.89 -29.34
C THR C 43 25.14 13.43 -29.13
N TYR C 44 25.02 13.01 -27.87
CA TYR C 44 24.50 11.70 -27.50
C TYR C 44 23.61 11.84 -26.28
N VAL C 45 22.83 10.79 -26.00
CA VAL C 45 21.73 10.83 -25.04
C VAL C 45 21.94 9.79 -23.95
N ARG C 46 21.51 10.14 -22.73
CA ARG C 46 21.46 9.21 -21.61
C ARG C 46 20.09 9.29 -20.96
N VAL C 47 19.55 8.13 -20.58
CA VAL C 47 18.21 8.01 -20.00
C VAL C 47 18.32 7.40 -18.60
N CYS C 48 17.59 7.97 -17.64
CA CYS C 48 17.62 7.54 -16.25
C CYS C 48 16.20 7.40 -15.76
N LEU C 49 15.86 6.21 -15.29
CA LEU C 49 14.51 5.87 -14.86
C LEU C 49 14.56 5.48 -13.39
N LYS C 50 13.71 6.11 -12.58
CA LYS C 50 13.71 5.87 -11.13
C LYS C 50 12.30 6.07 -10.60
N GLU C 51 12.17 6.04 -9.29
CA GLU C 51 10.86 6.12 -8.66
C GLU C 51 10.29 7.53 -8.76
N TYR C 52 8.97 7.62 -8.60
CA TYR C 52 8.29 8.90 -8.73
C TYR C 52 8.78 9.89 -7.67
N GLN C 53 8.82 11.16 -8.05
CA GLN C 53 9.18 12.24 -7.15
C GLN C 53 8.16 13.35 -7.29
N ALA C 54 7.54 13.74 -6.17
CA ALA C 54 6.65 14.89 -6.18
C ALA C 54 7.36 16.12 -6.72
N LYS C 55 8.62 16.29 -6.36
CA LYS C 55 9.50 17.29 -6.96
C LYS C 55 10.78 16.59 -7.39
N VAL C 56 11.19 16.83 -8.63
CA VAL C 56 12.28 16.07 -9.24
C VAL C 56 13.63 16.59 -8.74
N THR C 57 14.58 15.66 -8.58
CA THR C 57 15.98 15.95 -8.29
C THR C 57 16.85 15.55 -9.47
N PRO C 58 17.83 16.37 -9.84
CA PRO C 58 18.58 16.11 -11.08
C PRO C 58 19.43 14.84 -11.04
N THR C 59 19.91 14.43 -9.88
CA THR C 59 20.74 13.23 -9.81
C THR C 59 20.30 12.28 -8.71
N GLY C 60 21.06 11.22 -8.48
CA GLY C 60 20.66 10.13 -7.61
C GLY C 60 20.70 8.81 -8.34
N PRO C 61 20.31 7.72 -7.67
CA PRO C 61 20.34 6.41 -8.32
C PRO C 61 19.18 6.23 -9.28
N CYS C 62 19.49 5.70 -10.47
CA CYS C 62 18.48 5.37 -11.48
C CYS C 62 17.89 4.01 -11.10
N SER C 63 16.91 4.06 -10.20
CA SER C 63 16.46 2.86 -9.49
C SER C 63 15.85 1.83 -10.43
N TYR C 64 15.23 2.27 -11.53
CA TYR C 64 14.54 1.36 -12.42
C TYR C 64 15.36 0.98 -13.65
N GLY C 65 16.50 1.63 -13.87
CA GLY C 65 17.35 1.29 -14.99
C GLY C 65 17.89 2.50 -15.73
N HIS C 66 18.71 2.28 -16.75
CA HIS C 66 19.32 3.38 -17.48
C HIS C 66 19.86 2.86 -18.81
N GLY C 67 20.16 3.80 -19.71
CA GLY C 67 20.71 3.46 -21.01
C GLY C 67 21.38 4.66 -21.61
N ALA C 68 22.01 4.44 -22.77
CA ALA C 68 22.72 5.52 -23.45
C ALA C 68 22.83 5.19 -24.93
N THR C 69 22.91 6.24 -25.74
CA THR C 69 22.99 6.13 -27.19
C THR C 69 24.39 6.51 -27.68
N PRO C 70 24.77 6.08 -28.88
CA PRO C 70 25.98 6.65 -29.51
C PRO C 70 25.74 8.09 -29.93
N VAL C 71 26.62 8.66 -30.73
CA VAL C 71 26.40 10.00 -31.27
C VAL C 71 25.39 9.90 -32.40
N LEU C 72 24.39 10.80 -32.39
CA LEU C 72 23.32 10.77 -33.37
C LEU C 72 23.34 11.93 -34.36
N GLY C 73 23.99 13.04 -34.03
CA GLY C 73 24.00 14.17 -34.92
C GLY C 73 24.92 15.27 -34.47
N GLY C 74 24.63 16.48 -34.95
CA GLY C 74 25.41 17.66 -34.60
C GLY C 74 24.72 18.55 -33.59
N ASN C 75 24.58 19.84 -33.92
CA ASN C 75 23.83 20.75 -33.06
C ASN C 75 22.35 20.41 -33.06
N SER C 76 21.80 20.18 -34.24
CA SER C 76 20.41 19.74 -34.38
C SER C 76 20.34 18.57 -35.35
N PHE C 77 19.37 17.70 -35.13
CA PHE C 77 19.22 16.52 -35.97
C PHE C 77 17.80 15.99 -35.82
N TYR C 78 17.31 15.37 -36.88
CA TYR C 78 15.99 14.76 -36.95
C TYR C 78 16.17 13.31 -37.35
N LEU C 79 15.52 12.40 -36.62
CA LEU C 79 15.59 11.00 -36.98
C LEU C 79 14.26 10.55 -37.56
N PRO C 80 14.27 9.83 -38.66
CA PRO C 80 13.02 9.38 -39.27
C PRO C 80 12.40 8.24 -38.50
N PRO C 81 11.08 8.10 -38.53
CA PRO C 81 10.43 6.99 -37.81
C PRO C 81 9.75 6.00 -38.74
N ALA C 82 8.69 5.36 -38.26
CA ALA C 82 7.99 4.30 -38.97
C ALA C 82 6.49 4.44 -38.72
N GLY C 83 5.75 3.38 -39.04
CA GLY C 83 4.32 3.34 -38.82
C GLY C 83 3.73 1.95 -38.89
N ASP C 100 17.81 0.43 -34.49
CA ASP C 100 17.59 1.88 -34.59
C ASP C 100 18.59 2.63 -33.69
N PRO C 101 18.93 3.87 -34.08
CA PRO C 101 19.95 4.61 -33.34
C PRO C 101 19.38 5.46 -32.20
N GLY C 102 18.13 5.90 -32.33
CA GLY C 102 17.50 6.72 -31.32
C GLY C 102 16.62 6.00 -30.33
N LEU C 103 16.67 4.66 -30.29
CA LEU C 103 15.84 3.86 -29.41
C LEU C 103 16.65 3.41 -28.21
N VAL C 104 16.00 3.39 -27.04
CA VAL C 104 16.61 2.94 -25.79
C VAL C 104 15.62 2.03 -25.09
N VAL C 105 16.08 0.85 -24.68
CA VAL C 105 15.24 -0.16 -24.04
C VAL C 105 15.80 -0.45 -22.66
N ILE C 106 14.94 -0.41 -21.65
CA ILE C 106 15.30 -0.69 -20.27
C ILE C 106 14.40 -1.80 -19.73
N PRO C 107 14.84 -3.05 -19.75
CA PRO C 107 14.01 -4.13 -19.22
C PRO C 107 13.99 -4.11 -17.69
N PHE C 108 12.95 -4.72 -17.14
CA PHE C 108 12.79 -4.79 -15.69
C PHE C 108 12.16 -6.13 -15.30
N GLN C 109 12.56 -6.63 -14.14
CA GLN C 109 12.04 -7.88 -13.60
C GLN C 109 10.93 -7.68 -12.58
N PHE C 110 10.96 -6.57 -11.86
CA PHE C 110 10.00 -6.30 -10.80
C PHE C 110 8.64 -5.89 -11.40
N ALA C 111 7.65 -5.82 -10.52
CA ALA C 111 6.33 -5.34 -10.92
C ALA C 111 6.38 -3.84 -11.20
N TRP C 112 5.85 -3.44 -12.35
CA TRP C 112 5.90 -2.05 -12.77
C TRP C 112 5.06 -1.18 -11.82
N PRO C 113 5.59 -0.05 -11.36
CA PRO C 113 4.86 0.78 -10.37
C PRO C 113 3.93 1.83 -10.96
N ARG C 114 3.79 1.91 -12.29
CA ARG C 114 2.91 2.86 -12.96
C ARG C 114 3.37 4.30 -12.80
N SER C 115 3.64 4.73 -11.56
CA SER C 115 4.26 6.03 -11.33
C SER C 115 5.77 5.92 -11.49
N PHE C 116 6.38 6.96 -12.05
CA PHE C 116 7.81 6.91 -12.34
C PHE C 116 8.36 8.33 -12.48
N THR C 117 9.68 8.42 -12.55
CA THR C 117 10.39 9.66 -12.85
C THR C 117 11.37 9.39 -13.98
N LEU C 118 11.32 10.21 -15.02
CA LEU C 118 12.20 10.08 -16.16
C LEU C 118 13.16 11.27 -16.20
N ILE C 119 14.43 11.00 -16.49
CA ILE C 119 15.43 12.04 -16.68
C ILE C 119 16.19 11.74 -17.97
N VAL C 120 16.23 12.72 -18.87
CA VAL C 120 16.91 12.60 -20.15
C VAL C 120 17.91 13.73 -20.28
N GLU C 121 19.13 13.41 -20.70
CA GLU C 121 20.20 14.39 -20.80
C GLU C 121 20.92 14.25 -22.13
N ALA C 122 21.44 15.37 -22.62
CA ALA C 122 22.17 15.45 -23.87
C ALA C 122 23.60 15.88 -23.61
N TRP C 123 24.55 15.21 -24.25
CA TRP C 123 25.97 15.41 -23.96
C TRP C 123 26.77 15.61 -25.24
N ASP C 124 27.74 16.52 -25.17
CA ASP C 124 28.75 16.66 -26.22
C ASP C 124 29.87 15.66 -25.99
N TRP C 125 30.29 14.99 -27.07
CA TRP C 125 31.29 13.94 -27.01
C TRP C 125 32.59 14.45 -27.61
N ASP C 126 33.71 14.16 -26.92
CA ASP C 126 35.02 14.60 -27.36
C ASP C 126 36.03 13.44 -27.34
N ASN C 127 35.54 12.22 -27.57
CA ASN C 127 36.36 11.00 -27.56
C ASN C 127 37.21 10.91 -26.29
N ASP C 128 36.59 11.18 -25.16
CA ASP C 128 37.27 11.13 -23.86
C ASP C 128 36.38 10.42 -22.86
N THR C 129 36.86 9.30 -22.32
CA THR C 129 36.11 8.51 -21.36
C THR C 129 36.24 9.00 -19.93
N THR C 130 36.73 10.24 -19.72
CA THR C 130 36.96 10.82 -18.41
C THR C 130 35.71 11.55 -17.92
N PRO C 131 35.35 11.35 -16.65
CA PRO C 131 34.25 12.13 -16.06
C PRO C 131 34.46 13.63 -16.24
N ASN C 132 33.38 14.33 -16.58
CA ASN C 132 33.40 15.79 -16.70
C ASN C 132 31.97 16.31 -16.89
N GLU C 133 31.42 16.93 -15.85
CA GLU C 133 30.03 17.40 -15.85
C GLU C 133 29.82 18.65 -16.69
N GLU C 134 30.86 19.23 -17.30
CA GLU C 134 30.69 20.44 -18.09
C GLU C 134 30.35 20.17 -19.54
N LEU C 135 30.38 18.91 -19.98
CA LEU C 135 30.05 18.53 -21.34
C LEU C 135 28.56 18.27 -21.55
N LEU C 136 27.73 18.62 -20.57
CA LEU C 136 26.30 18.34 -20.63
C LEU C 136 25.59 19.45 -21.39
N ILE C 137 24.90 19.08 -22.47
CA ILE C 137 24.20 20.07 -23.28
C ILE C 137 22.87 20.47 -22.63
N GLU C 138 22.13 19.50 -22.08
CA GLU C 138 20.82 19.78 -21.52
C GLU C 138 20.39 18.61 -20.65
N ARG C 139 19.64 18.92 -19.59
CA ARG C 139 19.02 17.90 -18.75
C ARG C 139 17.55 18.25 -18.55
N VAL C 140 16.67 17.29 -18.84
CA VAL C 140 15.23 17.50 -18.68
C VAL C 140 14.65 16.33 -17.90
N SER C 141 13.54 16.58 -17.22
CA SER C 141 12.93 15.59 -16.35
C SER C 141 11.43 15.53 -16.59
N HIS C 142 10.81 14.45 -16.13
CA HIS C 142 9.36 14.28 -16.23
C HIS C 142 8.91 13.25 -15.21
N ALA C 143 7.97 13.63 -14.34
CA ALA C 143 7.40 12.73 -13.35
C ALA C 143 5.92 12.56 -13.65
N GLY C 144 5.52 11.34 -13.92
CA GLY C 144 4.14 11.06 -14.23
C GLY C 144 3.81 9.61 -14.05
N MET C 145 2.70 9.21 -14.67
CA MET C 145 2.20 7.84 -14.61
C MET C 145 2.03 7.30 -16.02
N ILE C 146 2.45 6.05 -16.23
CA ILE C 146 2.28 5.38 -17.51
C ILE C 146 1.86 3.94 -17.24
N ASN C 147 1.05 3.41 -18.14
CA ASN C 147 0.54 2.05 -18.08
C ASN C 147 0.78 1.35 -19.41
N PRO C 148 0.94 0.02 -19.41
CA PRO C 148 1.21 -0.69 -20.69
C PRO C 148 0.03 -0.71 -21.66
N GLU C 149 -0.89 0.24 -21.52
CA GLU C 149 -2.03 0.38 -22.43
C GLU C 149 -2.06 1.71 -23.17
N ASP C 150 -1.37 2.75 -22.65
CA ASP C 150 -1.36 4.05 -23.31
C ASP C 150 -0.52 4.04 -24.57
N ARG C 151 0.35 3.05 -24.74
CA ARG C 151 1.24 2.90 -25.90
C ARG C 151 2.14 4.12 -25.98
N TRP C 152 2.59 4.46 -27.19
CA TRP C 152 3.53 5.56 -27.35
C TRP C 152 2.91 6.87 -26.88
N LYS C 153 3.51 7.46 -25.85
CA LYS C 153 3.11 8.76 -25.34
C LYS C 153 4.16 9.79 -25.76
N SER C 154 3.71 10.89 -26.36
CA SER C 154 4.62 11.92 -26.84
C SER C 154 4.99 12.87 -25.72
N LEU C 155 6.26 13.27 -25.70
CA LEU C 155 6.77 14.21 -24.70
C LEU C 155 7.56 15.31 -25.41
N HIS C 156 7.27 16.56 -25.04
CA HIS C 156 7.90 17.73 -25.64
C HIS C 156 8.62 18.49 -24.54
N PHE C 157 9.94 18.63 -24.68
CA PHE C 157 10.77 19.25 -23.66
C PHE C 157 11.39 20.52 -24.24
N SER C 158 11.15 21.65 -23.58
CA SER C 158 11.70 22.95 -23.97
C SER C 158 12.63 23.42 -22.85
N GLY C 159 13.93 23.27 -23.07
CA GLY C 159 14.92 23.61 -22.06
C GLY C 159 15.58 24.97 -22.32
N HIS C 160 16.52 25.29 -21.43
CA HIS C 160 17.26 26.54 -21.55
C HIS C 160 18.14 26.55 -22.79
N VAL C 161 18.68 25.40 -23.18
CA VAL C 161 19.56 25.28 -24.33
C VAL C 161 18.85 24.58 -25.50
N ALA C 162 18.38 23.37 -25.29
CA ALA C 162 17.89 22.53 -26.38
C ALA C 162 16.42 22.20 -26.17
N HIS C 163 15.80 21.71 -27.25
CA HIS C 163 14.46 21.16 -27.23
C HIS C 163 14.52 19.73 -27.74
N LEU C 164 13.66 18.86 -27.19
CA LEU C 164 13.63 17.46 -27.55
C LEU C 164 12.20 16.99 -27.79
N GLU C 165 12.07 16.07 -28.74
CA GLU C 165 10.81 15.41 -29.05
C GLU C 165 11.04 13.91 -28.99
N LEU C 166 10.29 13.22 -28.13
CA LEU C 166 10.48 11.79 -27.94
C LEU C 166 9.16 11.15 -27.54
N GLN C 167 9.19 9.81 -27.50
CA GLN C 167 8.03 9.01 -27.11
C GLN C 167 8.48 7.91 -26.16
N ILE C 168 7.56 7.48 -25.29
CA ILE C 168 7.82 6.40 -24.34
C ILE C 168 6.62 5.46 -24.31
N ARG C 169 6.86 4.23 -23.87
CA ARG C 169 5.80 3.27 -23.61
C ARG C 169 6.38 2.15 -22.74
N VAL C 170 5.49 1.29 -22.26
CA VAL C 170 5.85 0.14 -21.44
C VAL C 170 5.17 -1.10 -21.99
N ARG C 171 5.93 -2.17 -22.17
CA ARG C 171 5.43 -3.43 -22.70
C ARG C 171 5.74 -4.56 -21.73
N CYS C 172 4.79 -5.48 -21.56
CA CYS C 172 5.00 -6.69 -20.79
C CYS C 172 5.68 -7.75 -21.64
N ASP C 173 6.39 -8.66 -20.99
CA ASP C 173 6.97 -9.79 -21.68
C ASP C 173 5.88 -10.80 -22.04
N GLU C 174 6.26 -11.80 -22.83
CA GLU C 174 5.32 -12.83 -23.23
C GLU C 174 4.86 -13.63 -22.01
N ASN C 175 3.57 -13.98 -22.00
CA ASN C 175 2.92 -14.72 -20.93
C ASN C 175 2.79 -13.92 -19.64
N TYR C 176 2.94 -12.60 -19.71
CA TYR C 176 2.78 -11.73 -18.56
C TYR C 176 1.62 -10.77 -18.79
N TYR C 177 0.87 -10.49 -17.72
CA TYR C 177 -0.36 -9.72 -17.83
C TYR C 177 -0.45 -8.69 -16.72
N SER C 178 -1.61 -8.04 -16.60
CA SER C 178 -1.88 -7.00 -15.59
C SER C 178 -1.09 -5.73 -15.86
N ALA C 179 -1.47 -4.64 -15.18
CA ALA C 179 -0.79 -3.37 -15.37
C ALA C 179 0.61 -3.37 -14.79
N THR C 180 0.91 -4.30 -13.88
CA THR C 180 2.23 -4.43 -13.29
C THR C 180 3.14 -5.39 -14.07
N CYS C 181 2.62 -6.01 -15.13
CA CYS C 181 3.37 -7.00 -15.91
C CYS C 181 3.87 -8.15 -15.03
N ASN C 182 3.17 -8.39 -13.91
CA ASN C 182 3.62 -9.35 -12.91
C ASN C 182 2.63 -10.48 -12.70
N LYS C 183 1.70 -10.69 -13.63
CA LYS C 183 0.75 -11.80 -13.58
C LYS C 183 1.10 -12.77 -14.72
N PHE C 184 1.57 -13.96 -14.36
CA PHE C 184 2.09 -14.91 -15.34
C PHE C 184 1.06 -15.99 -15.64
N CYS C 185 0.88 -16.28 -16.92
CA CYS C 185 0.00 -17.36 -17.37
C CYS C 185 0.55 -17.92 -18.67
N ARG C 186 0.69 -19.25 -18.73
CA ARG C 186 1.08 -19.91 -19.95
C ARG C 186 0.19 -21.13 -20.18
N PRO C 187 -0.43 -21.27 -21.35
CA PRO C 187 -1.31 -22.41 -21.58
C PRO C 187 -0.54 -23.72 -21.57
N ARG C 188 -1.26 -24.79 -21.22
CA ARG C 188 -0.64 -26.11 -21.06
C ARG C 188 -1.67 -27.19 -21.37
N ASN C 189 -1.18 -28.36 -21.79
CA ASN C 189 -1.97 -29.53 -22.12
C ASN C 189 -1.16 -30.78 -21.78
N ASP C 190 -0.92 -30.98 -20.49
CA ASP C 190 -0.32 -32.22 -19.97
C ASP C 190 -0.89 -32.45 -18.57
N PHE C 191 -0.33 -33.42 -17.86
CA PHE C 191 -0.90 -33.82 -16.58
C PHE C 191 -0.48 -32.90 -15.43
N PHE C 192 0.02 -31.71 -15.74
CA PHE C 192 0.11 -30.64 -14.75
C PHE C 192 -1.04 -29.65 -14.88
N GLY C 193 -1.93 -29.85 -15.84
CA GLY C 193 -3.06 -28.97 -16.07
C GLY C 193 -3.47 -28.96 -17.53
N HIS C 194 -4.74 -28.57 -17.77
CA HIS C 194 -5.31 -28.49 -19.11
C HIS C 194 -6.14 -27.21 -19.17
N TYR C 195 -5.47 -26.08 -19.43
CA TYR C 195 -6.12 -24.79 -19.39
C TYR C 195 -5.57 -23.87 -20.46
N THR C 196 -6.32 -22.82 -20.73
CA THR C 196 -5.95 -21.71 -21.60
C THR C 196 -5.71 -20.48 -20.73
N CYS C 197 -5.24 -19.40 -21.36
CA CYS C 197 -5.13 -18.11 -20.70
C CYS C 197 -6.03 -17.13 -21.43
N ASP C 198 -6.83 -16.38 -20.67
CA ASP C 198 -7.65 -15.32 -21.24
C ASP C 198 -6.85 -14.03 -21.31
N GLN C 199 -7.53 -12.91 -21.54
CA GLN C 199 -6.83 -11.64 -21.72
C GLN C 199 -6.50 -10.96 -20.39
N TYR C 200 -7.14 -11.36 -19.29
CA TYR C 200 -6.83 -10.84 -17.97
C TYR C 200 -5.78 -11.69 -17.25
N GLY C 201 -5.13 -12.62 -17.94
CA GLY C 201 -4.12 -13.45 -17.32
C GLY C 201 -4.65 -14.52 -16.40
N ASN C 202 -5.92 -14.89 -16.54
CA ASN C 202 -6.55 -15.94 -15.74
C ASN C 202 -6.64 -17.23 -16.53
N LYS C 203 -6.68 -18.35 -15.80
CA LYS C 203 -6.78 -19.67 -16.42
C LYS C 203 -8.23 -20.04 -16.65
N ALA C 204 -8.48 -20.72 -17.77
CA ALA C 204 -9.80 -21.25 -18.10
C ALA C 204 -9.62 -22.67 -18.59
N CYS C 205 -10.19 -23.63 -17.86
CA CYS C 205 -10.01 -25.04 -18.21
C CYS C 205 -10.50 -25.31 -19.62
N MET C 206 -9.77 -26.17 -20.33
CA MET C 206 -10.20 -26.61 -21.64
C MET C 206 -11.48 -27.44 -21.53
N ASP C 207 -12.14 -27.65 -22.67
CA ASP C 207 -13.37 -28.42 -22.70
C ASP C 207 -13.15 -29.82 -22.13
N GLY C 208 -14.07 -30.24 -21.26
CA GLY C 208 -14.00 -31.55 -20.65
C GLY C 208 -13.14 -31.65 -19.41
N TRP C 209 -12.58 -30.54 -18.93
CA TRP C 209 -11.77 -30.52 -17.72
C TRP C 209 -12.37 -29.53 -16.72
N MET C 210 -12.20 -29.83 -15.44
CA MET C 210 -12.68 -28.97 -14.37
C MET C 210 -11.74 -29.09 -13.18
N GLY C 211 -12.02 -28.32 -12.14
CA GLY C 211 -11.27 -28.38 -10.91
C GLY C 211 -10.48 -27.11 -10.65
N LYS C 212 -9.67 -27.17 -9.58
CA LYS C 212 -8.86 -26.02 -9.19
C LYS C 212 -7.83 -25.69 -10.26
N GLU C 213 -6.98 -26.66 -10.60
CA GLU C 213 -5.93 -26.47 -11.58
C GLU C 213 -6.17 -27.27 -12.86
N CYS C 214 -7.43 -27.65 -13.13
CA CYS C 214 -7.86 -28.27 -14.38
C CYS C 214 -7.10 -29.58 -14.64
N LYS C 215 -7.33 -30.56 -13.78
CA LYS C 215 -6.73 -31.88 -13.93
C LYS C 215 -7.69 -33.05 -13.85
N GLU C 216 -8.86 -32.88 -13.24
CA GLU C 216 -9.82 -33.97 -13.17
C GLU C 216 -10.70 -33.94 -14.42
N ALA C 217 -10.76 -35.08 -15.11
CA ALA C 217 -11.47 -35.21 -16.36
C ALA C 217 -12.95 -35.50 -16.11
N VAL C 218 -13.79 -34.94 -16.97
CA VAL C 218 -15.23 -35.18 -16.94
C VAL C 218 -15.51 -36.44 -17.75
N CYS C 219 -15.98 -37.48 -17.08
CA CYS C 219 -16.20 -38.76 -17.72
C CYS C 219 -17.44 -38.72 -18.61
N LYS C 220 -17.61 -39.79 -19.39
CA LYS C 220 -18.76 -39.93 -20.25
C LYS C 220 -20.05 -39.83 -19.44
N GLN C 221 -20.97 -38.99 -19.91
CA GLN C 221 -22.26 -38.84 -19.23
C GLN C 221 -23.00 -40.18 -19.23
N GLY C 222 -23.34 -40.65 -18.04
CA GLY C 222 -23.96 -41.95 -17.85
C GLY C 222 -23.03 -43.00 -17.29
N CYS C 223 -21.75 -42.72 -17.20
CA CYS C 223 -20.77 -43.69 -16.72
C CYS C 223 -20.97 -43.96 -15.24
N ASN C 224 -21.05 -45.24 -14.88
CA ASN C 224 -21.16 -45.62 -13.47
C ASN C 224 -19.82 -45.36 -12.77
N LEU C 225 -19.78 -44.33 -11.93
CA LEU C 225 -18.53 -43.95 -11.26
C LEU C 225 -18.22 -44.78 -10.02
N LEU C 226 -19.14 -45.64 -9.59
CA LEU C 226 -18.84 -46.56 -8.50
C LEU C 226 -18.00 -47.74 -8.99
N HIS C 227 -18.13 -48.12 -10.27
CA HIS C 227 -17.35 -49.19 -10.87
C HIS C 227 -16.47 -48.72 -12.02
N GLY C 228 -16.51 -47.43 -12.38
CA GLY C 228 -15.76 -46.95 -13.51
C GLY C 228 -15.28 -45.53 -13.30
N GLY C 229 -14.52 -45.05 -14.27
CA GLY C 229 -13.89 -43.75 -14.16
C GLY C 229 -13.23 -43.37 -15.47
N CYS C 230 -12.45 -42.30 -15.44
CA CYS C 230 -11.81 -41.82 -16.66
C CYS C 230 -10.54 -41.06 -16.31
N THR C 231 -9.58 -41.07 -17.24
CA THR C 231 -8.42 -40.20 -17.17
C THR C 231 -8.38 -39.17 -18.28
N VAL C 232 -9.15 -39.37 -19.35
CA VAL C 232 -9.33 -38.37 -20.42
C VAL C 232 -10.83 -38.14 -20.57
N PRO C 233 -11.25 -36.97 -21.07
CA PRO C 233 -12.68 -36.65 -21.10
C PRO C 233 -13.47 -37.55 -22.04
N GLY C 234 -14.73 -37.78 -21.66
CA GLY C 234 -15.67 -38.54 -22.47
C GLY C 234 -15.50 -40.05 -22.41
N GLU C 235 -14.66 -40.56 -21.51
CA GLU C 235 -14.28 -41.96 -21.48
C GLU C 235 -14.87 -42.62 -20.24
N CYS C 236 -15.04 -43.95 -20.31
CA CYS C 236 -15.58 -44.72 -19.18
C CYS C 236 -14.81 -46.04 -19.10
N ARG C 237 -13.71 -46.03 -18.34
CA ARG C 237 -12.87 -47.22 -18.16
C ARG C 237 -13.32 -47.99 -16.93
N CYS C 238 -13.50 -49.30 -17.09
CA CYS C 238 -14.15 -50.10 -16.06
C CYS C 238 -13.15 -50.71 -15.09
N SER C 239 -13.58 -50.83 -13.84
CA SER C 239 -12.77 -51.54 -12.87
C SER C 239 -12.70 -53.01 -13.25
N TYR C 240 -11.71 -53.71 -12.68
CA TYR C 240 -11.53 -55.13 -12.97
C TYR C 240 -12.73 -55.91 -12.44
N GLY C 241 -13.41 -56.63 -13.32
CA GLY C 241 -14.62 -57.34 -12.99
C GLY C 241 -15.88 -56.71 -13.53
N TRP C 242 -15.78 -55.57 -14.22
CA TRP C 242 -16.93 -54.90 -14.80
C TRP C 242 -16.64 -54.60 -16.26
N GLN C 243 -17.71 -54.32 -17.00
CA GLN C 243 -17.62 -54.15 -18.45
C GLN C 243 -18.82 -53.34 -18.90
N GLY C 244 -18.89 -53.11 -20.21
CA GLY C 244 -20.03 -52.44 -20.80
C GLY C 244 -19.73 -51.00 -21.14
N ARG C 245 -20.71 -50.39 -21.81
CA ARG C 245 -20.57 -49.00 -22.23
C ARG C 245 -20.46 -48.06 -21.03
N PHE C 246 -21.22 -48.33 -19.96
CA PHE C 246 -21.21 -47.49 -18.77
C PHE C 246 -20.60 -48.20 -17.57
N CYS C 247 -19.89 -49.32 -17.79
CA CYS C 247 -19.27 -50.09 -16.71
C CYS C 247 -20.29 -50.51 -15.64
N ASP C 248 -21.49 -50.87 -16.08
CA ASP C 248 -22.54 -51.32 -15.17
C ASP C 248 -22.96 -52.78 -15.43
N GLU C 249 -22.11 -53.56 -16.10
CA GLU C 249 -22.39 -54.97 -16.35
C GLU C 249 -21.26 -55.82 -15.77
N CYS C 250 -21.61 -56.87 -15.05
CA CYS C 250 -20.59 -57.74 -14.48
C CYS C 250 -19.95 -58.60 -15.58
N VAL C 251 -18.75 -59.08 -15.29
CA VAL C 251 -18.02 -59.98 -16.18
C VAL C 251 -18.22 -61.41 -15.65
N PRO C 252 -18.88 -62.29 -16.40
CA PRO C 252 -19.04 -63.68 -15.95
C PRO C 252 -17.71 -64.40 -15.93
N TYR C 253 -17.68 -65.51 -15.21
CA TYR C 253 -16.43 -66.27 -15.05
C TYR C 253 -15.97 -66.79 -16.41
N PRO C 254 -14.67 -66.70 -16.71
CA PRO C 254 -14.18 -67.11 -18.03
C PRO C 254 -14.57 -68.55 -18.37
N GLY C 255 -15.35 -68.68 -19.45
CA GLY C 255 -15.82 -69.97 -19.91
C GLY C 255 -17.26 -70.29 -19.58
N CYS C 256 -17.95 -69.41 -18.86
CA CYS C 256 -19.35 -69.65 -18.52
C CYS C 256 -20.17 -69.81 -19.80
N VAL C 257 -20.96 -70.88 -19.86
CA VAL C 257 -21.74 -71.18 -21.05
C VAL C 257 -23.19 -70.78 -20.83
N HIS C 258 -24.00 -71.73 -20.33
CA HIS C 258 -25.42 -71.47 -20.09
C HIS C 258 -25.64 -70.93 -18.68
N GLY C 259 -25.04 -69.77 -18.42
CA GLY C 259 -25.15 -69.11 -17.14
C GLY C 259 -24.99 -67.61 -17.30
N SER C 260 -25.10 -66.91 -16.18
CA SER C 260 -25.03 -65.45 -16.16
C SER C 260 -24.33 -65.00 -14.88
N CYS C 261 -24.14 -63.69 -14.75
CA CYS C 261 -23.61 -63.11 -13.53
C CYS C 261 -24.52 -62.00 -13.05
N VAL C 262 -24.31 -61.60 -11.80
CA VAL C 262 -24.94 -60.40 -11.24
C VAL C 262 -23.84 -59.61 -10.53
N GLU C 263 -23.09 -60.31 -9.66
CA GLU C 263 -21.82 -59.84 -9.15
C GLU C 263 -20.69 -60.34 -10.03
N PRO C 264 -19.54 -59.68 -10.01
CA PRO C 264 -18.44 -60.06 -10.91
C PRO C 264 -18.02 -61.52 -10.73
N TRP C 265 -17.64 -62.15 -11.84
CA TRP C 265 -17.03 -63.47 -11.92
C TRP C 265 -17.97 -64.61 -11.56
N GLN C 266 -19.27 -64.35 -11.42
CA GLN C 266 -20.22 -65.42 -11.16
C GLN C 266 -20.46 -66.25 -12.41
N CYS C 267 -21.25 -67.32 -12.24
CA CYS C 267 -21.70 -68.16 -13.35
C CYS C 267 -22.95 -68.90 -12.91
N ASN C 268 -24.02 -68.17 -12.63
CA ASN C 268 -25.28 -68.75 -12.18
C ASN C 268 -25.93 -69.48 -13.34
N CYS C 269 -26.03 -70.81 -13.23
CA CYS C 269 -26.58 -71.60 -14.32
C CYS C 269 -28.08 -71.35 -14.48
N GLU C 270 -28.53 -71.39 -15.73
CA GLU C 270 -29.95 -71.40 -16.02
C GLU C 270 -30.55 -72.72 -15.54
N THR C 271 -31.89 -72.82 -15.62
CA THR C 271 -32.54 -74.08 -15.33
C THR C 271 -32.21 -75.10 -16.41
N ASN C 272 -32.11 -76.37 -15.99
CA ASN C 272 -31.74 -77.54 -16.78
C ASN C 272 -30.21 -77.67 -16.92
N TRP C 273 -29.43 -76.69 -16.47
CA TRP C 273 -27.98 -76.72 -16.64
C TRP C 273 -27.28 -76.61 -15.29
N GLY C 274 -26.06 -77.11 -15.26
CA GLY C 274 -25.26 -77.10 -14.06
C GLY C 274 -23.80 -77.37 -14.38
N GLY C 275 -23.02 -77.56 -13.32
CA GLY C 275 -21.58 -77.64 -13.45
C GLY C 275 -20.92 -76.30 -13.18
N LEU C 276 -19.58 -76.34 -13.10
CA LEU C 276 -18.85 -75.13 -12.76
C LEU C 276 -18.93 -74.08 -13.86
N LEU C 277 -18.96 -74.51 -15.12
CA LEU C 277 -19.11 -73.61 -16.26
C LEU C 277 -20.50 -73.68 -16.88
N CYS C 278 -21.48 -74.28 -16.19
CA CYS C 278 -22.86 -74.39 -16.65
C CYS C 278 -22.93 -75.00 -18.05
N ASP C 279 -22.16 -76.06 -18.27
CA ASP C 279 -22.17 -76.78 -19.53
C ASP C 279 -22.70 -78.22 -19.41
N LYS C 280 -23.08 -78.66 -18.21
CA LYS C 280 -23.64 -79.98 -18.01
C LYS C 280 -25.15 -79.93 -18.12
N ASP C 281 -25.70 -80.84 -18.92
CA ASP C 281 -27.15 -81.06 -18.96
C ASP C 281 -27.53 -82.00 -17.82
N LEU C 282 -28.50 -81.60 -17.00
CA LEU C 282 -28.83 -82.35 -15.81
C LEU C 282 -30.10 -83.17 -15.91
N ASN C 283 -30.90 -82.99 -16.95
CA ASN C 283 -32.14 -83.74 -17.11
C ASN C 283 -31.97 -84.72 -18.27
N GLY C 284 -32.17 -86.00 -17.98
CA GLY C 284 -32.06 -87.03 -18.99
C GLY C 284 -33.39 -87.52 -19.51
N MET D 1 31.82 8.47 -8.23
CA MET D 1 31.64 7.12 -8.72
C MET D 1 32.57 6.11 -8.04
N GLY D 2 32.07 4.91 -7.84
CA GLY D 2 32.84 3.84 -7.26
C GLY D 2 32.24 2.51 -7.63
N TYR D 3 32.53 1.50 -6.82
CA TYR D 3 31.99 0.18 -7.06
C TYR D 3 31.73 -0.52 -5.73
N PHE D 4 30.83 -1.49 -5.76
CA PHE D 4 30.54 -2.37 -4.64
C PHE D 4 31.04 -3.76 -4.99
N GLU D 5 31.77 -4.39 -4.07
CA GLU D 5 32.38 -5.69 -4.32
C GLU D 5 31.88 -6.72 -3.32
N LEU D 6 31.74 -7.96 -3.80
CA LEU D 6 31.32 -9.09 -2.97
C LEU D 6 32.21 -10.28 -3.31
N GLN D 7 32.76 -10.91 -2.28
CA GLN D 7 33.68 -12.04 -2.43
C GLN D 7 33.11 -13.25 -1.70
N LEU D 8 32.56 -14.21 -2.45
CA LEU D 8 32.05 -15.44 -1.87
C LEU D 8 33.22 -16.36 -1.54
N SER D 9 33.28 -16.81 -0.29
CA SER D 9 34.39 -17.65 0.18
C SER D 9 33.98 -19.08 0.50
N ALA D 10 32.74 -19.32 0.94
CA ALA D 10 32.33 -20.66 1.34
C ALA D 10 30.82 -20.81 1.19
N LEU D 11 30.41 -21.92 0.56
CA LEU D 11 29.00 -22.29 0.47
C LEU D 11 28.92 -23.79 0.69
N ARG D 12 28.14 -24.21 1.68
CA ARG D 12 27.96 -25.62 2.01
C ARG D 12 26.51 -26.03 1.83
N ASN D 13 26.29 -27.19 1.20
CA ASN D 13 24.97 -27.74 0.95
C ASN D 13 25.04 -29.25 1.19
N VAL D 14 24.75 -29.68 2.43
CA VAL D 14 24.94 -31.07 2.81
C VAL D 14 23.99 -31.97 2.04
N ASN D 15 22.69 -31.69 2.11
CA ASN D 15 21.70 -32.58 1.53
C ASN D 15 21.53 -32.40 0.03
N GLY D 16 22.13 -31.38 -0.57
CA GLY D 16 21.97 -31.16 -2.00
C GLY D 16 20.55 -30.89 -2.44
N GLU D 17 19.77 -30.22 -1.60
CA GLU D 17 18.37 -29.93 -1.88
C GLU D 17 18.22 -28.47 -2.33
N LEU D 18 16.98 -28.04 -2.50
CA LEU D 18 16.61 -26.65 -2.74
C LEU D 18 15.69 -26.18 -1.62
N LEU D 19 15.30 -24.91 -1.68
CA LEU D 19 14.46 -24.36 -0.61
C LEU D 19 13.07 -24.97 -0.63
N SER D 20 12.62 -25.46 -1.78
CA SER D 20 11.31 -26.09 -1.85
C SER D 20 11.29 -27.43 -1.11
N GLY D 21 12.43 -28.12 -1.05
CA GLY D 21 12.55 -29.40 -0.39
C GLY D 21 12.99 -30.51 -1.33
N ALA D 22 12.62 -30.41 -2.60
CA ALA D 22 13.01 -31.41 -3.58
C ALA D 22 14.53 -31.42 -3.76
N CYS D 23 15.05 -32.55 -4.22
CA CYS D 23 16.46 -32.64 -4.51
C CYS D 23 16.80 -31.85 -5.76
N CYS D 24 18.09 -31.54 -5.91
CA CYS D 24 18.57 -30.61 -6.95
C CYS D 24 18.38 -31.15 -8.35
N ASP D 25 19.50 -31.43 -9.02
CA ASP D 25 19.45 -31.97 -10.38
C ASP D 25 18.79 -33.34 -10.40
N GLY D 35 17.92 -40.48 0.45
CA GLY D 35 18.72 -40.41 -0.76
C GLY D 35 18.36 -39.24 -1.66
N CYS D 36 19.39 -38.58 -2.20
CA CYS D 36 19.20 -37.41 -3.05
C CYS D 36 19.67 -37.66 -4.48
N GLY D 37 20.95 -37.96 -4.66
CA GLY D 37 21.49 -38.20 -5.98
C GLY D 37 22.99 -38.12 -5.95
N HIS D 38 23.58 -38.24 -7.14
CA HIS D 38 25.02 -38.11 -7.29
C HIS D 38 25.44 -36.98 -8.23
N ASP D 39 24.64 -36.65 -9.24
CA ASP D 39 24.90 -35.43 -10.03
C ASP D 39 24.42 -34.25 -9.20
N GLU D 40 25.37 -33.53 -8.61
CA GLU D 40 25.07 -32.51 -7.62
C GLU D 40 24.47 -31.27 -8.28
N CYS D 41 24.10 -30.31 -7.44
CA CYS D 41 23.76 -28.98 -7.92
C CYS D 41 24.97 -28.37 -8.61
N ASP D 42 24.71 -27.58 -9.64
CA ASP D 42 25.73 -26.81 -10.32
C ASP D 42 25.40 -25.34 -10.04
N THR D 43 25.93 -24.84 -8.93
CA THR D 43 25.42 -23.62 -8.31
C THR D 43 26.18 -22.37 -8.74
N TYR D 44 25.42 -21.30 -8.97
CA TYR D 44 25.92 -19.95 -9.16
C TYR D 44 25.13 -19.03 -8.23
N VAL D 45 25.56 -17.78 -8.11
CA VAL D 45 24.90 -16.82 -7.23
C VAL D 45 24.65 -15.51 -7.95
N ARG D 46 23.62 -14.79 -7.51
CA ARG D 46 23.29 -13.46 -8.01
C ARG D 46 23.14 -12.51 -6.83
N VAL D 47 23.59 -11.26 -7.03
CA VAL D 47 23.62 -10.24 -5.98
C VAL D 47 22.66 -9.12 -6.34
N CYS D 48 21.91 -8.65 -5.35
CA CYS D 48 20.96 -7.55 -5.52
C CYS D 48 21.24 -6.47 -4.50
N LEU D 49 21.44 -5.24 -4.98
CA LEU D 49 21.80 -4.11 -4.13
C LEU D 49 20.73 -3.02 -4.27
N LYS D 50 20.15 -2.61 -3.15
CA LYS D 50 19.11 -1.58 -3.14
C LYS D 50 19.27 -0.77 -1.86
N GLU D 51 18.29 0.10 -1.61
CA GLU D 51 18.35 1.02 -0.48
C GLU D 51 18.13 0.28 0.84
N TYR D 52 18.47 0.97 1.94
CA TYR D 52 18.31 0.41 3.27
C TYR D 52 16.84 0.23 3.60
N GLN D 53 16.51 -0.89 4.24
CA GLN D 53 15.15 -1.21 4.64
C GLN D 53 15.14 -1.69 6.09
N ALA D 54 14.25 -1.11 6.90
CA ALA D 54 14.11 -1.57 8.28
C ALA D 54 13.69 -3.04 8.33
N LYS D 55 12.89 -3.48 7.36
CA LYS D 55 12.55 -4.88 7.20
C LYS D 55 12.74 -5.26 5.74
N VAL D 56 13.59 -6.27 5.50
CA VAL D 56 13.96 -6.64 4.14
C VAL D 56 12.77 -7.26 3.42
N THR D 57 12.70 -7.03 2.12
CA THR D 57 11.71 -7.66 1.26
C THR D 57 12.44 -8.44 0.17
N PRO D 58 12.03 -9.68 -0.12
CA PRO D 58 12.73 -10.47 -1.15
C PRO D 58 12.47 -9.97 -2.56
N THR D 59 11.57 -9.01 -2.73
CA THR D 59 11.18 -8.50 -4.03
C THR D 59 11.45 -7.01 -4.10
N GLY D 60 11.33 -6.46 -5.31
CA GLY D 60 11.55 -5.07 -5.55
C GLY D 60 12.72 -4.83 -6.47
N PRO D 61 12.85 -3.62 -6.98
CA PRO D 61 13.99 -3.31 -7.87
C PRO D 61 15.30 -3.26 -7.09
N CYS D 62 16.35 -3.75 -7.74
CA CYS D 62 17.71 -3.62 -7.20
C CYS D 62 18.21 -2.24 -7.59
N SER D 63 17.90 -1.25 -6.75
CA SER D 63 18.04 0.14 -7.13
C SER D 63 19.49 0.53 -7.40
N TYR D 64 20.42 -0.04 -6.64
CA TYR D 64 21.83 0.36 -6.71
C TYR D 64 22.64 -0.46 -7.70
N GLY D 65 22.11 -1.58 -8.17
CA GLY D 65 22.82 -2.44 -9.12
C GLY D 65 22.69 -3.91 -8.81
N HIS D 66 23.22 -4.76 -9.69
CA HIS D 66 23.16 -6.20 -9.46
C HIS D 66 24.30 -6.87 -10.23
N GLY D 67 24.36 -8.19 -10.11
CA GLY D 67 25.39 -8.97 -10.80
C GLY D 67 25.20 -10.44 -10.49
N ALA D 68 25.97 -11.26 -11.20
CA ALA D 68 25.89 -12.71 -11.05
C ALA D 68 27.21 -13.35 -11.44
N THR D 69 27.36 -14.62 -11.08
CA THR D 69 28.57 -15.41 -11.27
C THR D 69 28.30 -16.59 -12.20
N PRO D 70 29.37 -17.20 -12.76
CA PRO D 70 29.22 -18.52 -13.38
C PRO D 70 29.07 -19.63 -12.35
N VAL D 71 28.94 -20.87 -12.80
CA VAL D 71 28.84 -21.99 -11.87
C VAL D 71 30.18 -22.18 -11.17
N LEU D 72 30.15 -22.20 -9.84
CA LEU D 72 31.36 -22.19 -9.04
C LEU D 72 31.73 -23.57 -8.49
N GLY D 73 30.80 -24.52 -8.46
CA GLY D 73 31.12 -25.84 -7.95
C GLY D 73 29.87 -26.69 -7.80
N GLY D 74 29.98 -27.70 -6.94
CA GLY D 74 28.88 -28.61 -6.72
C GLY D 74 28.01 -28.20 -5.55
N ASN D 75 27.67 -29.16 -4.68
CA ASN D 75 26.88 -28.84 -3.50
C ASN D 75 27.66 -27.95 -2.55
N SER D 76 28.89 -28.34 -2.21
CA SER D 76 29.77 -27.54 -1.39
C SER D 76 31.04 -27.23 -2.16
N PHE D 77 31.60 -26.05 -1.88
CA PHE D 77 32.83 -25.60 -2.52
C PHE D 77 33.35 -24.41 -1.73
N TYR D 78 34.66 -24.20 -1.84
CA TYR D 78 35.36 -23.16 -1.09
C TYR D 78 36.36 -22.49 -2.02
N LEU D 79 36.40 -21.17 -1.98
CA LEU D 79 37.26 -20.38 -2.85
C LEU D 79 37.93 -19.28 -2.04
N PRO D 80 39.08 -18.78 -2.49
CA PRO D 80 39.95 -17.97 -1.62
C PRO D 80 39.25 -16.70 -1.15
N PRO D 81 39.28 -16.43 0.16
CA PRO D 81 38.61 -15.25 0.69
C PRO D 81 39.29 -13.95 0.27
N ALA D 82 38.77 -12.83 0.75
CA ALA D 82 39.27 -11.51 0.39
C ALA D 82 40.26 -11.00 1.44
N GLY D 83 41.16 -10.12 1.01
CA GLY D 83 42.12 -9.51 1.90
C GLY D 83 43.40 -10.32 2.01
N ALA D 84 44.13 -10.04 3.09
CA ALA D 84 45.37 -10.77 3.37
C ALA D 84 45.12 -12.20 3.80
N ALA D 85 43.87 -12.58 4.11
CA ALA D 85 43.59 -13.96 4.46
C ALA D 85 43.69 -14.88 3.24
N GLY D 86 43.16 -14.45 2.11
CA GLY D 86 43.18 -15.24 0.90
C GLY D 86 44.42 -15.10 0.05
N ASP D 87 45.46 -14.42 0.55
CA ASP D 87 46.67 -14.25 -0.23
C ASP D 87 47.41 -15.57 -0.43
N ARG D 88 47.33 -16.47 0.54
CA ARG D 88 48.01 -17.76 0.43
C ARG D 88 47.24 -18.71 -0.46
N ALA D 89 45.94 -18.89 -0.20
CA ALA D 89 45.13 -19.84 -0.95
C ALA D 89 44.95 -19.45 -2.42
N ARG D 90 45.40 -18.25 -2.81
CA ARG D 90 45.39 -17.85 -4.22
C ARG D 90 46.75 -17.96 -4.89
N ALA D 91 47.74 -18.56 -4.22
CA ALA D 91 48.97 -18.95 -4.89
C ALA D 91 48.66 -20.06 -5.89
N ARG D 92 47.37 -20.36 -6.07
CA ARG D 92 46.88 -21.50 -6.83
C ARG D 92 45.94 -21.01 -7.93
N ASP D 100 39.31 -13.89 -11.13
CA ASP D 100 39.04 -14.67 -9.93
C ASP D 100 37.55 -15.00 -9.83
N PRO D 101 37.23 -16.25 -9.48
CA PRO D 101 35.88 -16.77 -9.77
C PRO D 101 34.79 -16.36 -8.78
N GLY D 102 35.15 -16.06 -7.54
CA GLY D 102 34.13 -15.80 -6.54
C GLY D 102 33.81 -14.34 -6.30
N LEU D 103 34.22 -13.47 -7.23
CA LEU D 103 34.09 -12.02 -7.06
C LEU D 103 32.96 -11.48 -7.94
N VAL D 104 32.18 -10.56 -7.38
CA VAL D 104 31.15 -9.83 -8.10
C VAL D 104 31.42 -8.35 -7.94
N VAL D 105 31.34 -7.60 -9.04
CA VAL D 105 31.64 -6.16 -9.05
C VAL D 105 30.41 -5.42 -9.57
N ILE D 106 29.95 -4.43 -8.81
CA ILE D 106 28.78 -3.65 -9.18
C ILE D 106 29.13 -2.16 -9.17
N PRO D 107 29.45 -1.56 -10.31
CA PRO D 107 29.75 -0.12 -10.33
C PRO D 107 28.51 0.72 -10.09
N PHE D 108 28.72 1.90 -9.51
CA PHE D 108 27.65 2.87 -9.31
C PHE D 108 28.14 4.28 -9.62
N GLN D 109 27.25 5.09 -10.19
CA GLN D 109 27.58 6.46 -10.59
C GLN D 109 27.27 7.49 -9.52
N PHE D 110 26.24 7.24 -8.70
CA PHE D 110 25.78 8.19 -7.71
C PHE D 110 26.75 8.26 -6.53
N ALA D 111 26.47 9.20 -5.64
CA ALA D 111 27.21 9.30 -4.39
C ALA D 111 26.77 8.21 -3.42
N TRP D 112 27.73 7.56 -2.79
CA TRP D 112 27.43 6.40 -1.95
C TRP D 112 26.59 6.81 -0.74
N PRO D 113 25.39 6.26 -0.58
CA PRO D 113 24.51 6.68 0.52
C PRO D 113 24.76 5.92 1.81
N ARG D 114 25.89 5.19 1.89
CA ARG D 114 26.34 4.58 3.12
C ARG D 114 25.51 3.35 3.49
N SER D 115 24.23 3.57 3.79
CA SER D 115 23.31 2.50 4.13
C SER D 115 22.81 1.81 2.87
N PHE D 116 22.46 0.53 3.01
CA PHE D 116 22.16 -0.30 1.86
C PHE D 116 21.42 -1.55 2.34
N THR D 117 21.01 -2.38 1.38
CA THR D 117 20.43 -3.69 1.66
C THR D 117 21.04 -4.68 0.68
N LEU D 118 21.69 -5.71 1.20
CA LEU D 118 22.29 -6.75 0.38
C LEU D 118 21.37 -7.96 0.31
N ILE D 119 21.24 -8.52 -0.89
CA ILE D 119 20.45 -9.73 -1.11
C ILE D 119 21.26 -10.66 -2.01
N VAL D 120 21.59 -11.84 -1.49
CA VAL D 120 22.37 -12.84 -2.20
C VAL D 120 21.51 -14.09 -2.34
N GLU D 121 21.60 -14.73 -3.51
CA GLU D 121 20.79 -15.89 -3.84
C GLU D 121 21.63 -16.94 -4.55
N ALA D 122 21.44 -18.20 -4.17
CA ALA D 122 22.10 -19.34 -4.81
C ALA D 122 21.09 -20.07 -5.68
N TRP D 123 21.49 -20.43 -6.90
CA TRP D 123 20.60 -21.05 -7.87
C TRP D 123 21.26 -22.30 -8.44
N ASP D 124 20.43 -23.13 -9.07
CA ASP D 124 20.90 -24.30 -9.82
C ASP D 124 20.82 -23.99 -11.31
N TRP D 125 21.79 -24.50 -12.06
CA TRP D 125 21.90 -24.24 -13.49
C TRP D 125 21.52 -25.50 -14.26
N ASP D 126 20.52 -25.38 -15.14
CA ASP D 126 20.12 -26.44 -16.04
C ASP D 126 20.29 -26.05 -17.51
N ASN D 127 21.20 -25.11 -17.77
CA ASN D 127 21.65 -24.72 -19.11
C ASN D 127 20.57 -24.05 -19.95
N ASP D 128 19.33 -23.99 -19.46
CA ASP D 128 18.27 -23.27 -20.14
C ASP D 128 18.03 -21.92 -19.45
N THR D 129 17.57 -20.94 -20.24
CA THR D 129 17.65 -19.53 -19.87
C THR D 129 16.30 -18.90 -19.53
N THR D 130 15.26 -19.70 -19.33
CA THR D 130 13.98 -19.11 -18.91
C THR D 130 13.90 -19.08 -17.39
N PRO D 131 13.62 -17.93 -16.76
CA PRO D 131 13.62 -17.86 -15.29
C PRO D 131 12.55 -18.76 -14.69
N ASN D 132 12.99 -19.68 -13.82
CA ASN D 132 12.13 -20.61 -13.12
C ASN D 132 12.41 -20.48 -11.63
N GLU D 133 11.39 -20.11 -10.86
CA GLU D 133 11.58 -19.82 -9.44
C GLU D 133 11.92 -21.07 -8.64
N GLU D 134 11.35 -22.21 -9.00
CA GLU D 134 11.45 -23.40 -8.15
C GLU D 134 12.82 -24.06 -8.18
N LEU D 135 13.84 -23.33 -8.65
CA LEU D 135 15.22 -23.81 -8.63
C LEU D 135 16.12 -22.98 -7.72
N LEU D 136 15.54 -22.11 -6.89
CA LEU D 136 16.31 -21.30 -5.97
C LEU D 136 16.77 -22.14 -4.79
N ILE D 137 18.07 -22.16 -4.55
CA ILE D 137 18.63 -22.94 -3.44
C ILE D 137 18.48 -22.21 -2.12
N GLU D 138 18.92 -20.96 -2.08
CA GLU D 138 18.85 -20.20 -0.83
C GLU D 138 18.85 -18.70 -1.15
N ARG D 139 18.08 -17.96 -0.39
CA ARG D 139 18.05 -16.50 -0.45
C ARG D 139 18.49 -15.95 0.90
N VAL D 140 19.31 -14.90 0.87
CA VAL D 140 19.94 -14.34 2.06
C VAL D 140 19.92 -12.82 1.95
N SER D 141 19.73 -12.15 3.08
CA SER D 141 19.64 -10.70 3.07
C SER D 141 20.39 -10.12 4.27
N HIS D 142 20.82 -8.87 4.13
CA HIS D 142 21.46 -8.10 5.19
C HIS D 142 21.33 -6.62 4.87
N ALA D 143 21.05 -5.81 5.89
CA ALA D 143 20.87 -4.37 5.74
C ALA D 143 21.73 -3.65 6.79
N GLY D 144 22.83 -3.07 6.34
CA GLY D 144 23.71 -2.35 7.25
C GLY D 144 24.33 -1.11 6.65
N MET D 145 25.48 -0.70 7.19
CA MET D 145 26.20 0.48 6.70
C MET D 145 27.65 0.11 6.42
N ILE D 146 28.27 0.83 5.48
CA ILE D 146 29.67 0.58 5.15
C ILE D 146 30.25 1.84 4.52
N ASN D 147 31.50 2.12 4.86
CA ASN D 147 32.30 3.20 4.30
C ASN D 147 33.49 2.62 3.55
N PRO D 148 34.08 3.37 2.62
CA PRO D 148 35.33 2.92 2.01
C PRO D 148 36.46 2.75 3.01
N GLU D 149 36.39 3.44 4.15
CA GLU D 149 37.40 3.28 5.20
C GLU D 149 37.25 1.96 5.92
N ASP D 150 36.03 1.40 5.97
CA ASP D 150 35.80 0.14 6.68
C ASP D 150 36.47 -1.05 6.00
N ARG D 151 36.77 -0.94 4.71
CA ARG D 151 37.44 -2.00 3.92
C ARG D 151 36.53 -3.22 3.90
N TRP D 152 37.10 -4.43 3.94
CA TRP D 152 36.32 -5.65 3.86
C TRP D 152 35.58 -5.91 5.16
N LYS D 153 34.29 -6.20 5.05
CA LYS D 153 33.46 -6.64 6.18
C LYS D 153 32.99 -8.05 5.89
N SER D 154 33.11 -8.94 6.88
CA SER D 154 32.83 -10.35 6.72
C SER D 154 31.45 -10.70 7.27
N LEU D 155 30.71 -11.49 6.51
CA LEU D 155 29.34 -11.87 6.84
C LEU D 155 29.20 -13.38 6.79
N HIS D 156 28.43 -13.94 7.72
CA HIS D 156 28.20 -15.38 7.81
C HIS D 156 26.70 -15.61 7.93
N PHE D 157 26.14 -16.45 7.06
CA PHE D 157 24.71 -16.71 7.03
C PHE D 157 24.47 -18.21 7.15
N SER D 158 23.67 -18.60 8.15
CA SER D 158 23.24 -19.99 8.31
C SER D 158 21.76 -20.05 7.97
N GLY D 159 21.46 -20.45 6.73
CA GLY D 159 20.10 -20.48 6.23
C GLY D 159 19.39 -21.78 6.52
N HIS D 160 18.22 -21.93 5.90
CA HIS D 160 17.43 -23.16 6.08
C HIS D 160 18.07 -24.35 5.36
N VAL D 161 18.75 -24.10 4.23
CA VAL D 161 19.33 -25.16 3.41
C VAL D 161 20.85 -25.02 3.31
N ALA D 162 21.33 -23.83 3.01
CA ALA D 162 22.75 -23.61 2.76
C ALA D 162 23.34 -22.68 3.81
N HIS D 163 24.68 -22.71 3.90
CA HIS D 163 25.44 -21.85 4.79
C HIS D 163 26.49 -21.12 3.96
N LEU D 164 26.51 -19.79 4.09
CA LEU D 164 27.35 -18.94 3.25
C LEU D 164 28.27 -18.08 4.10
N GLU D 165 29.45 -17.79 3.55
CA GLU D 165 30.39 -16.84 4.15
C GLU D 165 30.99 -16.00 3.04
N LEU D 166 30.87 -14.68 3.15
CA LEU D 166 31.32 -13.79 2.10
C LEU D 166 31.81 -12.48 2.71
N GLN D 167 32.51 -11.70 1.90
CA GLN D 167 33.04 -10.40 2.31
C GLN D 167 32.61 -9.34 1.30
N ILE D 168 32.42 -8.12 1.79
CA ILE D 168 31.99 -7.00 0.96
C ILE D 168 32.83 -5.78 1.31
N ARG D 169 32.95 -4.87 0.35
CA ARG D 169 33.66 -3.61 0.54
C ARG D 169 33.21 -2.62 -0.53
N VAL D 170 33.55 -1.36 -0.32
CA VAL D 170 33.28 -0.29 -1.28
C VAL D 170 34.58 0.49 -1.47
N ARG D 171 35.04 0.58 -2.71
CA ARG D 171 36.19 1.42 -3.06
C ARG D 171 35.77 2.47 -4.07
N CYS D 172 36.60 3.50 -4.19
CA CYS D 172 36.31 4.61 -5.09
C CYS D 172 36.91 4.34 -6.46
N ASP D 173 36.22 4.82 -7.48
CA ASP D 173 36.76 4.82 -8.82
C ASP D 173 38.11 5.55 -8.86
N GLU D 174 38.77 5.46 -10.01
CA GLU D 174 39.86 6.37 -10.29
C GLU D 174 39.29 7.79 -10.38
N ASN D 175 40.06 8.76 -9.86
CA ASN D 175 39.62 10.17 -9.89
C ASN D 175 38.53 10.51 -8.82
N TYR D 176 38.34 9.74 -7.72
CA TYR D 176 37.27 10.07 -6.76
C TYR D 176 37.73 9.85 -5.32
N TYR D 177 37.20 10.66 -4.41
CA TYR D 177 37.67 10.65 -3.04
C TYR D 177 36.48 10.79 -2.10
N SER D 178 36.77 10.92 -0.80
CA SER D 178 35.78 11.16 0.24
C SER D 178 35.01 9.89 0.57
N ALA D 179 34.14 9.97 1.58
CA ALA D 179 33.37 8.83 2.03
C ALA D 179 32.24 8.45 1.09
N THR D 180 31.94 9.29 0.10
CA THR D 180 30.88 9.01 -0.86
C THR D 180 31.41 8.72 -2.26
N CYS D 181 32.74 8.77 -2.45
CA CYS D 181 33.36 8.61 -3.77
C CYS D 181 32.83 9.63 -4.78
N ASN D 182 32.37 10.78 -4.30
CA ASN D 182 31.80 11.80 -5.18
C ASN D 182 32.70 13.01 -5.37
N LYS D 183 33.68 13.22 -4.50
CA LYS D 183 34.61 14.33 -4.64
C LYS D 183 35.57 14.04 -5.80
N PHE D 184 35.59 14.94 -6.78
CA PHE D 184 36.44 14.82 -7.95
C PHE D 184 37.52 15.89 -7.92
N CYS D 185 38.73 15.52 -8.30
CA CYS D 185 39.89 16.40 -8.42
C CYS D 185 40.96 15.64 -9.14
N ARG D 186 41.44 16.09 -10.30
CA ARG D 186 42.66 15.46 -10.82
C ARG D 186 43.54 16.30 -11.74
N PRO D 187 44.89 16.06 -11.69
CA PRO D 187 45.91 17.04 -12.09
C PRO D 187 45.71 17.66 -13.45
N ARG D 188 46.19 18.90 -13.56
CA ARG D 188 46.07 19.68 -14.77
C ARG D 188 47.23 20.66 -14.78
N ASN D 189 47.51 21.22 -15.95
CA ASN D 189 48.56 22.21 -16.07
C ASN D 189 48.28 23.11 -17.27
N ASP D 190 47.07 23.65 -17.33
CA ASP D 190 46.68 24.58 -18.40
C ASP D 190 46.03 25.79 -17.73
N PHE D 191 45.20 26.51 -18.50
CA PHE D 191 44.55 27.69 -17.95
C PHE D 191 43.56 27.36 -16.84
N PHE D 192 43.09 26.11 -16.78
CA PHE D 192 42.13 25.70 -15.76
C PHE D 192 42.77 25.48 -14.39
N GLY D 193 44.08 25.39 -14.33
CA GLY D 193 44.77 25.21 -13.06
C GLY D 193 46.11 24.53 -13.25
N HIS D 194 46.94 24.62 -12.21
CA HIS D 194 48.28 24.04 -12.18
C HIS D 194 48.42 23.34 -10.84
N TYR D 195 48.03 22.07 -10.77
CA TYR D 195 48.01 21.38 -9.49
C TYR D 195 48.09 19.88 -9.71
N THR D 196 48.36 19.17 -8.61
CA THR D 196 48.16 17.73 -8.50
C THR D 196 47.29 17.50 -7.27
N CYS D 197 46.63 16.34 -7.22
CA CYS D 197 45.75 16.06 -6.10
C CYS D 197 46.48 15.25 -5.03
N ASP D 198 46.07 15.47 -3.78
CA ASP D 198 46.62 14.79 -2.62
C ASP D 198 45.74 13.61 -2.25
N GLN D 199 45.99 13.04 -1.07
CA GLN D 199 45.33 11.82 -0.62
C GLN D 199 43.86 12.03 -0.25
N TYR D 200 43.30 13.22 -0.43
CA TYR D 200 41.89 13.46 -0.12
C TYR D 200 41.12 14.18 -1.22
N GLY D 201 41.75 14.46 -2.36
CA GLY D 201 41.08 15.17 -3.43
C GLY D 201 41.21 16.66 -3.38
N ASN D 202 42.10 17.18 -2.56
CA ASN D 202 42.38 18.61 -2.55
C ASN D 202 43.43 18.93 -3.60
N LYS D 203 43.33 20.14 -4.16
CA LYS D 203 44.27 20.57 -5.19
C LYS D 203 45.53 21.12 -4.53
N ALA D 204 46.67 20.55 -4.90
CA ALA D 204 47.97 21.02 -4.41
C ALA D 204 48.64 21.78 -5.55
N CYS D 205 48.64 23.11 -5.46
CA CYS D 205 49.14 23.95 -6.54
C CYS D 205 50.61 23.65 -6.82
N MET D 206 50.98 23.72 -8.09
CA MET D 206 52.37 23.55 -8.47
C MET D 206 53.17 24.81 -8.08
N ASP D 207 54.50 24.71 -8.23
CA ASP D 207 55.37 25.80 -7.80
C ASP D 207 55.14 27.02 -8.68
N GLY D 208 54.94 28.17 -8.05
CA GLY D 208 54.67 29.40 -8.77
C GLY D 208 53.20 29.71 -8.97
N TRP D 209 52.32 29.06 -8.23
CA TRP D 209 50.88 29.20 -8.43
C TRP D 209 50.18 29.13 -7.08
N MET D 210 49.03 29.80 -6.99
CA MET D 210 48.27 29.87 -5.74
C MET D 210 46.81 30.11 -6.06
N GLY D 211 46.00 30.21 -5.02
CA GLY D 211 44.57 30.32 -5.13
C GLY D 211 43.87 29.01 -4.83
N LYS D 212 42.54 29.09 -4.79
CA LYS D 212 41.72 27.91 -4.49
C LYS D 212 41.64 26.96 -5.67
N GLU D 213 41.66 27.49 -6.90
CA GLU D 213 41.70 26.66 -8.10
C GLU D 213 43.07 26.64 -8.75
N CYS D 214 44.10 27.14 -8.04
CA CYS D 214 45.48 27.15 -8.53
C CYS D 214 45.61 27.91 -9.85
N LYS D 215 44.87 29.01 -9.97
CA LYS D 215 44.88 29.81 -11.19
C LYS D 215 45.67 31.11 -11.04
N GLU D 216 46.00 31.52 -9.83
CA GLU D 216 46.65 32.81 -9.59
C GLU D 216 48.16 32.64 -9.54
N ALA D 217 48.87 33.45 -10.30
CA ALA D 217 50.32 33.33 -10.38
C ALA D 217 51.00 34.02 -9.20
N VAL D 218 52.15 33.49 -8.81
CA VAL D 218 52.97 34.08 -7.74
C VAL D 218 53.99 35.03 -8.37
N CYS D 219 54.00 36.27 -7.92
CA CYS D 219 54.86 37.26 -8.55
C CYS D 219 56.27 37.23 -7.95
N LYS D 220 57.16 37.99 -8.58
CA LYS D 220 58.53 38.14 -8.10
C LYS D 220 58.53 38.57 -6.63
N GLN D 221 59.45 38.01 -5.86
CA GLN D 221 59.53 38.31 -4.45
C GLN D 221 60.01 39.75 -4.24
N GLY D 222 59.23 40.54 -3.54
CA GLY D 222 59.49 41.96 -3.41
C GLY D 222 58.64 42.85 -4.30
N CYS D 223 57.83 42.25 -5.17
CA CYS D 223 56.98 43.03 -6.06
C CYS D 223 55.94 43.80 -5.25
N ASN D 224 55.78 45.08 -5.58
CA ASN D 224 54.79 45.94 -4.92
C ASN D 224 53.42 45.61 -5.49
N LEU D 225 52.61 44.89 -4.73
CA LEU D 225 51.32 44.45 -5.26
C LEU D 225 50.28 45.57 -5.32
N LEU D 226 50.63 46.83 -5.00
CA LEU D 226 49.71 47.94 -5.16
C LEU D 226 49.84 48.61 -6.52
N HIS D 227 51.02 48.53 -7.14
CA HIS D 227 51.24 49.05 -8.49
C HIS D 227 51.94 48.03 -9.39
N GLY D 228 52.09 46.79 -8.92
CA GLY D 228 52.66 45.74 -9.74
C GLY D 228 51.84 44.47 -9.64
N GLY D 229 51.99 43.63 -10.66
CA GLY D 229 51.28 42.37 -10.72
C GLY D 229 52.00 41.37 -11.59
N CYS D 230 51.36 40.23 -11.87
CA CYS D 230 51.99 39.22 -12.71
C CYS D 230 50.92 38.32 -13.32
N THR D 231 51.08 38.03 -14.60
CA THR D 231 50.26 37.04 -15.29
C THR D 231 51.01 35.72 -15.50
N VAL D 232 52.31 35.72 -15.27
CA VAL D 232 53.14 34.52 -15.40
C VAL D 232 54.04 34.45 -14.17
N PRO D 233 54.32 33.27 -13.62
CA PRO D 233 55.07 33.19 -12.36
C PRO D 233 56.47 33.81 -12.44
N GLY D 234 56.81 34.58 -11.41
CA GLY D 234 58.15 35.10 -11.23
C GLY D 234 58.37 36.51 -11.73
N GLU D 235 57.38 37.13 -12.35
CA GLU D 235 57.53 38.45 -12.93
C GLU D 235 56.84 39.50 -12.07
N CYS D 236 57.03 40.76 -12.46
CA CYS D 236 56.50 41.92 -11.76
C CYS D 236 56.33 43.04 -12.79
N ARG D 237 55.17 43.06 -13.43
CA ARG D 237 54.85 44.10 -14.40
C ARG D 237 54.10 45.24 -13.72
N CYS D 238 54.43 46.46 -14.13
CA CYS D 238 53.96 47.66 -13.43
C CYS D 238 52.68 48.20 -14.02
N SER D 239 51.92 48.92 -13.18
CA SER D 239 50.73 49.61 -13.63
C SER D 239 51.10 50.90 -14.35
N TYR D 240 50.09 51.53 -14.93
CA TYR D 240 50.32 52.76 -15.68
C TYR D 240 50.81 53.86 -14.75
N GLY D 241 52.03 54.35 -15.02
CA GLY D 241 52.61 55.43 -14.26
C GLY D 241 53.68 55.02 -13.26
N TRP D 242 54.03 53.74 -13.21
CA TRP D 242 55.01 53.23 -12.26
C TRP D 242 56.06 52.42 -12.99
N GLN D 243 57.23 52.31 -12.37
CA GLN D 243 58.38 51.66 -12.99
C GLN D 243 59.25 51.06 -11.90
N GLY D 244 60.40 50.53 -12.30
CA GLY D 244 61.34 49.93 -11.39
C GLY D 244 61.24 48.42 -11.36
N ARG D 245 62.26 47.79 -10.78
CA ARG D 245 62.28 46.33 -10.69
C ARG D 245 61.17 45.79 -9.81
N PHE D 246 60.62 46.61 -8.90
CA PHE D 246 59.55 46.19 -8.01
C PHE D 246 58.29 47.05 -8.18
N CYS D 247 58.23 47.87 -9.22
CA CYS D 247 57.06 48.70 -9.52
C CYS D 247 56.63 49.54 -8.32
N ASP D 248 57.59 50.29 -7.78
CA ASP D 248 57.34 51.17 -6.64
C ASP D 248 57.87 52.58 -6.87
N GLU D 249 58.29 52.90 -8.09
CA GLU D 249 58.84 54.20 -8.42
C GLU D 249 57.96 54.89 -9.45
N CYS D 250 57.56 56.13 -9.15
CA CYS D 250 56.75 56.90 -10.08
C CYS D 250 57.52 57.18 -11.37
N VAL D 251 56.78 57.37 -12.45
CA VAL D 251 57.34 57.81 -13.72
C VAL D 251 57.15 59.32 -13.80
N PRO D 252 58.21 60.09 -14.02
CA PRO D 252 58.05 61.55 -14.14
C PRO D 252 57.39 61.91 -15.45
N TYR D 253 57.06 63.19 -15.59
CA TYR D 253 56.51 63.67 -16.84
C TYR D 253 57.52 63.46 -17.96
N PRO D 254 57.07 63.02 -19.15
CA PRO D 254 58.01 62.79 -20.27
C PRO D 254 58.80 64.03 -20.63
N GLY D 255 60.11 63.99 -20.42
CA GLY D 255 60.98 65.12 -20.68
C GLY D 255 61.52 65.84 -19.46
N CYS D 256 61.26 65.33 -18.25
CA CYS D 256 61.71 66.00 -17.03
C CYS D 256 63.23 65.96 -16.97
N VAL D 257 63.86 67.15 -16.96
CA VAL D 257 65.30 67.26 -17.00
C VAL D 257 65.88 67.29 -15.60
N HIS D 258 65.69 68.40 -14.88
CA HIS D 258 66.24 68.53 -13.54
C HIS D 258 65.13 68.50 -12.51
N GLY D 259 64.37 67.39 -12.48
CA GLY D 259 63.28 67.25 -11.56
C GLY D 259 63.06 65.80 -11.19
N SER D 260 62.13 65.60 -10.26
CA SER D 260 61.77 64.27 -9.78
C SER D 260 60.28 64.23 -9.54
N CYS D 261 59.77 63.03 -9.21
CA CYS D 261 58.35 62.85 -8.95
C CYS D 261 58.15 62.18 -7.60
N VAL D 262 56.97 62.40 -7.05
CA VAL D 262 56.47 61.64 -5.90
C VAL D 262 55.27 60.79 -6.31
N GLU D 263 54.33 61.39 -7.00
CA GLU D 263 53.24 60.76 -7.71
C GLU D 263 53.53 60.74 -9.21
N PRO D 264 52.86 59.89 -9.98
CA PRO D 264 53.18 59.78 -11.41
C PRO D 264 53.02 61.09 -12.16
N TRP D 265 53.84 61.24 -13.20
CA TRP D 265 53.76 62.32 -14.19
C TRP D 265 54.06 63.70 -13.61
N GLN D 266 54.63 63.75 -12.41
CA GLN D 266 55.08 65.02 -11.86
C GLN D 266 56.48 65.35 -12.38
N CYS D 267 56.88 66.60 -12.18
CA CYS D 267 58.22 67.08 -12.55
C CYS D 267 58.56 68.26 -11.63
N ASN D 268 58.73 67.96 -10.35
CA ASN D 268 59.10 68.98 -9.37
C ASN D 268 60.57 69.35 -9.53
N CYS D 269 60.84 70.60 -9.87
CA CYS D 269 62.19 71.02 -10.19
C CYS D 269 63.06 71.10 -8.95
N GLU D 270 64.37 70.97 -9.15
CA GLU D 270 65.34 71.19 -8.09
C GLU D 270 65.36 72.66 -7.70
N THR D 271 66.17 72.97 -6.71
CA THR D 271 66.40 74.37 -6.34
C THR D 271 67.17 75.05 -7.46
N ASN D 272 66.69 76.25 -7.86
CA ASN D 272 67.22 77.04 -8.96
C ASN D 272 66.84 76.49 -10.32
N TRP D 273 65.63 75.96 -10.46
CA TRP D 273 65.16 75.47 -11.76
C TRP D 273 63.66 75.65 -11.90
N GLY D 274 63.25 76.00 -13.11
CA GLY D 274 61.84 76.17 -13.42
C GLY D 274 61.50 75.66 -14.80
N GLY D 275 60.29 75.92 -15.26
CA GLY D 275 59.89 75.39 -16.55
C GLY D 275 59.17 74.05 -16.42
N LEU D 276 58.26 73.81 -17.38
CA LEU D 276 57.43 72.61 -17.32
C LEU D 276 58.28 71.35 -17.24
N LEU D 277 59.42 71.33 -17.94
CA LEU D 277 60.32 70.19 -17.93
C LEU D 277 61.54 70.41 -17.03
N CYS D 278 61.52 71.47 -16.22
CA CYS D 278 62.65 71.83 -15.36
C CYS D 278 63.94 71.97 -16.16
N ASP D 279 63.86 72.71 -17.26
CA ASP D 279 64.99 72.94 -18.15
C ASP D 279 65.33 74.42 -18.29
N LYS D 280 64.82 75.26 -17.38
CA LYS D 280 65.10 76.69 -17.39
C LYS D 280 66.13 77.01 -16.32
N ASP D 281 67.17 77.75 -16.70
CA ASP D 281 68.24 78.10 -15.79
C ASP D 281 67.88 79.39 -15.06
N LEU D 282 68.01 79.38 -13.74
CA LEU D 282 67.72 80.56 -12.92
C LEU D 282 69.00 81.16 -12.36
N MET E 1 -6.29 10.50 15.12
CA MET E 1 -5.79 11.69 15.77
C MET E 1 -5.01 11.35 17.02
N GLY E 2 -3.86 12.00 17.19
CA GLY E 2 -3.04 11.83 18.37
C GLY E 2 -2.15 13.05 18.53
N TYR E 3 -0.86 12.83 18.81
CA TYR E 3 0.16 13.88 18.84
C TYR E 3 1.56 13.35 19.12
N PHE E 4 2.50 14.27 19.26
CA PHE E 4 3.88 13.96 19.54
C PHE E 4 4.32 14.70 20.79
N GLU E 5 5.12 14.03 21.64
CA GLU E 5 5.62 14.60 22.88
C GLU E 5 7.14 14.58 22.96
N LEU E 6 7.67 15.58 23.65
CA LEU E 6 9.09 15.71 23.87
C LEU E 6 9.31 16.29 25.26
N GLN E 7 10.01 15.55 26.12
CA GLN E 7 10.31 15.96 27.48
C GLN E 7 11.80 16.19 27.62
N LEU E 8 12.21 17.45 27.72
CA LEU E 8 13.61 17.82 27.93
C LEU E 8 13.97 17.64 29.40
N SER E 9 15.11 17.00 29.65
CA SER E 9 15.53 16.70 31.03
C SER E 9 16.82 17.40 31.46
N ALA E 10 17.69 17.77 30.53
CA ALA E 10 18.93 18.45 30.88
C ALA E 10 19.59 19.00 29.62
N LEU E 11 20.15 20.21 29.73
CA LEU E 11 21.03 20.82 28.74
C LEU E 11 22.32 21.24 29.44
N ARG E 12 23.44 21.17 28.71
CA ARG E 12 24.69 21.68 29.26
C ARG E 12 25.52 22.34 28.17
N ASN E 13 25.97 23.55 28.45
CA ASN E 13 26.82 24.34 27.54
C ASN E 13 28.02 24.77 28.37
N VAL E 14 29.15 24.10 28.19
CA VAL E 14 30.22 24.18 29.18
C VAL E 14 31.03 25.48 29.08
N ASN E 15 30.92 26.24 27.98
CA ASN E 15 31.59 27.52 27.84
C ASN E 15 30.64 28.72 27.77
N GLY E 16 29.37 28.51 27.50
CA GLY E 16 28.46 29.62 27.25
C GLY E 16 28.63 30.23 25.88
N GLU E 17 28.79 29.39 24.85
CA GLU E 17 29.10 29.82 23.50
C GLU E 17 27.86 29.85 22.62
N LEU E 18 28.08 30.03 21.31
CA LEU E 18 27.07 29.88 20.28
C LEU E 18 27.57 28.88 19.24
N LEU E 19 26.82 28.72 18.15
CA LEU E 19 27.35 27.95 17.02
C LEU E 19 28.54 28.66 16.39
N SER E 20 28.52 30.00 16.37
CA SER E 20 29.65 30.77 15.87
C SER E 20 30.86 30.71 16.80
N GLY E 21 30.70 30.19 18.02
CA GLY E 21 31.79 30.11 18.97
C GLY E 21 32.04 31.38 19.76
N ALA E 22 31.22 32.42 19.57
CA ALA E 22 31.44 33.71 20.21
C ALA E 22 30.89 33.74 21.63
N CYS E 23 30.47 34.93 22.08
CA CYS E 23 29.87 35.12 23.38
C CYS E 23 28.38 35.39 23.21
N CYS E 24 27.60 35.02 24.24
CA CYS E 24 26.16 35.12 24.14
C CYS E 24 25.67 36.54 24.39
N ASP E 25 25.45 36.91 25.65
CA ASP E 25 24.95 38.23 25.99
C ASP E 25 26.12 39.15 26.29
N GLY E 26 26.24 40.22 25.49
CA GLY E 26 27.28 41.20 25.68
C GLY E 26 26.74 42.62 25.73
N CYS E 36 32.39 32.23 28.99
CA CYS E 36 32.51 33.61 28.54
C CYS E 36 31.90 34.57 29.57
N GLY E 37 32.42 34.54 30.80
CA GLY E 37 31.88 35.41 31.83
C GLY E 37 30.53 34.92 32.30
N HIS E 38 29.56 35.83 32.39
CA HIS E 38 28.18 35.45 32.72
C HIS E 38 27.23 36.56 32.22
N ASP E 39 26.00 36.52 32.73
CA ASP E 39 24.79 36.96 32.02
C ASP E 39 24.61 36.01 30.85
N GLU E 40 24.44 34.72 31.18
CA GLU E 40 24.57 33.67 30.19
C GLU E 40 23.45 33.73 29.17
N CYS E 41 23.63 32.95 28.11
CA CYS E 41 22.58 32.66 27.15
C CYS E 41 21.41 32.12 27.96
N ASP E 42 20.35 32.91 28.13
CA ASP E 42 19.18 32.40 28.82
C ASP E 42 18.40 31.57 27.80
N THR E 43 18.50 30.25 27.94
CA THR E 43 18.25 29.31 26.85
C THR E 43 16.79 28.89 26.80
N TYR E 44 16.24 28.87 25.59
CA TYR E 44 14.98 28.19 25.33
C TYR E 44 15.17 27.28 24.12
N VAL E 45 14.23 26.35 23.95
CA VAL E 45 14.38 25.24 23.01
C VAL E 45 13.23 25.26 22.01
N ARG E 46 13.57 25.08 20.73
CA ARG E 46 12.59 24.97 19.66
C ARG E 46 12.61 23.54 19.11
N VAL E 47 11.43 23.01 18.80
CA VAL E 47 11.26 21.63 18.34
C VAL E 47 10.62 21.65 16.96
N CYS E 48 11.22 20.94 16.02
CA CYS E 48 10.73 20.83 14.65
C CYS E 48 10.52 19.36 14.31
N LEU E 49 9.41 19.06 13.66
CA LEU E 49 9.03 17.70 13.35
C LEU E 49 8.56 17.64 11.90
N LYS E 50 9.06 16.67 11.15
CA LYS E 50 8.77 16.58 9.72
C LYS E 50 8.95 15.13 9.28
N GLU E 51 8.83 14.89 7.97
CA GLU E 51 8.87 13.54 7.44
C GLU E 51 10.29 12.98 7.48
N TYR E 52 10.37 11.66 7.33
CA TYR E 52 11.65 10.97 7.42
C TYR E 52 12.57 11.40 6.29
N GLN E 53 13.85 11.56 6.61
CA GLN E 53 14.86 11.96 5.65
C GLN E 53 16.07 11.04 5.77
N ALA E 54 16.50 10.50 4.62
CA ALA E 54 17.73 9.71 4.62
C ALA E 54 18.93 10.54 5.07
N LYS E 55 19.10 11.71 4.45
CA LYS E 55 20.12 12.68 4.86
C LYS E 55 19.39 13.91 5.39
N VAL E 56 19.53 14.17 6.68
CA VAL E 56 18.76 15.23 7.32
C VAL E 56 19.28 16.59 6.87
N THR E 57 18.36 17.48 6.54
CA THR E 57 18.69 18.86 6.25
C THR E 57 18.28 19.76 7.41
N PRO E 58 19.10 20.77 7.75
CA PRO E 58 18.78 21.60 8.92
C PRO E 58 17.67 22.62 8.70
N THR E 59 17.27 22.88 7.46
CA THR E 59 16.18 23.79 7.17
C THR E 59 15.04 23.03 6.50
N GLY E 60 13.96 23.75 6.17
CA GLY E 60 12.82 23.16 5.54
C GLY E 60 11.59 23.21 6.42
N PRO E 61 10.41 22.94 5.84
CA PRO E 61 9.18 23.04 6.61
C PRO E 61 9.05 21.90 7.62
N CYS E 62 8.64 22.25 8.83
CA CYS E 62 8.32 21.27 9.86
C CYS E 62 6.94 20.70 9.53
N SER E 63 6.94 19.65 8.69
CA SER E 63 5.70 19.20 8.06
C SER E 63 4.69 18.68 9.07
N TYR E 64 5.17 18.08 10.16
CA TYR E 64 4.27 17.45 11.11
C TYR E 64 3.92 18.35 12.29
N GLY E 65 4.66 19.44 12.49
CA GLY E 65 4.36 20.38 13.56
C GLY E 65 5.60 20.94 14.22
N HIS E 66 5.41 21.87 15.16
CA HIS E 66 6.53 22.50 15.85
C HIS E 66 6.06 23.11 17.16
N GLY E 67 7.00 23.33 18.07
CA GLY E 67 6.71 23.91 19.35
C GLY E 67 7.96 24.53 19.95
N ALA E 68 7.75 25.36 20.98
CA ALA E 68 8.85 26.09 21.59
C ALA E 68 8.66 26.16 23.10
N THR E 69 9.66 26.73 23.75
CA THR E 69 9.95 26.71 25.17
C THR E 69 10.12 28.13 25.71
N PRO E 70 9.61 28.43 26.89
CA PRO E 70 10.04 29.65 27.60
C PRO E 70 11.48 29.49 28.08
N VAL E 71 12.10 30.55 28.57
CA VAL E 71 13.50 30.41 28.93
C VAL E 71 13.63 29.48 30.13
N LEU E 72 14.50 28.47 30.00
CA LEU E 72 14.65 27.43 31.01
C LEU E 72 15.80 27.67 31.98
N GLY E 73 16.98 28.07 31.49
CA GLY E 73 18.11 28.25 32.38
C GLY E 73 19.28 28.97 31.73
N GLY E 74 20.51 28.56 32.08
CA GLY E 74 21.70 29.19 31.53
C GLY E 74 22.62 28.22 30.81
N ASN E 75 23.88 28.15 31.26
CA ASN E 75 24.84 27.22 30.68
C ASN E 75 24.32 25.79 30.74
N SER E 76 24.15 25.28 31.94
CA SER E 76 23.66 23.93 32.17
C SER E 76 22.54 23.98 33.19
N PHE E 77 21.48 23.22 32.95
CA PHE E 77 20.36 23.15 33.88
C PHE E 77 19.78 21.76 33.84
N TYR E 78 19.35 21.28 35.01
CA TYR E 78 18.70 19.99 35.15
C TYR E 78 17.28 20.20 35.65
N LEU E 79 16.34 19.47 35.06
CA LEU E 79 14.93 19.64 35.40
C LEU E 79 14.43 18.40 36.11
N PRO E 80 13.96 18.50 37.35
CA PRO E 80 13.54 17.32 38.10
C PRO E 80 12.44 16.57 37.37
N PRO E 81 12.46 15.23 37.43
CA PRO E 81 11.47 14.44 36.69
C PRO E 81 10.18 14.23 37.47
N ALA E 82 9.35 13.29 37.01
CA ALA E 82 8.12 12.94 37.69
C ALA E 82 8.08 11.44 37.99
N GLY E 83 6.89 10.84 38.01
CA GLY E 83 6.74 9.43 38.28
C GLY E 83 5.41 9.07 38.95
N GLN E 99 3.40 22.81 28.25
CA GLN E 99 2.80 23.58 29.33
C GLN E 99 3.59 23.41 30.62
N ASP E 100 4.32 22.31 30.69
CA ASP E 100 5.09 21.92 31.87
C ASP E 100 6.52 22.44 31.70
N PRO E 101 7.45 22.25 32.67
CA PRO E 101 8.77 22.88 32.56
C PRO E 101 9.44 22.74 31.21
N GLY E 102 9.85 21.52 30.85
CA GLY E 102 10.50 21.31 29.57
C GLY E 102 9.75 20.35 28.69
N LEU E 103 8.42 20.44 28.72
CA LEU E 103 7.54 19.56 27.97
C LEU E 103 6.96 20.32 26.79
N VAL E 104 7.05 19.73 25.60
CA VAL E 104 6.50 20.30 24.38
C VAL E 104 5.55 19.28 23.77
N VAL E 105 4.36 19.73 23.39
CA VAL E 105 3.31 18.88 22.85
C VAL E 105 2.97 19.34 21.44
N ILE E 106 2.96 18.40 20.50
CA ILE E 106 2.67 18.71 19.10
C ILE E 106 1.52 17.82 18.63
N PRO E 107 0.29 18.33 18.57
CA PRO E 107 -0.83 17.53 18.08
C PRO E 107 -0.82 17.38 16.56
N PHE E 108 -1.49 16.33 16.10
CA PHE E 108 -1.66 16.10 14.66
C PHE E 108 -3.03 15.49 14.38
N GLN E 109 -3.52 15.71 13.16
CA GLN E 109 -4.79 15.15 12.70
C GLN E 109 -4.60 13.99 11.74
N PHE E 110 -3.53 13.98 10.97
CA PHE E 110 -3.30 12.95 9.96
C PHE E 110 -2.90 11.63 10.62
N ALA E 111 -2.72 10.60 9.80
CA ALA E 111 -2.28 9.31 10.29
C ALA E 111 -0.77 9.33 10.53
N TRP E 112 -0.36 8.86 11.71
CA TRP E 112 1.06 8.91 12.07
C TRP E 112 1.85 8.00 11.14
N PRO E 113 2.96 8.47 10.57
CA PRO E 113 3.63 7.70 9.51
C PRO E 113 4.79 6.84 9.97
N ARG E 114 4.90 6.58 11.28
CA ARG E 114 5.97 5.77 11.87
C ARG E 114 7.34 6.41 11.71
N SER E 115 7.78 6.57 10.46
CA SER E 115 9.04 7.22 10.16
C SER E 115 8.90 8.73 10.31
N PHE E 116 9.94 9.37 10.83
CA PHE E 116 9.89 10.81 11.08
C PHE E 116 11.32 11.35 11.15
N THR E 117 11.42 12.64 11.42
CA THR E 117 12.70 13.31 11.59
C THR E 117 12.52 14.43 12.59
N LEU E 118 13.25 14.36 13.70
CA LEU E 118 13.18 15.33 14.78
C LEU E 118 14.39 16.25 14.76
N ILE E 119 14.14 17.55 14.92
CA ILE E 119 15.21 18.56 14.98
C ILE E 119 14.98 19.42 16.22
N VAL E 120 15.98 19.45 17.11
CA VAL E 120 15.91 20.20 18.35
C VAL E 120 16.94 21.32 18.31
N GLU E 121 16.52 22.53 18.68
CA GLU E 121 17.37 23.71 18.65
C GLU E 121 17.46 24.30 20.06
N ALA E 122 18.60 24.94 20.34
CA ALA E 122 18.81 25.68 21.56
C ALA E 122 19.02 27.15 21.21
N TRP E 123 18.08 28.01 21.60
CA TRP E 123 18.06 29.40 21.20
C TRP E 123 18.37 30.31 22.37
N ASP E 124 19.24 31.30 22.13
CA ASP E 124 19.58 32.31 23.12
C ASP E 124 18.57 33.45 23.06
N TRP E 125 18.32 34.05 24.21
CA TRP E 125 17.28 35.07 24.35
C TRP E 125 17.90 36.31 24.98
N ASP E 126 18.14 37.33 24.16
CA ASP E 126 18.59 38.63 24.62
C ASP E 126 17.43 39.60 24.81
N ASN E 127 16.21 39.09 24.93
CA ASN E 127 14.97 39.86 25.12
C ASN E 127 14.65 40.77 23.95
N ASP E 128 15.38 40.65 22.83
CA ASP E 128 15.20 41.61 21.74
C ASP E 128 13.85 41.45 21.05
N THR E 129 13.28 40.25 21.11
CA THR E 129 11.97 39.96 20.51
C THR E 129 11.93 40.42 19.05
N THR E 130 12.97 40.05 18.33
CA THR E 130 13.09 40.24 16.89
C THR E 130 13.22 38.88 16.22
N PRO E 131 12.92 38.78 14.93
CA PRO E 131 13.16 37.52 14.21
C PRO E 131 14.58 37.48 13.72
N ASN E 132 15.40 36.55 14.21
CA ASN E 132 16.83 36.74 14.07
C ASN E 132 17.54 35.40 14.02
N GLU E 133 18.71 35.43 13.37
CA GLU E 133 19.45 34.21 13.07
C GLU E 133 20.73 34.02 13.87
N GLU E 134 21.26 35.07 14.51
CA GLU E 134 22.50 34.88 15.23
C GLU E 134 22.30 34.33 16.64
N LEU E 135 21.07 34.30 17.14
CA LEU E 135 20.77 33.91 18.51
C LEU E 135 20.48 32.41 18.64
N LEU E 136 21.36 31.59 18.05
CA LEU E 136 21.23 30.15 18.08
C LEU E 136 22.50 29.54 18.64
N ILE E 137 22.35 28.58 19.55
CA ILE E 137 23.48 27.91 20.18
C ILE E 137 23.79 26.59 19.51
N GLU E 138 22.76 25.80 19.23
CA GLU E 138 22.97 24.41 18.81
C GLU E 138 21.72 23.92 18.11
N ARG E 139 21.93 23.11 17.07
CA ARG E 139 20.85 22.41 16.37
C ARG E 139 21.28 20.96 16.20
N VAL E 140 20.44 20.04 16.69
CA VAL E 140 20.70 18.62 16.60
C VAL E 140 19.51 17.94 15.96
N SER E 141 19.76 16.83 15.28
CA SER E 141 18.71 16.13 14.54
C SER E 141 18.72 14.66 14.89
N HIS E 142 17.62 13.99 14.54
CA HIS E 142 17.50 12.54 14.69
C HIS E 142 16.36 12.07 13.81
N ALA E 143 16.59 10.98 13.07
CA ALA E 143 15.57 10.40 12.20
C ALA E 143 15.42 8.93 12.55
N GLY E 144 14.22 8.52 12.89
CA GLY E 144 13.97 7.15 13.29
C GLY E 144 12.49 6.83 13.22
N MET E 145 12.07 5.85 14.02
CA MET E 145 10.70 5.39 14.04
C MET E 145 10.17 5.35 15.47
N ILE E 146 8.86 5.45 15.61
CA ILE E 146 8.23 5.43 16.92
C ILE E 146 6.77 5.01 16.74
N ASN E 147 6.30 4.17 17.66
CA ASN E 147 4.92 3.71 17.72
C ASN E 147 4.34 4.04 19.08
N PRO E 148 3.01 4.07 19.21
CA PRO E 148 2.40 4.28 20.53
C PRO E 148 2.71 3.17 21.53
N GLU E 149 3.29 2.04 21.09
CA GLU E 149 3.57 0.92 21.98
C GLU E 149 4.86 1.11 22.76
N ASP E 150 5.83 1.85 22.20
CA ASP E 150 7.15 1.96 22.79
C ASP E 150 7.20 2.87 24.01
N ARG E 151 6.16 3.67 24.23
CA ARG E 151 6.07 4.61 25.37
C ARG E 151 7.23 5.60 25.25
N TRP E 152 7.87 5.99 26.35
CA TRP E 152 8.96 6.95 26.29
C TRP E 152 10.23 6.30 25.79
N LYS E 153 10.88 6.93 24.81
CA LYS E 153 12.18 6.51 24.30
C LYS E 153 13.18 7.61 24.59
N SER E 154 14.33 7.24 25.15
CA SER E 154 15.33 8.22 25.55
C SER E 154 16.26 8.54 24.39
N LEU E 155 16.65 9.80 24.29
CA LEU E 155 17.54 10.28 23.24
C LEU E 155 18.58 11.22 23.83
N HIS E 156 19.83 11.03 23.39
CA HIS E 156 21.00 11.75 23.90
C HIS E 156 21.67 12.46 22.73
N PHE E 157 21.86 13.76 22.86
CA PHE E 157 22.45 14.58 21.80
C PHE E 157 23.64 15.34 22.37
N SER E 158 24.84 15.01 21.91
CA SER E 158 26.05 15.76 22.24
C SER E 158 26.59 16.37 20.97
N GLY E 159 26.61 17.70 20.90
CA GLY E 159 27.02 18.42 19.72
C GLY E 159 28.33 19.16 19.91
N HIS E 160 28.59 20.06 18.95
CA HIS E 160 29.83 20.83 18.96
C HIS E 160 29.85 21.84 20.11
N VAL E 161 28.68 22.27 20.58
CA VAL E 161 28.60 23.28 21.63
C VAL E 161 27.92 22.72 22.86
N ALA E 162 26.63 22.41 22.74
CA ALA E 162 25.82 21.99 23.87
C ALA E 162 25.73 20.47 23.94
N HIS E 163 24.92 20.00 24.88
CA HIS E 163 24.69 18.58 25.08
C HIS E 163 23.31 18.40 25.70
N LEU E 164 22.54 17.45 25.17
CA LEU E 164 21.11 17.38 25.41
C LEU E 164 20.63 15.99 25.80
N GLU E 165 19.71 15.95 26.78
CA GLU E 165 19.04 14.73 27.23
C GLU E 165 17.54 14.93 27.17
N LEU E 166 16.84 14.06 26.45
CA LEU E 166 15.40 14.20 26.31
C LEU E 166 14.77 12.85 26.01
N GLN E 167 13.44 12.81 26.12
CA GLN E 167 12.66 11.63 25.77
C GLN E 167 11.47 12.06 24.92
N ILE E 168 11.09 11.21 23.98
CA ILE E 168 9.96 11.47 23.09
C ILE E 168 8.94 10.34 23.23
N ARG E 169 7.74 10.59 22.71
CA ARG E 169 6.61 9.68 22.87
C ARG E 169 5.46 10.17 21.99
N VAL E 170 4.67 9.21 21.51
CA VAL E 170 3.42 9.50 20.82
C VAL E 170 2.31 8.68 21.49
N ARG E 171 1.25 9.34 21.90
CA ARG E 171 0.12 8.68 22.54
C ARG E 171 -1.14 9.24 21.88
N CYS E 172 -2.13 8.35 21.62
CA CYS E 172 -3.30 8.67 20.80
C CYS E 172 -4.40 9.37 21.61
N ASP E 173 -5.22 10.15 20.90
CA ASP E 173 -6.44 10.68 21.51
C ASP E 173 -7.39 9.54 21.85
N GLU E 174 -8.27 9.79 22.82
CA GLU E 174 -9.21 8.75 23.22
C GLU E 174 -10.17 8.44 22.07
N ASN E 175 -10.63 7.18 22.04
CA ASN E 175 -11.48 6.63 20.99
C ASN E 175 -10.75 6.48 19.66
N TYR E 176 -9.42 6.51 19.69
CA TYR E 176 -8.61 6.25 18.50
C TYR E 176 -7.61 5.14 18.81
N TYR E 177 -7.36 4.29 17.82
CA TYR E 177 -6.62 3.05 18.03
C TYR E 177 -5.63 2.88 16.89
N SER E 178 -4.95 1.72 16.88
CA SER E 178 -3.93 1.34 15.89
C SER E 178 -2.70 2.23 16.01
N ALA E 179 -1.58 1.77 15.44
CA ALA E 179 -0.32 2.51 15.55
C ALA E 179 -0.36 3.84 14.81
N THR E 180 -1.33 4.05 13.93
CA THR E 180 -1.46 5.31 13.22
C THR E 180 -2.41 6.29 13.91
N CYS E 181 -3.08 5.85 14.99
CA CYS E 181 -4.09 6.63 15.70
C CYS E 181 -5.27 7.03 14.82
N ASN E 182 -5.42 6.40 13.66
CA ASN E 182 -6.40 6.82 12.67
C ASN E 182 -7.64 5.93 12.66
N LYS E 183 -7.74 4.96 13.57
CA LYS E 183 -8.86 4.04 13.63
C LYS E 183 -9.77 4.46 14.78
N PHE E 184 -10.96 4.96 14.45
CA PHE E 184 -11.88 5.51 15.43
C PHE E 184 -12.89 4.46 15.88
N CYS E 185 -13.22 4.47 17.16
CA CYS E 185 -14.25 3.58 17.70
C CYS E 185 -14.74 4.17 19.01
N ARG E 186 -16.04 4.43 19.12
CA ARG E 186 -16.62 4.90 20.36
C ARG E 186 -17.87 4.09 20.68
N PRO E 187 -17.98 3.53 21.88
CA PRO E 187 -19.18 2.75 22.23
C PRO E 187 -20.44 3.60 22.20
N ARG E 188 -21.57 2.95 21.93
CA ARG E 188 -22.86 3.63 21.97
C ARG E 188 -23.97 2.61 22.15
N ASN E 189 -25.12 3.10 22.64
CA ASN E 189 -26.27 2.29 22.98
C ASN E 189 -27.51 3.09 22.62
N ASP E 190 -27.74 3.25 21.32
CA ASP E 190 -28.87 4.04 20.84
C ASP E 190 -29.31 3.48 19.49
N PHE E 191 -30.16 4.25 18.79
CA PHE E 191 -30.69 3.81 17.51
C PHE E 191 -29.59 3.53 16.49
N PHE E 192 -28.47 4.25 16.57
CA PHE E 192 -27.40 4.09 15.59
C PHE E 192 -26.48 2.91 15.88
N GLY E 193 -26.73 2.15 16.94
CA GLY E 193 -25.95 0.96 17.23
C GLY E 193 -25.91 0.65 18.71
N HIS E 194 -25.52 -0.60 19.01
CA HIS E 194 -25.41 -1.09 20.39
C HIS E 194 -24.15 -1.95 20.46
N TYR E 195 -23.02 -1.32 20.78
CA TYR E 195 -21.74 -2.03 20.74
C TYR E 195 -20.75 -1.38 21.70
N THR E 196 -19.67 -2.11 21.96
CA THR E 196 -18.49 -1.62 22.66
C THR E 196 -17.27 -1.81 21.76
N CYS E 197 -16.15 -1.23 22.18
CA CYS E 197 -14.90 -1.32 21.43
C CYS E 197 -13.89 -2.14 22.22
N ASP E 198 -13.21 -3.07 21.55
CA ASP E 198 -12.13 -3.81 22.16
C ASP E 198 -10.84 -2.99 22.04
N GLN E 199 -9.71 -3.60 22.37
CA GLN E 199 -8.45 -2.85 22.40
C GLN E 199 -7.81 -2.68 21.02
N TYR E 200 -8.36 -3.32 20.00
CA TYR E 200 -7.88 -3.15 18.63
C TYR E 200 -8.66 -2.10 17.85
N GLY E 201 -9.72 -1.54 18.44
CA GLY E 201 -10.56 -0.58 17.78
C GLY E 201 -11.75 -1.16 17.04
N ASN E 202 -11.96 -2.48 17.14
CA ASN E 202 -13.07 -3.13 16.46
C ASN E 202 -14.33 -3.05 17.32
N LYS E 203 -15.49 -3.09 16.65
CA LYS E 203 -16.77 -3.08 17.33
C LYS E 203 -17.14 -4.47 17.82
N ALA E 204 -17.66 -4.53 19.04
CA ALA E 204 -18.16 -5.77 19.63
C ALA E 204 -19.60 -5.54 20.04
N CYS E 205 -20.51 -6.36 19.50
CA CYS E 205 -21.93 -6.21 19.79
C CYS E 205 -22.21 -6.43 21.27
N MET E 206 -23.04 -5.55 21.83
CA MET E 206 -23.61 -5.82 23.14
C MET E 206 -24.49 -7.07 23.05
N ASP E 207 -24.54 -7.82 24.13
CA ASP E 207 -25.26 -9.09 24.11
C ASP E 207 -26.75 -8.84 23.83
N GLY E 208 -27.34 -9.72 23.01
CA GLY E 208 -28.70 -9.57 22.55
C GLY E 208 -28.82 -8.87 21.21
N TRP E 209 -27.72 -8.37 20.66
CA TRP E 209 -27.71 -7.64 19.40
C TRP E 209 -26.76 -8.34 18.44
N MET E 210 -27.07 -8.20 17.15
CA MET E 210 -26.24 -8.78 16.11
C MET E 210 -26.34 -7.89 14.88
N GLY E 211 -25.54 -8.21 13.88
CA GLY E 211 -25.59 -7.54 12.60
C GLY E 211 -24.39 -6.63 12.39
N LYS E 212 -24.56 -5.75 11.40
CA LYS E 212 -23.44 -4.97 10.89
C LYS E 212 -22.89 -4.05 11.97
N GLU E 213 -23.75 -3.26 12.57
CA GLU E 213 -23.35 -2.50 13.73
C GLU E 213 -24.13 -2.90 14.96
N CYS E 214 -24.48 -4.18 15.11
CA CYS E 214 -25.24 -4.64 16.25
C CYS E 214 -26.51 -3.80 16.37
N LYS E 215 -27.25 -3.75 15.27
CA LYS E 215 -28.49 -3.01 15.19
C LYS E 215 -29.72 -3.90 15.20
N GLU E 216 -29.57 -5.18 14.92
CA GLU E 216 -30.69 -6.13 14.88
C GLU E 216 -30.80 -6.85 16.22
N ALA E 217 -31.95 -6.73 16.86
CA ALA E 217 -32.17 -7.35 18.15
C ALA E 217 -32.54 -8.83 17.97
N VAL E 218 -32.22 -9.63 18.99
CA VAL E 218 -32.53 -11.04 19.01
C VAL E 218 -33.77 -11.23 19.86
N CYS E 219 -34.88 -11.63 19.24
CA CYS E 219 -36.14 -11.75 19.96
C CYS E 219 -36.11 -12.96 20.88
N LYS E 220 -37.16 -13.11 21.67
CA LYS E 220 -37.29 -14.22 22.61
C LYS E 220 -37.21 -15.55 21.87
N GLN E 221 -36.50 -16.50 22.47
CA GLN E 221 -36.35 -17.82 21.87
C GLN E 221 -37.71 -18.53 21.90
N GLY E 222 -38.22 -18.82 20.70
CA GLY E 222 -39.55 -19.39 20.53
C GLY E 222 -40.56 -18.44 19.91
N CYS E 223 -40.21 -17.16 19.76
CA CYS E 223 -41.14 -16.17 19.25
C CYS E 223 -41.49 -16.46 17.80
N ASN E 224 -42.79 -16.49 17.50
CA ASN E 224 -43.27 -16.73 16.14
C ASN E 224 -42.98 -15.49 15.32
N LEU E 225 -41.95 -15.54 14.49
CA LEU E 225 -41.51 -14.36 13.76
C LEU E 225 -42.31 -14.11 12.49
N LEU E 226 -43.36 -14.89 12.26
CA LEU E 226 -44.33 -14.58 11.22
C LEU E 226 -45.39 -13.61 11.71
N HIS E 227 -45.79 -13.72 12.97
CA HIS E 227 -46.76 -12.81 13.57
C HIS E 227 -46.19 -11.96 14.70
N GLY E 228 -44.91 -12.15 15.04
CA GLY E 228 -44.31 -11.41 16.14
C GLY E 228 -42.94 -10.87 15.77
N GLY E 229 -42.45 -9.99 16.63
CA GLY E 229 -41.15 -9.38 16.42
C GLY E 229 -40.68 -8.69 17.68
N CYS E 230 -39.58 -7.94 17.54
CA CYS E 230 -39.00 -7.24 18.68
C CYS E 230 -38.13 -6.10 18.17
N THR E 231 -38.06 -5.05 18.98
CA THR E 231 -37.13 -3.95 18.71
C THR E 231 -36.02 -3.83 19.74
N VAL E 232 -36.17 -4.43 20.91
CA VAL E 232 -35.09 -4.58 21.89
C VAL E 232 -34.97 -6.07 22.23
N PRO E 233 -33.79 -6.54 22.63
CA PRO E 233 -33.59 -8.00 22.71
C PRO E 233 -34.49 -8.67 23.74
N GLY E 234 -34.77 -9.95 23.49
CA GLY E 234 -35.54 -10.78 24.40
C GLY E 234 -37.04 -10.53 24.39
N GLU E 235 -37.52 -9.57 23.61
CA GLU E 235 -38.92 -9.23 23.56
C GLU E 235 -39.65 -10.06 22.49
N CYS E 236 -40.98 -10.07 22.57
CA CYS E 236 -41.81 -10.74 21.56
C CYS E 236 -43.18 -10.07 21.55
N ARG E 237 -43.27 -8.93 20.86
CA ARG E 237 -44.53 -8.19 20.77
C ARG E 237 -45.25 -8.56 19.47
N CYS E 238 -46.57 -8.69 19.57
CA CYS E 238 -47.37 -9.38 18.56
C CYS E 238 -48.01 -8.42 17.56
N SER E 239 -48.25 -8.93 16.35
CA SER E 239 -48.98 -8.18 15.35
C SER E 239 -50.45 -8.04 15.74
N TYR E 240 -51.15 -7.13 15.07
CA TYR E 240 -52.55 -6.86 15.37
C TYR E 240 -53.39 -8.07 14.99
N GLY E 241 -54.00 -8.69 15.99
CA GLY E 241 -54.73 -9.94 15.80
C GLY E 241 -54.12 -11.14 16.48
N TRP E 242 -52.97 -10.99 17.13
CA TRP E 242 -52.27 -12.10 17.73
C TRP E 242 -51.91 -11.76 19.17
N GLN E 243 -51.67 -12.80 19.96
CA GLN E 243 -51.39 -12.64 21.38
C GLN E 243 -50.61 -13.86 21.86
N GLY E 244 -50.19 -13.82 23.11
CA GLY E 244 -49.54 -14.94 23.75
C GLY E 244 -48.06 -14.67 24.02
N ARG E 245 -47.47 -15.59 24.78
CA ARG E 245 -46.06 -15.50 25.12
C ARG E 245 -45.19 -15.48 23.87
N PHE E 246 -45.57 -16.25 22.85
CA PHE E 246 -44.79 -16.36 21.63
C PHE E 246 -45.49 -15.77 20.43
N CYS E 247 -46.61 -15.08 20.64
CA CYS E 247 -47.38 -14.47 19.54
C CYS E 247 -47.82 -15.52 18.52
N ASP E 248 -48.40 -16.62 19.01
CA ASP E 248 -48.87 -17.69 18.15
C ASP E 248 -50.30 -18.10 18.47
N GLU E 249 -51.03 -17.26 19.20
CA GLU E 249 -52.44 -17.48 19.51
C GLU E 249 -53.23 -16.32 18.92
N CYS E 250 -54.31 -16.64 18.20
CA CYS E 250 -55.13 -15.61 17.59
C CYS E 250 -56.00 -14.92 18.63
N VAL E 251 -56.41 -13.70 18.31
CA VAL E 251 -57.32 -12.93 19.14
C VAL E 251 -58.75 -13.19 18.62
N PRO E 252 -59.65 -13.73 19.43
CA PRO E 252 -61.04 -13.88 19.00
C PRO E 252 -61.73 -12.53 18.93
N TYR E 253 -62.89 -12.50 18.28
CA TYR E 253 -63.61 -11.25 18.11
C TYR E 253 -64.01 -10.70 19.49
N PRO E 254 -63.89 -9.39 19.69
CA PRO E 254 -64.20 -8.82 21.02
C PRO E 254 -65.64 -9.13 21.43
N GLY E 255 -65.78 -9.79 22.57
CA GLY E 255 -67.07 -10.18 23.09
C GLY E 255 -67.44 -11.63 22.87
N CYS E 256 -66.60 -12.40 22.18
CA CYS E 256 -66.89 -13.81 21.95
C CYS E 256 -66.97 -14.54 23.28
N VAL E 257 -68.03 -15.33 23.46
CA VAL E 257 -68.28 -16.02 24.72
C VAL E 257 -67.95 -17.50 24.56
N HIS E 258 -68.90 -18.29 24.07
CA HIS E 258 -68.70 -19.73 23.88
C HIS E 258 -68.19 -20.02 22.47
N GLY E 259 -67.01 -19.48 22.17
CA GLY E 259 -66.39 -19.66 20.88
C GLY E 259 -64.88 -19.58 20.97
N SER E 260 -64.24 -19.69 19.83
CA SER E 260 -62.78 -19.63 19.74
C SER E 260 -62.40 -19.26 18.31
N CYS E 261 -61.12 -18.94 18.12
CA CYS E 261 -60.62 -18.54 16.82
C CYS E 261 -59.54 -19.51 16.34
N VAL E 262 -59.32 -19.51 15.02
CA VAL E 262 -58.17 -20.15 14.40
C VAL E 262 -57.26 -19.12 13.73
N GLU E 263 -57.84 -18.27 12.89
CA GLU E 263 -57.19 -17.05 12.42
C GLU E 263 -57.85 -15.84 13.09
N PRO E 264 -57.18 -14.67 13.10
CA PRO E 264 -57.60 -13.60 14.01
C PRO E 264 -59.05 -13.15 13.82
N TRP E 265 -59.66 -12.74 14.93
CA TRP E 265 -60.96 -12.05 15.02
C TRP E 265 -62.14 -12.98 14.79
N GLN E 266 -61.93 -14.28 14.70
CA GLN E 266 -63.04 -15.20 14.51
C GLN E 266 -63.77 -15.44 15.83
N CYS E 267 -64.92 -16.12 15.74
CA CYS E 267 -65.73 -16.51 16.89
C CYS E 267 -66.50 -17.77 16.48
N ASN E 268 -65.76 -18.86 16.28
CA ASN E 268 -66.34 -20.14 15.86
C ASN E 268 -67.02 -20.80 17.05
N CYS E 269 -68.34 -20.94 16.99
CA CYS E 269 -69.11 -21.35 18.16
C CYS E 269 -68.84 -22.81 18.52
N GLU E 270 -69.04 -23.11 19.80
CA GLU E 270 -69.12 -24.49 20.23
C GLU E 270 -70.47 -25.08 19.83
N THR E 271 -70.61 -26.39 20.01
CA THR E 271 -71.80 -27.08 19.52
C THR E 271 -73.05 -26.59 20.23
N ASN E 272 -74.09 -26.33 19.45
CA ASN E 272 -75.37 -25.80 19.94
C ASN E 272 -75.18 -24.50 20.72
N TRP E 273 -74.31 -23.65 20.20
CA TRP E 273 -74.27 -22.24 20.52
C TRP E 273 -74.26 -21.48 19.21
N GLY E 274 -74.96 -20.34 19.17
CA GLY E 274 -75.06 -19.58 17.94
C GLY E 274 -74.99 -18.09 18.16
N GLY E 275 -75.17 -17.33 17.10
CA GLY E 275 -75.11 -15.89 17.20
C GLY E 275 -73.75 -15.33 16.80
N LEU E 276 -73.73 -14.01 16.64
CA LEU E 276 -72.49 -13.34 16.24
C LEU E 276 -71.40 -13.48 17.30
N LEU E 277 -71.79 -13.57 18.57
CA LEU E 277 -70.82 -13.68 19.66
C LEU E 277 -70.87 -15.05 20.35
N CYS E 278 -71.57 -16.03 19.78
CA CYS E 278 -71.72 -17.36 20.38
C CYS E 278 -72.20 -17.26 21.82
N ASP E 279 -73.39 -16.69 21.98
CA ASP E 279 -73.99 -16.59 23.31
C ASP E 279 -75.47 -17.00 23.33
N LYS E 280 -75.98 -17.59 22.26
CA LYS E 280 -77.38 -18.02 22.18
C LYS E 280 -77.45 -19.54 22.33
N ASP E 281 -78.22 -19.98 23.32
CA ASP E 281 -78.50 -21.40 23.47
C ASP E 281 -79.47 -21.85 22.39
N LEU E 282 -79.11 -22.89 21.64
CA LEU E 282 -79.85 -23.29 20.45
C LEU E 282 -80.79 -24.47 20.67
N ASN E 283 -80.90 -24.98 21.89
CA ASN E 283 -81.68 -26.17 22.17
C ASN E 283 -82.88 -25.85 23.05
N GLY E 284 -84.03 -26.44 22.71
CA GLY E 284 -85.25 -26.25 23.49
C GLY E 284 -86.50 -26.20 22.65
N MET F 1 11.66 34.85 6.59
CA MET F 1 10.41 34.50 7.26
C MET F 1 9.29 35.44 6.82
N GLY F 2 8.06 34.91 6.82
CA GLY F 2 6.93 35.68 6.38
C GLY F 2 5.62 35.10 6.88
N TYR F 3 4.54 35.39 6.16
CA TYR F 3 3.22 34.92 6.52
C TYR F 3 2.38 34.70 5.27
N PHE F 4 1.31 33.93 5.45
CA PHE F 4 0.28 33.70 4.44
C PHE F 4 -1.05 34.18 5.02
N GLU F 5 -1.65 35.17 4.37
CA GLU F 5 -2.91 35.75 4.83
C GLU F 5 -4.07 35.28 3.97
N LEU F 6 -5.18 34.95 4.63
CA LEU F 6 -6.42 34.60 3.97
C LEU F 6 -7.53 35.42 4.60
N GLN F 7 -8.26 36.17 3.77
CA GLN F 7 -9.31 37.06 4.22
C GLN F 7 -10.61 36.67 3.53
N LEU F 8 -11.53 36.08 4.27
CA LEU F 8 -12.84 35.74 3.74
C LEU F 8 -13.71 37.00 3.68
N SER F 9 -14.33 37.24 2.53
CA SER F 9 -15.11 38.46 2.32
C SER F 9 -16.60 38.22 2.13
N ALA F 10 -17.00 37.01 1.73
CA ALA F 10 -18.41 36.67 1.58
C ALA F 10 -18.55 35.16 1.65
N LEU F 11 -19.69 34.70 2.15
CA LEU F 11 -20.02 33.28 2.22
C LEU F 11 -21.53 33.14 2.40
N ARG F 12 -22.12 32.16 1.71
CA ARG F 12 -23.56 31.97 1.72
C ARG F 12 -23.89 30.49 1.85
N ASN F 13 -24.89 30.18 2.69
CA ASN F 13 -25.44 28.85 2.85
C ASN F 13 -26.97 29.01 2.85
N VAL F 14 -27.51 29.26 1.66
CA VAL F 14 -28.87 29.80 1.53
C VAL F 14 -29.89 28.88 2.19
N ASN F 15 -29.81 27.59 1.90
CA ASN F 15 -30.78 26.60 2.36
C ASN F 15 -30.39 25.94 3.68
N GLY F 16 -29.30 26.39 4.30
CA GLY F 16 -28.90 25.90 5.60
C GLY F 16 -28.39 24.48 5.66
N GLU F 17 -28.12 23.86 4.51
CA GLU F 17 -27.66 22.48 4.52
C GLU F 17 -26.21 22.38 4.99
N LEU F 18 -25.74 21.13 5.06
CA LEU F 18 -24.34 20.78 5.21
C LEU F 18 -23.99 19.81 4.09
N LEU F 19 -22.70 19.57 3.89
CA LEU F 19 -22.29 18.65 2.84
C LEU F 19 -22.91 17.26 3.01
N SER F 20 -23.30 16.91 4.24
CA SER F 20 -23.98 15.64 4.49
C SER F 20 -25.26 15.52 3.67
N GLY F 21 -25.99 16.62 3.53
CA GLY F 21 -27.31 16.62 2.95
C GLY F 21 -28.41 16.91 3.96
N ALA F 22 -28.11 16.81 5.24
CA ALA F 22 -29.06 17.19 6.29
C ALA F 22 -29.03 18.69 6.50
N CYS F 23 -29.23 19.15 7.73
CA CYS F 23 -29.23 20.56 8.05
C CYS F 23 -28.52 20.77 9.39
N CYS F 24 -28.35 22.04 9.76
CA CYS F 24 -27.38 22.47 10.79
C CYS F 24 -27.47 21.68 12.09
N ASP F 25 -28.26 22.15 13.04
CA ASP F 25 -28.35 21.48 14.33
C ASP F 25 -29.76 20.94 14.56
N GLY F 35 -37.41 26.71 4.08
CA GLY F 35 -36.01 26.39 4.25
C GLY F 35 -35.78 25.06 4.93
N CYS F 36 -34.98 25.08 6.00
CA CYS F 36 -34.70 23.86 6.75
C CYS F 36 -34.28 24.19 8.17
N GLY F 37 -35.25 24.49 9.03
CA GLY F 37 -34.98 24.79 10.43
C GLY F 37 -34.46 26.20 10.64
N HIS F 38 -34.86 26.83 11.74
CA HIS F 38 -34.41 28.18 12.04
C HIS F 38 -32.99 28.20 12.58
N ASP F 39 -32.54 27.11 13.20
CA ASP F 39 -31.18 27.04 13.73
C ASP F 39 -30.16 27.33 12.63
N GLU F 40 -29.61 28.54 12.66
CA GLU F 40 -28.61 28.93 11.67
C GLU F 40 -27.31 28.21 11.95
N CYS F 41 -26.68 27.70 10.88
CA CYS F 41 -25.34 27.15 11.00
C CYS F 41 -24.40 28.22 11.54
N ASP F 42 -23.82 27.96 12.70
CA ASP F 42 -22.91 28.89 13.35
C ASP F 42 -21.53 28.68 12.74
N THR F 43 -21.26 29.36 11.64
CA THR F 43 -20.15 29.01 10.76
C THR F 43 -18.82 29.59 11.23
N TYR F 44 -17.76 28.82 11.06
CA TYR F 44 -16.39 29.28 11.25
C TYR F 44 -15.50 28.65 10.19
N VAL F 45 -14.48 29.39 9.78
CA VAL F 45 -13.62 29.04 8.65
C VAL F 45 -12.33 28.43 9.16
N ARG F 46 -11.78 27.51 8.38
CA ARG F 46 -10.69 26.65 8.81
C ARG F 46 -9.76 26.42 7.61
N VAL F 47 -8.49 26.77 7.78
CA VAL F 47 -7.54 26.89 6.66
C VAL F 47 -6.42 25.86 6.80
N CYS F 48 -6.05 25.24 5.68
CA CYS F 48 -4.98 24.26 5.62
C CYS F 48 -4.09 24.57 4.42
N LEU F 49 -2.77 24.54 4.63
CA LEU F 49 -1.79 24.92 3.63
C LEU F 49 -0.70 23.86 3.55
N LYS F 50 -0.34 23.45 2.34
CA LYS F 50 0.69 22.44 2.14
C LYS F 50 1.25 22.56 0.73
N GLU F 51 2.12 21.62 0.36
CA GLU F 51 2.86 21.74 -0.89
C GLU F 51 1.95 21.55 -2.09
N TYR F 52 2.48 21.92 -3.26
CA TYR F 52 1.72 21.86 -4.50
C TYR F 52 1.50 20.41 -4.94
N GLN F 53 0.35 20.16 -5.58
CA GLN F 53 0.07 18.85 -6.14
C GLN F 53 -0.71 19.00 -7.44
N ALA F 54 -0.42 18.11 -8.41
CA ALA F 54 -1.15 18.12 -9.67
C ALA F 54 -2.63 17.81 -9.46
N LYS F 55 -2.96 16.96 -8.49
CA LYS F 55 -4.36 16.65 -8.17
C LYS F 55 -4.51 16.72 -6.65
N VAL F 56 -5.45 17.55 -6.19
CA VAL F 56 -5.51 17.91 -4.78
C VAL F 56 -6.02 16.73 -3.96
N THR F 57 -5.59 16.68 -2.70
CA THR F 57 -5.88 15.67 -1.70
C THR F 57 -6.56 16.31 -0.49
N PRO F 58 -7.60 15.68 0.08
CA PRO F 58 -8.23 16.23 1.28
C PRO F 58 -7.54 15.83 2.58
N THR F 59 -6.64 14.85 2.56
CA THR F 59 -5.97 14.36 3.75
C THR F 59 -4.56 14.95 3.87
N GLY F 60 -3.66 14.21 4.51
CA GLY F 60 -2.28 14.60 4.59
C GLY F 60 -2.02 15.74 5.55
N PRO F 61 -0.76 15.90 5.94
CA PRO F 61 -0.41 17.02 6.85
C PRO F 61 -0.44 18.35 6.13
N CYS F 62 -0.98 19.36 6.81
CA CYS F 62 -0.89 20.72 6.33
C CYS F 62 0.54 21.20 6.52
N SER F 63 1.41 20.90 5.54
CA SER F 63 2.85 21.02 5.74
C SER F 63 3.30 22.45 6.00
N TYR F 64 2.60 23.43 5.44
CA TYR F 64 3.02 24.82 5.53
C TYR F 64 2.33 25.57 6.68
N GLY F 65 1.45 24.91 7.42
CA GLY F 65 0.75 25.54 8.52
C GLY F 65 -0.76 25.52 8.33
N HIS F 66 -1.46 25.98 9.36
CA HIS F 66 -2.90 25.99 9.35
C HIS F 66 -3.40 27.07 10.30
N GLY F 67 -4.72 27.16 10.42
CA GLY F 67 -5.35 28.18 11.23
C GLY F 67 -6.85 28.11 11.08
N ALA F 68 -7.53 28.95 11.86
CA ALA F 68 -8.99 28.96 11.84
C ALA F 68 -9.46 30.29 12.43
N THR F 69 -10.78 30.48 12.37
CA THR F 69 -11.46 31.68 12.84
C THR F 69 -12.57 31.30 13.79
N PRO F 70 -13.00 32.24 14.65
CA PRO F 70 -14.21 31.98 15.46
C PRO F 70 -15.48 32.05 14.64
N VAL F 71 -16.63 32.02 15.30
CA VAL F 71 -17.90 32.12 14.59
C VAL F 71 -18.11 33.55 14.15
N LEU F 72 -18.13 33.77 12.83
CA LEU F 72 -18.30 35.11 12.30
C LEU F 72 -19.75 35.46 12.00
N GLY F 73 -20.56 34.48 11.67
CA GLY F 73 -21.96 34.74 11.38
C GLY F 73 -22.74 33.47 11.17
N GLY F 74 -23.94 33.63 10.61
CA GLY F 74 -24.81 32.53 10.30
C GLY F 74 -24.51 31.92 8.94
N ASN F 75 -25.58 31.47 8.28
CA ASN F 75 -25.43 30.80 6.99
C ASN F 75 -25.05 31.76 5.86
N SER F 76 -25.14 33.07 6.08
CA SER F 76 -24.71 34.05 5.09
C SER F 76 -24.41 35.36 5.80
N PHE F 77 -23.26 35.95 5.48
CA PHE F 77 -22.59 37.02 6.20
C PHE F 77 -21.45 37.52 5.32
N TYR F 78 -21.22 38.83 5.30
CA TYR F 78 -20.09 39.37 4.56
C TYR F 78 -19.33 40.34 5.45
N LEU F 79 -18.05 40.49 5.14
CA LEU F 79 -17.14 41.36 5.86
C LEU F 79 -16.22 42.02 4.83
N PRO F 80 -15.67 43.21 5.15
CA PRO F 80 -14.83 43.99 4.23
C PRO F 80 -13.74 43.17 3.53
N ASP F 100 -8.68 40.06 13.89
CA ASP F 100 -9.67 40.87 13.18
C ASP F 100 -10.72 39.91 12.61
N PRO F 101 -11.90 40.42 12.14
CA PRO F 101 -13.05 39.52 12.03
C PRO F 101 -12.80 38.35 11.08
N GLY F 102 -12.61 38.64 9.80
CA GLY F 102 -12.40 37.58 8.83
C GLY F 102 -10.98 37.45 8.30
N LEU F 103 -9.99 37.27 9.18
CA LEU F 103 -8.61 37.15 8.74
C LEU F 103 -7.92 35.93 9.34
N VAL F 104 -7.11 35.25 8.53
CA VAL F 104 -6.29 34.12 8.98
C VAL F 104 -4.85 34.38 8.56
N VAL F 105 -3.92 34.24 9.51
CA VAL F 105 -2.50 34.47 9.26
C VAL F 105 -1.74 33.20 9.60
N ILE F 106 -1.00 32.67 8.63
CA ILE F 106 -0.18 31.48 8.86
C ILE F 106 1.28 31.87 8.71
N PRO F 107 2.01 32.07 9.80
CA PRO F 107 3.44 32.42 9.68
C PRO F 107 4.27 31.22 9.27
N PHE F 108 5.34 31.51 8.53
CA PHE F 108 6.27 30.47 8.13
C PHE F 108 7.70 30.98 8.29
N GLN F 109 8.60 30.02 8.52
CA GLN F 109 10.01 30.28 8.79
C GLN F 109 10.94 29.73 7.73
N PHE F 110 10.47 28.84 6.87
CA PHE F 110 11.28 28.32 5.78
C PHE F 110 11.20 29.26 4.59
N ALA F 111 12.02 28.99 3.58
CA ALA F 111 11.99 29.76 2.34
C ALA F 111 10.70 29.46 1.59
N TRP F 112 10.02 30.50 1.12
CA TRP F 112 8.74 30.32 0.45
C TRP F 112 8.95 29.64 -0.89
N PRO F 113 8.28 28.51 -1.15
CA PRO F 113 8.48 27.78 -2.41
C PRO F 113 7.68 28.29 -3.59
N ARG F 114 7.00 29.43 -3.46
CA ARG F 114 6.20 30.03 -4.53
C ARG F 114 4.96 29.20 -4.86
N SER F 115 5.14 27.91 -5.13
CA SER F 115 4.02 27.02 -5.39
C SER F 115 3.45 26.45 -4.09
N PHE F 116 2.15 26.18 -4.10
CA PHE F 116 1.45 25.77 -2.89
C PHE F 116 0.15 25.08 -3.26
N THR F 117 -0.52 24.55 -2.23
CA THR F 117 -1.90 24.05 -2.33
C THR F 117 -2.67 24.55 -1.12
N LEU F 118 -3.84 25.14 -1.37
CA LEU F 118 -4.67 25.71 -0.32
C LEU F 118 -5.98 24.94 -0.21
N ILE F 119 -6.43 24.71 1.02
CA ILE F 119 -7.71 24.07 1.28
C ILE F 119 -8.44 24.90 2.33
N VAL F 120 -9.61 25.41 1.97
CA VAL F 120 -10.47 26.16 2.88
C VAL F 120 -11.69 25.29 3.22
N GLU F 121 -12.08 25.30 4.48
CA GLU F 121 -13.19 24.49 4.97
C GLU F 121 -14.16 25.35 5.76
N ALA F 122 -15.44 25.00 5.65
CA ALA F 122 -16.53 25.67 6.37
C ALA F 122 -17.12 24.69 7.37
N TRP F 123 -17.18 25.11 8.64
CA TRP F 123 -17.70 24.27 9.71
C TRP F 123 -18.73 25.06 10.53
N ASP F 124 -19.58 24.33 11.24
CA ASP F 124 -20.72 24.88 11.96
C ASP F 124 -20.53 24.69 13.47
N TRP F 125 -20.41 25.78 14.20
CA TRP F 125 -20.05 25.67 15.60
C TRP F 125 -21.22 25.15 16.44
N ASP F 126 -20.87 24.59 17.60
CA ASP F 126 -21.88 24.16 18.57
C ASP F 126 -21.33 24.16 20.00
N ASN F 127 -20.31 24.97 20.30
CA ASN F 127 -19.71 25.06 21.63
C ASN F 127 -19.23 23.68 22.13
N ASP F 128 -18.65 22.90 21.21
CA ASP F 128 -18.11 21.59 21.54
C ASP F 128 -16.69 21.47 20.96
N THR F 129 -15.84 20.73 21.69
CA THR F 129 -14.42 20.61 21.38
C THR F 129 -14.08 19.15 21.04
N THR F 130 -14.92 18.51 20.24
CA THR F 130 -14.58 17.20 19.67
C THR F 130 -15.04 17.23 18.21
N PRO F 131 -14.18 16.88 17.27
CA PRO F 131 -14.54 16.97 15.86
C PRO F 131 -15.14 15.68 15.31
N ASN F 132 -15.81 15.83 14.17
CA ASN F 132 -16.22 14.72 13.31
C ASN F 132 -16.78 15.29 12.01
N GLU F 133 -17.04 14.39 11.05
CA GLU F 133 -17.12 14.80 9.65
C GLU F 133 -18.43 15.48 9.30
N GLU F 134 -19.57 14.87 9.66
CA GLU F 134 -20.88 15.39 9.25
C GLU F 134 -21.04 16.88 9.54
N LEU F 135 -20.25 17.40 10.48
CA LEU F 135 -20.26 18.82 10.82
C LEU F 135 -19.93 19.68 9.59
N LEU F 136 -19.06 19.20 8.70
CA LEU F 136 -18.54 20.02 7.61
C LEU F 136 -19.65 20.58 6.73
N ILE F 137 -19.53 21.86 6.40
CA ILE F 137 -20.47 22.54 5.51
C ILE F 137 -20.02 22.45 4.06
N GLU F 138 -18.79 22.85 3.77
CA GLU F 138 -18.26 22.83 2.42
C GLU F 138 -16.73 22.81 2.50
N ARG F 139 -16.11 22.16 1.51
CA ARG F 139 -14.66 22.04 1.42
C ARG F 139 -14.22 22.39 0.01
N VAL F 140 -13.32 23.37 -0.11
CA VAL F 140 -12.81 23.83 -1.39
C VAL F 140 -11.30 23.65 -1.42
N SER F 141 -10.74 23.70 -2.62
CA SER F 141 -9.29 23.53 -2.79
C SER F 141 -8.82 24.33 -3.99
N HIS F 142 -7.54 24.72 -3.96
CA HIS F 142 -6.92 25.48 -5.03
C HIS F 142 -5.41 25.31 -4.96
N ALA F 143 -4.78 25.03 -6.09
CA ALA F 143 -3.35 24.88 -6.19
C ALA F 143 -2.81 25.88 -7.22
N GLY F 144 -1.79 26.64 -6.84
CA GLY F 144 -1.24 27.63 -7.73
C GLY F 144 0.07 28.19 -7.22
N MET F 145 0.39 29.40 -7.67
CA MET F 145 1.63 30.07 -7.31
C MET F 145 1.33 31.50 -6.86
N ILE F 146 2.19 32.04 -6.01
CA ILE F 146 2.04 33.41 -5.54
C ILE F 146 3.40 33.90 -5.06
N ASN F 147 3.65 35.18 -5.31
CA ASN F 147 4.84 35.91 -4.87
C ASN F 147 4.47 36.95 -3.83
N PRO F 148 5.44 37.41 -3.03
CA PRO F 148 5.16 38.54 -2.14
C PRO F 148 4.74 39.81 -2.85
N GLU F 149 5.08 39.96 -4.13
CA GLU F 149 4.74 41.17 -4.88
C GLU F 149 3.37 41.12 -5.53
N ASP F 150 2.74 39.94 -5.60
CA ASP F 150 1.40 39.84 -6.18
C ASP F 150 0.35 40.55 -5.33
N ARG F 151 0.66 40.91 -4.10
CA ARG F 151 -0.28 41.55 -3.15
C ARG F 151 -1.46 40.59 -2.97
N TRP F 152 -2.69 41.09 -2.93
CA TRP F 152 -3.86 40.23 -2.76
C TRP F 152 -4.30 39.71 -4.12
N LYS F 153 -4.53 38.39 -4.20
CA LYS F 153 -5.11 37.76 -5.39
C LYS F 153 -6.46 37.20 -5.02
N SER F 154 -7.49 37.53 -5.82
CA SER F 154 -8.86 37.21 -5.50
C SER F 154 -9.24 35.82 -5.99
N LEU F 155 -10.03 35.11 -5.18
CA LEU F 155 -10.50 33.75 -5.48
C LEU F 155 -11.99 33.64 -5.23
N HIS F 156 -12.67 32.84 -6.05
CA HIS F 156 -14.10 32.56 -5.85
C HIS F 156 -14.39 31.07 -5.97
N PHE F 157 -15.08 30.53 -4.95
CA PHE F 157 -15.47 29.13 -4.93
C PHE F 157 -16.99 29.04 -4.88
N SER F 158 -17.56 28.35 -5.86
CA SER F 158 -19.00 28.13 -5.97
C SER F 158 -19.22 26.62 -5.97
N GLY F 159 -19.36 26.06 -4.78
CA GLY F 159 -19.46 24.63 -4.60
C GLY F 159 -20.88 24.11 -4.71
N HIS F 160 -21.14 22.99 -4.04
CA HIS F 160 -22.45 22.39 -4.04
C HIS F 160 -23.38 22.97 -2.99
N VAL F 161 -22.85 23.65 -1.98
CA VAL F 161 -23.64 24.06 -0.83
C VAL F 161 -23.35 25.51 -0.45
N ALA F 162 -22.09 25.92 -0.57
CA ALA F 162 -21.65 27.23 -0.13
C ALA F 162 -20.89 27.97 -1.22
N HIS F 163 -21.00 29.29 -1.19
CA HIS F 163 -20.26 30.18 -2.08
C HIS F 163 -19.30 31.01 -1.25
N LEU F 164 -18.00 30.96 -1.57
CA LEU F 164 -16.96 31.62 -0.79
C LEU F 164 -16.19 32.64 -1.65
N GLU F 165 -15.72 33.72 -1.01
CA GLU F 165 -14.71 34.63 -1.56
C GLU F 165 -13.61 34.91 -0.55
N LEU F 166 -12.36 34.77 -0.99
CA LEU F 166 -11.23 35.21 -0.18
C LEU F 166 -10.18 35.82 -1.09
N GLN F 167 -9.27 36.58 -0.49
CA GLN F 167 -8.05 37.01 -1.15
C GLN F 167 -6.87 36.44 -0.37
N ILE F 168 -5.83 36.03 -1.09
CA ILE F 168 -4.64 35.47 -0.45
C ILE F 168 -3.46 36.39 -0.72
N ARG F 169 -2.48 36.33 0.17
CA ARG F 169 -1.36 37.25 0.12
C ARG F 169 -0.19 36.66 0.90
N VAL F 170 1.02 37.00 0.47
CA VAL F 170 2.24 36.61 1.19
C VAL F 170 3.06 37.87 1.41
N ARG F 171 3.44 38.10 2.68
CA ARG F 171 4.27 39.23 3.07
C ARG F 171 5.49 38.71 3.81
N CYS F 172 6.58 39.46 3.75
CA CYS F 172 7.79 39.11 4.49
C CYS F 172 7.80 39.79 5.85
N ASP F 173 8.43 39.13 6.82
CA ASP F 173 8.73 39.77 8.09
C ASP F 173 9.64 40.97 7.87
N GLU F 174 9.75 41.81 8.89
CA GLU F 174 10.83 42.79 8.89
C GLU F 174 12.18 42.07 8.88
N ASN F 175 13.18 42.74 8.32
CA ASN F 175 14.54 42.23 8.12
C ASN F 175 14.62 41.15 7.05
N TYR F 176 13.55 40.93 6.28
CA TYR F 176 13.54 39.89 5.26
C TYR F 176 13.04 40.43 3.93
N TYR F 177 13.68 39.95 2.85
CA TYR F 177 13.47 40.48 1.51
C TYR F 177 13.49 39.32 0.53
N SER F 178 13.45 39.64 -0.77
CA SER F 178 13.46 38.69 -1.88
C SER F 178 12.15 37.90 -1.96
N ALA F 179 11.95 37.20 -3.08
CA ALA F 179 10.71 36.47 -3.31
C ALA F 179 10.54 35.27 -2.37
N THR F 180 11.57 34.88 -1.64
CA THR F 180 11.48 33.79 -0.69
C THR F 180 11.32 34.25 0.75
N CYS F 181 11.46 35.56 1.00
CA CYS F 181 11.46 36.12 2.35
C CYS F 181 12.56 35.50 3.21
N ASN F 182 13.62 35.00 2.58
CA ASN F 182 14.71 34.33 3.27
C ASN F 182 16.02 35.11 3.19
N LYS F 183 15.98 36.36 2.74
CA LYS F 183 17.16 37.21 2.64
C LYS F 183 17.13 38.17 3.83
N PHE F 184 18.08 38.00 4.75
CA PHE F 184 18.08 38.76 5.99
C PHE F 184 18.98 39.98 5.89
N CYS F 185 18.41 41.15 6.19
CA CYS F 185 19.19 42.38 6.30
C CYS F 185 18.64 43.20 7.45
N ARG F 186 19.54 43.67 8.31
CA ARG F 186 19.19 44.40 9.52
C ARG F 186 20.20 45.52 9.70
N PRO F 187 19.76 46.78 9.76
CA PRO F 187 20.72 47.89 9.80
C PRO F 187 21.56 47.89 11.07
N ARG F 188 22.80 48.37 10.95
CA ARG F 188 23.74 48.40 12.05
C ARG F 188 24.65 49.60 11.95
N ASN F 189 25.29 49.93 13.06
CA ASN F 189 26.29 51.00 13.14
C ASN F 189 27.22 50.74 14.31
N ASP F 190 28.09 49.75 14.18
CA ASP F 190 29.00 49.38 15.26
C ASP F 190 30.25 48.78 14.64
N PHE F 191 31.01 48.02 15.43
CA PHE F 191 32.28 47.48 14.99
C PHE F 191 32.14 46.36 13.97
N PHE F 192 30.93 46.01 13.58
CA PHE F 192 30.71 44.91 12.64
C PHE F 192 30.02 45.36 11.36
N GLY F 193 29.96 46.65 11.09
CA GLY F 193 29.36 47.17 9.88
C GLY F 193 28.65 48.49 10.12
N HIS F 194 28.68 49.35 9.10
CA HIS F 194 28.04 50.66 9.11
C HIS F 194 27.23 50.78 7.83
N TYR F 195 25.95 50.42 7.88
CA TYR F 195 25.16 50.38 6.66
C TYR F 195 23.67 50.50 6.99
N THR F 196 22.89 50.65 5.93
CA THR F 196 21.43 50.48 5.96
C THR F 196 21.05 49.46 4.90
N CYS F 197 19.78 49.08 4.89
CA CYS F 197 19.26 48.14 3.90
C CYS F 197 18.41 48.88 2.89
N ASP F 198 18.54 48.49 1.61
CA ASP F 198 17.73 49.08 0.55
C ASP F 198 16.45 48.26 0.36
N GLN F 199 15.69 48.59 -0.69
CA GLN F 199 14.43 47.90 -0.91
C GLN F 199 14.62 46.43 -1.23
N TYR F 200 15.77 46.06 -1.82
CA TYR F 200 16.05 44.67 -2.14
C TYR F 200 16.66 43.90 -0.99
N GLY F 201 17.12 44.58 0.06
CA GLY F 201 17.82 43.93 1.15
C GLY F 201 19.33 43.92 1.05
N ASN F 202 19.92 44.78 0.23
CA ASN F 202 21.36 44.88 0.09
C ASN F 202 21.90 45.98 1.02
N LYS F 203 23.09 45.75 1.56
CA LYS F 203 23.67 46.70 2.51
C LYS F 203 24.17 47.94 1.79
N ALA F 204 23.69 49.11 2.23
CA ALA F 204 24.12 50.39 1.69
C ALA F 204 25.06 51.04 2.71
N CYS F 205 26.34 51.12 2.36
CA CYS F 205 27.34 51.63 3.29
C CYS F 205 27.09 53.11 3.61
N MET F 206 27.25 53.45 4.88
CA MET F 206 27.19 54.84 5.30
C MET F 206 28.40 55.60 4.79
N ASP F 207 28.32 56.93 4.87
CA ASP F 207 29.39 57.78 4.33
C ASP F 207 30.70 57.54 5.06
N GLY F 208 31.75 57.26 4.30
CA GLY F 208 33.06 56.99 4.86
C GLY F 208 33.39 55.53 5.08
N TRP F 209 32.56 54.62 4.57
CA TRP F 209 32.73 53.19 4.78
C TRP F 209 32.52 52.44 3.46
N MET F 210 33.12 51.25 3.39
CA MET F 210 33.11 50.45 2.16
C MET F 210 33.46 49.02 2.54
N GLY F 211 33.44 48.15 1.55
CA GLY F 211 33.84 46.77 1.74
C GLY F 211 32.66 45.83 1.73
N LYS F 212 32.93 44.58 2.12
CA LYS F 212 31.92 43.54 2.06
C LYS F 212 30.73 43.85 2.97
N GLU F 213 31.00 44.04 4.26
CA GLU F 213 29.98 44.36 5.24
C GLU F 213 30.09 45.81 5.71
N CYS F 214 30.67 46.67 4.87
CA CYS F 214 30.93 48.07 5.21
C CYS F 214 31.78 48.16 6.49
N LYS F 215 32.85 47.38 6.52
CA LYS F 215 33.77 47.39 7.65
C LYS F 215 35.02 48.23 7.39
N GLU F 216 35.35 48.50 6.13
CA GLU F 216 36.55 49.26 5.80
C GLU F 216 36.27 50.76 5.82
N ALA F 217 37.11 51.50 6.53
CA ALA F 217 37.01 52.95 6.57
C ALA F 217 37.72 53.55 5.37
N VAL F 218 37.11 54.58 4.79
CA VAL F 218 37.71 55.30 3.67
C VAL F 218 38.68 56.33 4.21
N CYS F 219 39.92 56.31 3.72
CA CYS F 219 40.96 57.14 4.29
C CYS F 219 40.91 58.54 3.67
N LYS F 220 41.78 59.41 4.19
CA LYS F 220 41.83 60.81 3.74
C LYS F 220 42.11 60.88 2.24
N GLN F 221 41.48 61.85 1.58
CA GLN F 221 41.76 62.13 0.18
C GLN F 221 43.23 62.49 -0.02
N GLY F 222 43.98 61.62 -0.68
CA GLY F 222 45.40 61.84 -0.92
C GLY F 222 46.33 60.97 -0.10
N CYS F 223 45.79 60.13 0.79
CA CYS F 223 46.62 59.30 1.63
C CYS F 223 47.39 58.30 0.78
N ASN F 224 48.72 58.31 0.90
CA ASN F 224 49.59 57.36 0.21
C ASN F 224 49.40 55.98 0.85
N LEU F 225 48.57 55.14 0.23
CA LEU F 225 48.20 53.87 0.83
C LEU F 225 49.33 52.83 0.78
N LEU F 226 50.48 53.16 0.21
CA LEU F 226 51.65 52.29 0.37
C LEU F 226 52.20 52.35 1.79
N HIS F 227 52.10 53.51 2.44
CA HIS F 227 52.63 53.71 3.78
C HIS F 227 51.57 54.27 4.72
N GLY F 228 50.32 54.35 4.29
CA GLY F 228 49.26 54.89 5.12
C GLY F 228 48.04 53.98 5.15
N GLY F 229 47.24 54.18 6.19
CA GLY F 229 45.99 53.45 6.37
C GLY F 229 45.01 54.23 7.23
N CYS F 230 43.93 53.60 7.67
CA CYS F 230 42.97 54.30 8.51
C CYS F 230 42.04 53.31 9.20
N THR F 231 41.82 53.54 10.49
CA THR F 231 40.81 52.83 11.28
C THR F 231 39.48 53.57 11.32
N VAL F 232 39.53 54.90 11.34
CA VAL F 232 38.36 55.76 11.42
C VAL F 232 38.32 56.59 10.14
N PRO F 233 37.15 56.85 9.56
CA PRO F 233 37.11 57.55 8.27
C PRO F 233 37.79 58.91 8.30
N GLY F 234 38.58 59.19 7.27
CA GLY F 234 39.16 60.51 7.05
C GLY F 234 40.58 60.71 7.51
N GLU F 235 41.21 59.73 8.14
CA GLU F 235 42.56 59.89 8.65
C GLU F 235 43.57 59.23 7.70
N CYS F 236 44.85 59.41 8.03
CA CYS F 236 45.95 58.88 7.24
C CYS F 236 47.10 58.57 8.20
N ARG F 237 46.94 57.50 8.99
CA ARG F 237 47.99 57.11 9.90
C ARG F 237 49.15 56.48 9.12
N CYS F 238 50.37 56.75 9.56
CA CYS F 238 51.55 56.36 8.81
C CYS F 238 52.15 55.08 9.36
N SER F 239 52.87 54.38 8.50
CA SER F 239 53.58 53.18 8.88
C SER F 239 54.97 53.52 9.42
N TYR F 240 55.53 52.58 10.17
CA TYR F 240 56.83 52.72 10.80
C TYR F 240 57.90 53.14 9.80
N GLY F 241 58.41 54.37 9.94
CA GLY F 241 59.40 54.91 9.04
C GLY F 241 58.87 55.96 8.08
N TRP F 242 57.59 56.32 8.17
CA TRP F 242 56.99 57.28 7.26
C TRP F 242 56.22 58.33 8.06
N GLN F 243 56.08 59.51 7.46
CA GLN F 243 55.45 60.65 8.12
C GLN F 243 54.82 61.54 7.07
N GLY F 244 54.22 62.64 7.54
CA GLY F 244 53.63 63.62 6.66
C GLY F 244 52.11 63.55 6.65
N ARG F 245 51.50 64.57 6.05
CA ARG F 245 50.04 64.63 5.99
C ARG F 245 49.46 63.46 5.21
N PHE F 246 50.19 62.96 4.21
CA PHE F 246 49.72 61.85 3.38
C PHE F 246 50.59 60.61 3.53
N CYS F 247 51.54 60.60 4.46
CA CYS F 247 52.43 59.47 4.71
C CYS F 247 53.24 59.13 3.46
N ASP F 248 53.94 60.13 2.93
CA ASP F 248 54.77 59.95 1.75
C ASP F 248 56.16 60.57 1.93
N GLU F 249 56.60 60.78 3.17
CA GLU F 249 57.93 61.29 3.45
C GLU F 249 58.64 60.32 4.38
N CYS F 250 59.83 59.86 3.99
CA CYS F 250 60.64 59.02 4.86
C CYS F 250 60.97 59.76 6.15
N VAL F 251 61.25 58.99 7.20
CA VAL F 251 61.66 59.54 8.49
C VAL F 251 63.17 59.32 8.63
N PRO F 252 63.98 60.37 8.69
CA PRO F 252 65.43 60.20 8.77
C PRO F 252 65.84 59.59 10.11
N TYR F 253 67.12 59.25 10.19
CA TYR F 253 67.67 58.67 11.40
C TYR F 253 67.50 59.64 12.57
N PRO F 254 67.13 59.15 13.76
CA PRO F 254 66.93 60.06 14.90
C PRO F 254 68.20 60.81 15.24
N GLY F 255 68.13 62.14 15.13
CA GLY F 255 69.27 62.99 15.40
C GLY F 255 69.99 63.51 14.17
N CYS F 256 69.50 63.18 12.97
CA CYS F 256 70.11 63.68 11.74
C CYS F 256 69.90 65.18 11.63
N VAL F 257 70.97 65.91 11.30
CA VAL F 257 70.89 67.37 11.17
C VAL F 257 71.02 67.77 9.70
N HIS F 258 72.25 67.88 9.20
CA HIS F 258 72.50 68.27 7.81
C HIS F 258 72.45 67.05 6.89
N GLY F 259 71.31 66.38 6.90
CA GLY F 259 71.13 65.19 6.09
C GLY F 259 69.69 65.06 5.63
N SER F 260 69.44 64.02 4.84
CA SER F 260 68.11 63.71 4.34
C SER F 260 68.01 62.21 4.15
N CYS F 261 66.84 61.77 3.68
CA CYS F 261 66.60 60.35 3.43
C CYS F 261 65.84 60.19 2.13
N VAL F 262 65.83 58.95 1.62
CA VAL F 262 64.95 58.55 0.53
C VAL F 262 64.25 57.28 0.96
N GLU F 263 64.91 56.52 1.82
CA GLU F 263 64.38 55.34 2.49
C GLU F 263 64.41 55.58 4.00
N PRO F 264 63.54 54.93 4.76
CA PRO F 264 63.46 55.21 6.20
C PRO F 264 64.79 54.99 6.90
N TRP F 265 65.07 55.89 7.87
CA TRP F 265 66.18 55.81 8.82
C TRP F 265 67.54 56.11 8.20
N GLN F 266 67.58 56.66 6.99
CA GLN F 266 68.82 57.10 6.40
C GLN F 266 69.17 58.51 6.87
N CYS F 267 70.40 58.94 6.58
CA CYS F 267 70.88 60.26 6.97
C CYS F 267 71.97 60.66 5.97
N ASN F 268 71.56 60.86 4.73
CA ASN F 268 72.49 61.18 3.65
C ASN F 268 73.03 62.59 3.84
N CYS F 269 74.32 62.69 4.15
CA CYS F 269 74.90 63.98 4.51
C CYS F 269 74.98 64.91 3.32
N GLU F 270 74.69 66.19 3.56
CA GLU F 270 74.95 67.22 2.57
C GLU F 270 76.45 67.40 2.39
N THR F 271 76.84 67.89 1.22
CA THR F 271 78.25 68.16 0.97
C THR F 271 78.73 69.29 1.87
N ASN F 272 79.97 69.14 2.37
CA ASN F 272 80.66 69.94 3.39
C ASN F 272 80.35 69.44 4.80
N TRP F 273 79.52 68.41 4.95
CA TRP F 273 79.17 67.85 6.25
C TRP F 273 79.36 66.34 6.23
N GLY F 274 79.92 65.80 7.31
CA GLY F 274 80.16 64.37 7.41
C GLY F 274 79.76 63.81 8.75
N GLY F 275 80.07 62.54 8.99
CA GLY F 275 79.73 61.89 10.24
C GLY F 275 78.46 61.06 10.11
N LEU F 276 78.18 60.33 11.19
CA LEU F 276 77.00 59.45 11.21
C LEU F 276 75.72 60.26 11.16
N LEU F 277 75.66 61.37 11.91
CA LEU F 277 74.48 62.23 11.95
C LEU F 277 74.63 63.47 11.08
N CYS F 278 75.72 63.56 10.31
CA CYS F 278 76.02 64.75 9.50
C CYS F 278 76.17 65.99 10.38
N ASP F 279 76.77 65.82 11.56
CA ASP F 279 77.05 66.92 12.47
C ASP F 279 78.53 67.29 12.49
N LYS F 280 79.31 66.77 11.56
CA LYS F 280 80.74 67.04 11.47
C LYS F 280 81.01 68.01 10.33
N ASP F 281 81.81 69.03 10.60
CA ASP F 281 82.14 70.06 9.61
C ASP F 281 83.52 69.79 9.01
C1 NAG G . -23.51 -53.63 7.12
C2 NAG G . -22.10 -53.79 6.56
C3 NAG G . -21.12 -54.14 7.68
C4 NAG G . -21.22 -53.15 8.81
C5 NAG G . -22.67 -53.00 9.27
C6 NAG G . -22.86 -51.92 10.31
C7 NAG G . -21.99 -54.50 4.21
C8 NAG G . -21.97 -55.66 3.27
N2 NAG G . -22.07 -54.79 5.51
O3 NAG G . -19.79 -54.15 7.15
O4 NAG G . -20.43 -53.59 9.91
O5 NAG G . -23.51 -52.66 8.16
O6 NAG G . -21.72 -51.09 10.42
O7 NAG G . -21.94 -53.33 3.81
C1 NAG G . -19.19 -53.02 10.35
C2 NAG G . -18.48 -53.51 11.62
C3 NAG G . -17.51 -52.45 12.12
C4 NAG G . -16.56 -52.03 11.01
C5 NAG G . -17.36 -51.58 9.79
C6 NAG G . -16.49 -51.23 8.60
C7 NAG G . -20.07 -55.02 12.72
C8 NAG G . -21.04 -55.18 13.85
N2 NAG G . -19.45 -53.85 12.65
O3 NAG G . -16.75 -52.96 13.22
O4 NAG G . -15.73 -50.95 11.45
O5 NAG G . -18.22 -52.64 9.38
O6 NAG G . -16.78 -52.08 7.51
O7 NAG G . -19.87 -55.92 11.91
C1 BMA G . -14.30 -51.14 11.56
C2 BMA G . -13.44 -49.93 11.14
C3 BMA G . -12.00 -50.38 10.87
C4 BMA G . -11.46 -51.24 12.03
C5 BMA G . -12.41 -52.42 12.27
C6 BMA G . -11.97 -53.32 13.42
O2 BMA G . -13.40 -48.97 12.20
O3 BMA G . -11.13 -49.27 10.62
O4 BMA G . -10.17 -51.73 11.72
O5 BMA G . -13.71 -51.89 12.60
O6 BMA G . -12.81 -54.47 13.45
C1 FUC G . -21.78 -49.69 10.48
C2 FUC G . -20.90 -48.55 10.01
C3 FUC G . -21.68 -47.63 9.05
C4 FUC G . -22.99 -47.16 9.71
C5 FUC G . -23.78 -48.37 10.26
C6 FUC G . -24.99 -47.98 11.09
O2 FUC G . -19.70 -49.02 9.41
O3 FUC G . -20.91 -46.46 8.73
O4 FUC G . -22.69 -46.27 10.77
O5 FUC G . -22.96 -49.22 11.08
C1 NAG H . -56.83 -24.81 -4.13
C2 NAG H . -56.77 -23.43 -3.48
C3 NAG H . -57.09 -22.34 -4.51
C4 NAG H . -56.21 -22.50 -5.76
C5 NAG H . -56.31 -23.93 -6.29
C6 NAG H . -55.38 -24.19 -7.45
C7 NAG H . -57.34 -22.97 -1.14
C8 NAG H . -58.43 -22.95 -0.11
N2 NAG H . -57.71 -23.35 -2.37
O3 NAG H . -56.86 -21.06 -3.93
O4 NAG H . -56.66 -21.60 -6.77
O5 NAG H . -55.95 -24.85 -5.25
O6 NAG H . -54.18 -23.42 -7.34
O7 NAG H . -56.19 -22.66 -0.87
C1 NAG H . -55.98 -20.50 -7.39
C2 NAG H . -56.70 -19.71 -8.47
C3 NAG H . -55.76 -18.67 -9.09
C4 NAG H . -55.09 -17.83 -8.01
C5 NAG H . -54.45 -18.73 -6.96
C6 NAG H . -53.86 -17.98 -5.80
C7 NAG H . -58.29 -21.36 -9.34
C8 NAG H . -58.66 -22.24 -10.50
N2 NAG H . -57.20 -20.61 -9.50
O3 NAG H . -56.50 -17.82 -9.95
O4 NAG H . -54.10 -17.01 -8.60
O5 NAG H . -55.44 -19.61 -6.42
O6 NAG H . -54.82 -17.79 -4.77
O7 NAG H . -58.96 -21.33 -8.31
C1 BMA H . -53.97 -15.58 -8.48
C2 BMA H . -52.48 -15.14 -8.50
C3 BMA H . -52.38 -13.63 -8.26
C4 BMA H . -53.36 -12.85 -9.15
C5 BMA H . -54.80 -13.39 -8.97
C6 BMA H . -55.83 -12.71 -9.84
O2 BMA H . -51.90 -15.40 -9.78
O3 BMA H . -51.04 -13.15 -8.44
O4 BMA H . -53.33 -11.47 -8.83
O5 BMA H . -54.80 -14.78 -9.30
O6 BMA H . -56.32 -13.67 -10.77
C1 FUC H . -52.84 -23.14 -7.71
C2 FUC H . -51.53 -22.46 -7.33
C3 FUC H . -50.63 -23.43 -6.57
C4 FUC H . -50.40 -24.67 -7.44
C5 FUC H . -51.76 -25.32 -7.76
C6 FUC H . -51.66 -26.50 -8.72
O2 FUC H . -51.75 -21.27 -6.57
O3 FUC H . -49.38 -22.82 -6.28
O4 FUC H . -49.77 -24.28 -8.65
O5 FUC H . -52.66 -24.38 -8.37
C1 NAG I . 35.29 10.00 -31.83
C2 NAG I . 35.92 8.98 -32.80
C3 NAG I . 34.93 8.54 -33.87
C4 NAG I . 33.61 8.09 -33.24
C5 NAG I . 33.08 9.22 -32.36
C6 NAG I . 31.76 8.89 -31.70
C7 NAG I . 38.36 9.18 -33.09
C8 NAG I . 39.45 9.87 -33.85
N2 NAG I . 37.12 9.54 -33.42
O3 NAG I . 35.48 7.47 -34.63
O4 NAG I . 32.66 7.76 -34.24
O5 NAG I . 34.03 9.49 -31.33
O6 NAG I . 31.94 8.31 -30.41
O7 NAG I . 38.59 8.35 -32.22
C1 NAG I . 32.25 6.38 -34.31
C2 NAG I . 31.23 6.13 -35.42
C3 NAG I . 30.71 4.69 -35.35
C4 NAG I . 31.88 3.70 -35.36
C5 NAG I . 32.85 4.05 -34.23
C6 NAG I . 34.08 3.18 -34.24
C7 NAG I . 30.19 8.32 -35.84
C8 NAG I . 28.95 9.14 -35.66
N2 NAG I . 30.13 7.07 -35.34
O3 NAG I . 29.85 4.45 -36.46
O4 NAG I . 31.39 2.38 -35.20
O5 NAG I . 33.30 5.40 -34.38
O6 NAG I . 34.99 3.56 -33.21
O7 NAG I . 31.19 8.74 -36.40
C1 BMA I . 30.62 1.24 -35.78
C2 BMA I . 30.73 -0.31 -35.80
C3 BMA I . 29.98 -0.90 -36.99
C4 BMA I . 28.56 -0.32 -37.08
C5 BMA I . 28.63 1.21 -37.14
C6 BMA I . 27.25 1.86 -37.23
O2 BMA I . 30.16 -0.89 -34.63
O3 BMA I . 29.92 -2.32 -36.92
O4 BMA I . 27.89 -0.82 -38.23
O5 BMA I . 29.27 1.68 -35.95
O6 BMA I . 27.42 3.26 -37.41
C1 FUC I . 30.79 7.59 -29.87
C2 FUC I . 31.12 6.09 -29.75
C3 FUC I . 31.28 5.70 -28.29
C4 FUC I . 30.03 6.08 -27.49
C5 FUC I . 29.73 7.58 -27.67
C6 FUC I . 28.41 8.00 -27.05
O2 FUC I . 32.27 5.74 -30.51
O3 FUC I . 31.46 4.29 -28.18
O4 FUC I . 28.91 5.32 -27.94
O5 FUC I . 29.68 7.95 -29.08
C1 NAG J . 26.26 -25.76 -20.01
C2 NAG J . 27.05 -25.38 -21.26
C3 NAG J . 28.54 -25.23 -20.92
C4 NAG J . 28.74 -24.28 -19.75
C5 NAG J . 27.88 -24.73 -18.57
C6 NAG J . 27.95 -23.78 -17.39
C7 NAG J . 26.99 -26.07 -23.61
C8 NAG J . 26.75 -27.22 -24.56
N2 NAG J . 26.86 -26.36 -22.32
O3 NAG J . 29.25 -24.75 -22.06
O4 NAG J . 30.11 -24.23 -19.37
O5 NAG J . 26.50 -24.81 -18.97
O6 NAG J . 27.24 -22.58 -17.66
O7 NAG J . 27.30 -24.96 -24.01
C1 NAG J . 31.47 -23.82 -18.99
C2 NAG J . 32.17 -24.94 -18.22
C3 NAG J . 33.40 -24.40 -17.49
C4 NAG J . 34.32 -23.66 -18.46
C5 NAG J . 33.53 -22.58 -19.19
C6 NAG J . 34.35 -21.85 -20.24
C7 NAG J . 31.44 -26.81 -16.80
C8 NAG J . 30.39 -27.30 -15.85
N2 NAG J . 31.26 -25.57 -17.28
O3 NAG J . 34.11 -25.47 -16.89
O4 NAG J . 35.40 -23.05 -17.75
O5 NAG J . 32.41 -23.17 -19.88
O6 NAG J . 33.76 -21.94 -21.53
O7 NAG J . 32.40 -27.49 -17.13
C1 FUC J . 27.53 -21.16 -17.57
C2 FUC J . 27.78 -19.90 -18.42
C3 FUC J . 26.70 -18.83 -18.17
C4 FUC J . 26.53 -18.59 -16.68
C5 FUC J . 26.20 -19.92 -16.00
C6 FUC J . 26.01 -19.80 -14.49
O2 FUC J . 27.86 -20.21 -19.81
O3 FUC J . 27.09 -17.59 -18.76
O4 FUC J . 27.73 -18.05 -16.16
O5 FUC J . 27.25 -20.87 -16.22
C1 NAG K . 12.48 40.02 28.85
C2 NAG K . 11.57 40.74 29.83
C3 NAG K . 10.96 39.73 30.80
C4 NAG K . 10.26 38.61 30.05
C5 NAG K . 11.22 37.98 29.03
C6 NAG K . 10.53 36.97 28.14
C7 NAG K . 11.81 43.03 30.68
C8 NAG K . 12.68 43.97 31.45
N2 NAG K . 12.28 41.78 30.55
O3 NAG K . 10.03 40.40 31.66
O4 NAG K . 9.83 37.61 30.96
O5 NAG K . 11.75 39.00 28.17
O6 NAG K . 10.51 35.68 28.73
O7 NAG K . 10.73 43.37 30.20
C1 NAG K . 9.20 36.63 31.78
C2 NAG K . 9.45 35.57 32.84
C3 NAG K . 8.31 34.55 32.87
C4 NAG K . 6.97 35.26 33.03
C5 NAG K . 6.82 36.33 31.95
C6 NAG K . 5.56 37.16 32.12
C7 NAG K . 11.78 35.03 33.39
C8 NAG K . 13.02 34.27 32.99
N2 NAG K . 10.72 34.89 32.60
O3 NAG K . 8.50 33.65 33.95
O4 NAG K . 5.91 34.32 32.90
O5 NAG K . 7.93 37.25 32.02
O6 NAG K . 5.86 38.55 32.16
O7 NAG K . 11.77 35.75 34.39
C1 FUC K . 9.76 34.72 27.88
C2 FUC K . 8.37 34.18 27.48
C3 FUC K . 8.19 34.19 25.96
C4 FUC K . 9.36 33.48 25.27
C5 FUC K . 10.68 34.08 25.73
C6 FUC K . 11.87 33.30 25.20
O2 FUC K . 7.31 34.90 28.13
O3 FUC K . 7.00 33.48 25.60
O4 FUC K . 9.35 32.10 25.58
O5 FUC K . 10.80 34.08 27.17
C1 NAG L . -20.64 29.39 22.21
C2 NAG L . -20.42 30.26 23.46
C3 NAG L . -20.49 31.74 23.09
C4 NAG L . -19.52 32.06 21.96
C5 NAG L . -19.80 31.14 20.77
C6 NAG L . -18.81 31.32 19.64
C7 NAG L . -21.08 29.58 25.73
C8 NAG L . -22.23 29.29 26.65
N2 NAG L . -21.41 29.94 24.48
O3 NAG L . -20.17 32.53 24.24
O4 NAG L . -19.67 33.41 21.55
O5 NAG L . -19.69 29.77 21.20
O6 NAG L . -17.50 31.58 20.13
O7 NAG L . -19.91 29.48 26.09
C1 NAG L . -18.54 34.31 21.61
C2 NAG L . -18.71 35.75 21.10
C3 NAG L . -17.37 36.48 21.16
C4 NAG L . -16.77 36.40 22.56
C5 NAG L . -16.70 34.95 23.01
C6 NAG L . -16.23 34.80 24.45
C7 NAG L . -20.55 35.62 19.48
C8 NAG L . -20.92 35.67 18.02
N2 NAG L . -19.24 35.76 19.75
O3 NAG L . -17.57 37.85 20.80
O4 NAG L . -15.48 36.98 22.56
O5 NAG L . -18.00 34.33 22.94
O6 NAG L . -17.30 34.55 25.34
O7 NAG L . -21.39 35.48 20.35
C1 FUC L . -16.48 31.32 19.12
C2 FUC L . -15.23 31.94 19.74
C3 FUC L . -14.34 30.84 20.34
C4 FUC L . -14.02 29.77 19.30
C5 FUC L . -15.32 29.26 18.63
C6 FUC L . -15.05 28.39 17.42
O2 FUC L . -15.53 32.95 20.69
O3 FUC L . -13.10 31.39 20.79
O4 FUC L . -13.15 30.30 18.31
O5 FUC L . -16.17 30.34 18.17
CA CA M . -28.93 -58.88 12.33
CA CA N . -30.81 -55.87 10.75
CA CA O . -34.22 -55.68 9.68
CL CL P . -36.27 -58.40 31.53
CA CA Q . -62.64 -30.43 -8.56
CA CA R . -59.45 -32.39 -7.29
CA CA S . -59.53 -35.94 -5.65
CL CL T . -63.07 -38.38 -27.67
CA CA U . 32.25 18.04 -32.86
CA CA V . 32.84 17.63 -29.34
CA CA W . 33.77 20.02 -26.71
CA CA X . 24.71 -31.56 -12.08
CA CA Y . 22.14 -28.37 -12.59
CA CA Z . 18.26 -28.99 -12.17
CA CA AA . 21.19 36.35 30.28
CA CA BA . 20.50 36.08 26.18
CA CA CA . 23.34 37.32 23.86
CA CA DA . -26.73 26.95 15.28
CA CA EA . -24.47 24.56 14.90
#